data_2VR4
#
_entry.id   2VR4
#
_cell.length_a   91.195
_cell.length_b   114.738
_cell.length_c   99.173
_cell.angle_alpha   90.00
_cell.angle_beta   113.03
_cell.angle_gamma   90.00
#
_symmetry.space_group_name_H-M   'P 1 21 1'
#
loop_
_entity.id
_entity.type
_entity.pdbx_description
1 polymer BETA-MANNOSIDASE
2 non-polymer (2Z,3R,4S,5R,6R)-2-[(4-aminobutyl)imino]-6-(hydroxymethyl)piperidine-3,4,5-triol
3 non-polymer 1,2-ETHANEDIOL
4 non-polymer 'BROMIDE ION'
5 non-polymer 'CHLORIDE ION'
6 water water
#
_entity_poly.entity_id   1
_entity_poly.type   'polypeptide(L)'
_entity_poly.pdbx_seq_one_letter_code
;QGNDTSEVMLLDTGWEFSQSGTEKWMPATVPGTVHQDLISHELLPNPFYGMNEKKIQWVENEDWEYRTSFIVSEEQLNRD
GIQLIFEGLDTYADVYLNGSLLLKADNMFVGYTLPVKSVLRKGENHLYIYFHSPIRQTLPQYASNGFNYPADNDHHEKHL
SVFSRKAPYSYGWDWGIRMVTSGVWRPVTLRFYDIATISDYYVRQLSLTDENARLSNELIVNQIVPQKIPAEVRVNVSLN
GTTVTEVKQQVTLQPGINHITLPAEVTNPVRWMPNGWGTPTLYDFSAQIACGDRIVAEQSHRIGLRTIRVVNEKDKDGES
FYFEVNGIPMFAKGANYIPQDALLPNVTTERYQTLFRDMKEANMNMVRIWGGGTYENNLFYDLADENGILVWQDFMFACT
PYPSDPTFLKRVEAEAVYNIRRLRNHASLAMWCGNNEILEALKYWGFEKKFTPEVYQGLMHGYDKLFRELLPSTVKEFDS
DRFYVHSSPYLANWGRPESWGTGDSHNWGVWYGKKPFESLDTDLPRFMSEFGFQSFPEMKTIAAFAAPEDYQIESEVMNA
HQKSSIGNSLIRTYMERDYIIPESFEDFVYVGLVLQGQGMRHGLEAHRRNRPYCMGTLYWQLNDSWPVVSWSSIDYYGNW
KALHYQAKRAFAPVLINPIQQNDSLSVYLISDRLDTMEQMTLEMKVVDFDGKTLGKKIQVHSLEVPANTSKCVYRAKLDG
WLTPEDCRRSFLKLILKDKSGHQVAESVHFFRKTKDLQLPPTSVSYQMKQTDGKCELTLFSSMLAKDIFIETPLQGARYS
DNFFDLLPGERKKVIITSPRIKKGEELPVNIKHIRETYKEHHHHHH
;
_entity_poly.pdbx_strand_id   A,B
#
loop_
_chem_comp.id
_chem_comp.type
_chem_comp.name
_chem_comp.formula
17B non-polymer (2Z,3R,4S,5R,6R)-2-[(4-aminobutyl)imino]-6-(hydroxymethyl)piperidine-3,4,5-triol 'C10 H21 N3 O4'
BR non-polymer 'BROMIDE ION' 'Br -1'
CL non-polymer 'CHLORIDE ION' 'Cl -1'
EDO non-polymer 1,2-ETHANEDIOL 'C2 H6 O2'
#
# COMPACT_ATOMS: atom_id res chain seq x y z
N ASN A 3 -17.21 6.80 15.02
CA ASN A 3 -18.17 7.40 14.03
C ASN A 3 -19.46 7.89 14.70
N ASP A 4 -19.30 8.76 15.70
CA ASP A 4 -20.40 9.12 16.57
C ASP A 4 -20.13 10.52 17.17
N THR A 5 -20.94 10.99 18.11
CA THR A 5 -20.71 12.34 18.68
C THR A 5 -19.62 12.44 19.75
N SER A 6 -19.00 11.33 20.09
CA SER A 6 -17.92 11.36 21.07
C SER A 6 -16.69 12.08 20.54
N GLU A 7 -15.90 12.60 21.46
CA GLU A 7 -14.60 13.17 21.18
C GLU A 7 -13.51 12.40 21.92
N VAL A 8 -12.50 11.97 21.17
CA VAL A 8 -11.39 11.22 21.76
C VAL A 8 -10.11 12.06 21.79
N MET A 9 -9.53 12.21 22.98
CA MET A 9 -8.23 12.85 23.17
CA MET A 9 -8.22 12.84 23.15
C MET A 9 -7.15 11.78 23.36
N LEU A 10 -6.12 11.81 22.51
CA LEU A 10 -5.02 10.86 22.65
C LEU A 10 -4.02 11.44 23.64
N LEU A 11 -3.72 10.74 24.72
CA LEU A 11 -2.70 11.19 25.68
C LEU A 11 -1.31 10.64 25.30
N ASP A 12 -0.75 11.19 24.22
CA ASP A 12 0.50 10.68 23.65
C ASP A 12 1.64 11.70 23.50
N THR A 13 1.50 12.85 24.17
CA THR A 13 2.50 13.92 24.10
C THR A 13 2.57 14.60 25.46
N GLY A 14 3.73 15.16 25.76
CA GLY A 14 3.96 15.90 27.00
C GLY A 14 4.33 15.03 28.18
N TRP A 15 4.57 13.74 27.94
CA TRP A 15 4.96 12.84 29.01
C TRP A 15 6.39 13.07 29.41
N GLU A 16 6.63 12.96 30.72
CA GLU A 16 7.95 12.92 31.26
C GLU A 16 8.08 11.69 32.12
N PHE A 17 9.33 11.28 32.34
CA PHE A 17 9.60 10.21 33.27
C PHE A 17 10.76 10.51 34.23
N SER A 18 10.85 9.69 35.28
CA SER A 18 11.86 9.84 36.35
C SER A 18 12.17 8.50 37.01
N GLN A 19 13.45 8.18 37.21
CA GLN A 19 13.82 7.08 38.10
C GLN A 19 13.40 7.44 39.53
N SER A 20 12.63 6.55 40.18
CA SER A 20 12.04 6.91 41.50
C SER A 20 13.09 7.27 42.50
N GLY A 21 12.86 8.38 43.17
CA GLY A 21 13.77 8.83 44.22
C GLY A 21 14.74 9.91 43.76
N THR A 22 14.79 10.20 42.46
CA THR A 22 15.80 11.15 41.95
C THR A 22 15.29 12.59 41.81
N GLU A 23 13.97 12.73 41.75
CA GLU A 23 13.31 14.01 41.52
C GLU A 23 13.76 14.66 40.22
N LYS A 24 14.43 13.86 39.38
CA LYS A 24 14.98 14.28 38.09
C LYS A 24 14.07 13.75 36.97
N TRP A 25 13.49 14.65 36.19
CA TRP A 25 12.54 14.30 35.13
C TRP A 25 13.05 14.65 33.73
N MET A 26 12.65 13.83 32.76
CA MET A 26 13.03 14.05 31.35
C MET A 26 11.89 13.68 30.42
N PRO A 27 11.87 14.27 29.20
CA PRO A 27 10.85 13.90 28.20
C PRO A 27 10.76 12.37 27.94
N ALA A 28 9.55 11.87 27.77
CA ALA A 28 9.32 10.47 27.43
C ALA A 28 8.41 10.35 26.24
N THR A 29 8.41 9.15 25.67
CA THR A 29 7.61 8.79 24.53
C THR A 29 6.62 7.73 24.97
N VAL A 30 5.35 8.02 24.79
CA VAL A 30 4.27 7.13 25.24
C VAL A 30 3.28 6.98 24.09
N PRO A 31 2.90 5.73 23.72
CA PRO A 31 3.34 4.46 24.27
C PRO A 31 4.83 4.28 24.13
N GLY A 32 5.42 3.57 25.07
CA GLY A 32 6.85 3.42 25.11
C GLY A 32 7.25 2.51 26.21
N THR A 33 8.55 2.48 26.51
CA THR A 33 9.13 1.63 27.55
C THR A 33 10.16 2.48 28.29
N VAL A 34 10.43 2.09 29.52
CA VAL A 34 11.45 2.77 30.37
C VAL A 34 12.80 2.74 29.65
N HIS A 35 13.20 1.54 29.19
CA HIS A 35 14.45 1.32 28.45
C HIS A 35 14.61 2.22 27.22
N GLN A 36 13.60 2.30 26.35
CA GLN A 36 13.70 3.21 25.22
C GLN A 36 13.85 4.68 25.67
N ASP A 37 13.19 5.04 26.77
CA ASP A 37 13.20 6.44 27.21
C ASP A 37 14.61 6.81 27.66
N LEU A 38 15.26 5.85 28.30
CA LEU A 38 16.65 6.01 28.74
C LEU A 38 17.56 6.11 27.52
N ILE A 39 17.40 5.15 26.59
CA ILE A 39 18.23 5.11 25.35
C ILE A 39 18.16 6.44 24.60
N SER A 40 16.95 6.99 24.48
CA SER A 40 16.71 8.23 23.78
C SER A 40 17.43 9.42 24.42
N HIS A 41 17.85 9.27 25.67
CA HIS A 41 18.58 10.34 26.40
C HIS A 41 20.01 9.91 26.68
N GLU A 42 20.47 8.94 25.90
CA GLU A 42 21.80 8.33 26.04
C GLU A 42 22.10 7.96 27.48
N LEU A 43 21.04 7.71 28.23
CA LEU A 43 21.16 7.24 29.60
C LEU A 43 21.32 5.73 29.65
N LEU A 44 21.35 5.08 28.49
CA LEU A 44 21.70 3.65 28.35
C LEU A 44 22.35 3.38 26.98
N PRO A 45 23.20 2.39 26.92
CA PRO A 45 23.88 1.96 25.72
C PRO A 45 22.96 1.10 24.88
N ASN A 46 23.30 0.97 23.59
CA ASN A 46 22.50 0.17 22.68
C ASN A 46 22.44 -1.23 23.25
N PRO A 47 21.26 -1.63 23.78
CA PRO A 47 21.26 -2.89 24.52
C PRO A 47 21.52 -4.10 23.62
N PHE A 48 21.36 -3.91 22.31
CA PHE A 48 21.56 -5.01 21.35
C PHE A 48 23.01 -5.10 20.92
N TYR A 49 23.72 -3.97 21.06
CA TYR A 49 25.15 -3.94 20.66
C TYR A 49 26.08 -4.66 21.62
N GLY A 50 26.90 -5.53 21.04
CA GLY A 50 28.02 -6.13 21.72
C GLY A 50 27.68 -6.92 22.97
N MET A 51 28.01 -6.33 24.11
CA MET A 51 27.77 -7.02 25.38
C MET A 51 27.06 -6.16 26.38
N ASN A 52 26.29 -5.23 25.82
CA ASN A 52 25.53 -4.31 26.59
C ASN A 52 24.42 -4.92 27.42
N GLU A 53 24.22 -6.25 27.32
CA GLU A 53 23.08 -6.88 28.01
C GLU A 53 23.23 -6.75 29.51
N LYS A 54 24.42 -7.07 30.01
CA LYS A 54 24.72 -6.99 31.45
C LYS A 54 24.67 -5.56 31.97
N LYS A 55 25.03 -4.61 31.11
CA LYS A 55 25.09 -3.19 31.46
C LYS A 55 23.73 -2.49 31.56
N ILE A 56 22.66 -3.20 31.26
CA ILE A 56 21.33 -2.57 31.20
C ILE A 56 20.37 -3.18 32.24
N GLN A 57 20.80 -4.28 32.85
CA GLN A 57 20.00 -5.01 33.82
C GLN A 57 19.55 -4.19 35.04
N TRP A 58 20.37 -3.21 35.44
CA TRP A 58 20.06 -2.38 36.61
C TRP A 58 18.64 -1.78 36.59
N VAL A 59 18.13 -1.45 35.38
CA VAL A 59 16.83 -0.80 35.18
C VAL A 59 15.74 -1.56 35.94
N GLU A 60 15.79 -2.88 35.89
CA GLU A 60 14.75 -3.80 36.40
C GLU A 60 14.59 -3.74 37.92
N ASN A 61 15.58 -3.16 38.59
CA ASN A 61 15.57 -2.98 40.03
C ASN A 61 15.05 -1.61 40.48
N GLU A 62 14.92 -0.66 39.58
CA GLU A 62 14.39 0.61 39.96
C GLU A 62 12.87 0.71 39.78
N ASP A 63 12.25 1.63 40.50
CA ASP A 63 10.90 1.99 40.18
C ASP A 63 10.94 3.19 39.28
N TRP A 64 9.89 3.36 38.50
CA TRP A 64 9.84 4.40 37.46
C TRP A 64 8.52 5.14 37.49
N GLU A 65 8.59 6.46 37.37
CA GLU A 65 7.40 7.28 37.42
C GLU A 65 7.23 8.04 36.11
N TYR A 66 5.99 8.10 35.65
CA TYR A 66 5.58 8.84 34.48
C TYR A 66 4.54 9.89 34.82
N ARG A 67 4.62 11.04 34.17
CA ARG A 67 3.63 12.06 34.38
C ARG A 67 3.33 12.80 33.10
N THR A 68 2.09 13.28 33.01
CA THR A 68 1.66 14.19 31.99
C THR A 68 0.55 15.10 32.53
N SER A 69 0.37 16.25 31.87
CA SER A 69 -0.70 17.17 32.20
C SER A 69 -1.49 17.42 30.96
N PHE A 70 -2.75 17.74 31.13
CA PHE A 70 -3.60 18.00 29.99
C PHE A 70 -4.73 18.95 30.36
N ILE A 71 -5.29 19.60 29.35
CA ILE A 71 -6.31 20.60 29.58
C ILE A 71 -7.67 20.02 29.32
N VAL A 72 -8.61 20.29 30.22
CA VAL A 72 -10.00 20.00 29.94
C VAL A 72 -10.79 21.30 29.97
N SER A 73 -11.61 21.47 28.94
CA SER A 73 -12.41 22.67 28.83
C SER A 73 -13.72 22.53 29.59
N GLU A 74 -14.34 23.65 29.91
CA GLU A 74 -15.64 23.68 30.58
C GLU A 74 -16.70 22.91 29.78
N GLU A 75 -16.62 22.99 28.45
CA GLU A 75 -17.58 22.32 27.58
C GLU A 75 -17.39 20.78 27.58
N GLN A 76 -16.13 20.33 27.65
CA GLN A 76 -15.83 18.90 27.76
C GLN A 76 -16.23 18.35 29.12
N LEU A 77 -15.92 19.08 30.18
CA LEU A 77 -16.30 18.71 31.54
C LEU A 77 -17.82 18.57 31.66
N ASN A 78 -18.54 19.20 30.75
CA ASN A 78 -19.96 19.17 30.75
C ASN A 78 -20.56 18.01 29.93
N ARG A 79 -19.72 17.18 29.31
CA ARG A 79 -20.24 15.99 28.58
C ARG A 79 -20.80 15.02 29.65
N ASP A 80 -21.71 14.11 29.25
CA ASP A 80 -22.34 13.14 30.20
C ASP A 80 -21.34 12.23 30.86
N GLY A 81 -20.35 11.80 30.07
CA GLY A 81 -19.39 10.85 30.55
C GLY A 81 -18.04 11.17 30.01
N ILE A 82 -17.03 10.81 30.80
CA ILE A 82 -15.62 10.92 30.39
C ILE A 82 -14.83 9.71 30.91
N GLN A 83 -14.16 9.03 29.99
CA GLN A 83 -13.63 7.70 30.22
C GLN A 83 -12.15 7.79 29.90
N LEU A 84 -11.30 7.33 30.82
CA LEU A 84 -9.87 7.17 30.54
C LEU A 84 -9.54 5.69 30.31
N ILE A 85 -8.91 5.39 29.17
CA ILE A 85 -8.67 4.02 28.78
C ILE A 85 -7.16 3.77 28.65
N PHE A 86 -6.67 2.77 29.37
CA PHE A 86 -5.30 2.29 29.26
C PHE A 86 -5.37 0.97 28.48
N GLU A 87 -4.92 0.96 27.23
CA GLU A 87 -4.83 -0.30 26.50
C GLU A 87 -3.75 -1.26 27.00
N GLY A 88 -2.77 -0.76 27.76
CA GLY A 88 -1.70 -1.59 28.28
C GLY A 88 -0.80 -0.87 29.27
N LEU A 89 -0.64 -1.49 30.44
CA LEU A 89 0.28 -1.04 31.48
C LEU A 89 1.15 -2.20 31.92
N ASP A 90 2.46 -2.04 31.73
CA ASP A 90 3.44 -3.03 32.07
C ASP A 90 4.23 -2.61 33.36
N THR A 91 3.94 -3.15 34.55
CA THR A 91 2.83 -4.08 34.87
C THR A 91 2.14 -3.69 36.19
N TYR A 92 2.95 -3.49 37.22
CA TYR A 92 2.42 -3.06 38.55
C TYR A 92 2.41 -1.54 38.57
N ALA A 93 1.28 -0.96 38.16
CA ALA A 93 1.18 0.47 37.97
C ALA A 93 0.11 1.05 38.87
N ASP A 94 0.50 2.04 39.71
CA ASP A 94 -0.47 2.86 40.47
C ASP A 94 -0.77 4.10 39.70
N VAL A 95 -1.99 4.22 39.25
CA VAL A 95 -2.39 5.36 38.46
C VAL A 95 -3.09 6.41 39.34
N TYR A 96 -2.53 7.60 39.34
CA TYR A 96 -3.14 8.73 40.06
C TYR A 96 -3.55 9.83 39.12
N LEU A 97 -4.77 10.33 39.29
CA LEU A 97 -5.23 11.50 38.58
C LEU A 97 -5.76 12.55 39.55
N ASN A 98 -5.17 13.75 39.57
CA ASN A 98 -5.73 14.90 40.36
C ASN A 98 -5.98 14.48 41.83
N GLY A 99 -4.99 13.82 42.42
CA GLY A 99 -5.04 13.35 43.81
C GLY A 99 -5.87 12.08 44.08
N SER A 100 -6.48 11.50 43.03
CA SER A 100 -7.24 10.24 43.16
C SER A 100 -6.45 9.03 42.69
N LEU A 101 -6.35 7.99 43.52
CA LEU A 101 -5.78 6.71 43.05
C LEU A 101 -6.88 6.04 42.24
N LEU A 102 -6.71 6.00 40.92
CA LEU A 102 -7.76 5.46 40.07
C LEU A 102 -7.69 3.92 39.90
N LEU A 103 -6.49 3.39 40.02
CA LEU A 103 -6.23 2.03 39.60
C LEU A 103 -4.87 1.53 40.13
N LYS A 104 -4.87 0.30 40.61
CA LYS A 104 -3.66 -0.42 40.90
C LYS A 104 -3.59 -1.58 39.91
N ALA A 105 -2.90 -1.33 38.80
CA ALA A 105 -2.91 -2.26 37.66
C ALA A 105 -1.98 -3.42 38.04
N ASP A 106 -2.19 -4.62 37.48
CA ASP A 106 -1.30 -5.74 37.83
C ASP A 106 -1.30 -6.79 36.74
N ASN A 107 -1.64 -6.41 35.51
CA ASN A 107 -1.68 -7.42 34.44
C ASN A 107 -1.39 -6.74 33.12
N MET A 108 -0.21 -7.00 32.59
CA MET A 108 0.20 -6.42 31.32
C MET A 108 -0.77 -6.66 30.15
N PHE A 109 -1.51 -7.77 30.20
CA PHE A 109 -2.37 -8.21 29.12
C PHE A 109 -3.82 -7.71 29.18
N VAL A 110 -4.12 -6.79 30.10
CA VAL A 110 -5.50 -6.34 30.30
C VAL A 110 -5.61 -4.86 29.96
N GLY A 111 -6.67 -4.48 29.25
CA GLY A 111 -6.92 -3.04 29.06
C GLY A 111 -7.86 -2.59 30.16
N TYR A 112 -7.68 -1.35 30.63
CA TYR A 112 -8.49 -0.83 31.75
C TYR A 112 -9.32 0.37 31.27
N THR A 113 -10.61 0.35 31.56
CA THR A 113 -11.50 1.46 31.19
C THR A 113 -11.99 2.10 32.50
N LEU A 114 -11.72 3.41 32.67
CA LEU A 114 -11.88 4.09 33.96
C LEU A 114 -12.81 5.32 33.83
N PRO A 115 -13.93 5.35 34.61
CA PRO A 115 -14.76 6.59 34.56
C PRO A 115 -14.11 7.72 35.35
N VAL A 116 -13.94 8.90 34.74
CA VAL A 116 -13.11 9.92 35.41
C VAL A 116 -13.75 11.33 35.48
N LYS A 117 -14.94 11.47 34.92
CA LYS A 117 -15.56 12.80 34.85
C LYS A 117 -15.58 13.46 36.25
N SER A 118 -15.88 12.68 37.30
CA SER A 118 -16.02 13.25 38.64
C SER A 118 -14.71 13.66 39.26
N VAL A 119 -13.60 13.27 38.64
CA VAL A 119 -12.26 13.53 39.13
C VAL A 119 -11.51 14.63 38.31
N LEU A 120 -12.03 14.93 37.13
CA LEU A 120 -11.39 15.90 36.24
C LEU A 120 -11.71 17.33 36.69
N ARG A 121 -10.87 18.28 36.29
CA ARG A 121 -11.03 19.69 36.68
C ARG A 121 -10.93 20.56 35.42
N LYS A 122 -11.59 21.72 35.46
CA LYS A 122 -11.56 22.64 34.33
C LYS A 122 -10.14 23.14 34.28
N GLY A 123 -9.59 23.28 33.09
CA GLY A 123 -8.21 23.73 33.02
C GLY A 123 -7.27 22.55 33.11
N GLU A 124 -6.22 22.72 33.89
CA GLU A 124 -5.14 21.77 33.95
C GLU A 124 -5.45 20.53 34.82
N ASN A 125 -5.03 19.36 34.34
CA ASN A 125 -5.27 18.07 35.03
C ASN A 125 -3.96 17.33 35.03
N HIS A 126 -3.67 16.60 36.11
CA HIS A 126 -2.36 15.99 36.29
C HIS A 126 -2.50 14.48 36.46
N LEU A 127 -1.95 13.74 35.48
CA LEU A 127 -1.92 12.28 35.53
C LEU A 127 -0.53 11.83 35.91
N TYR A 128 -0.48 10.90 36.85
N TYR A 128 -0.42 11.04 36.97
CA TYR A 128 0.75 10.44 37.45
CA TYR A 128 0.86 10.49 37.38
C TYR A 128 0.85 8.91 37.69
C TYR A 128 0.74 8.96 37.44
N ILE A 129 1.79 8.26 37.01
CA ILE A 129 1.82 6.78 37.08
C ILE A 129 3.08 6.25 37.69
N TYR A 130 2.90 5.40 38.69
CA TYR A 130 4.00 4.83 39.41
C TYR A 130 4.17 3.34 39.10
N PHE A 131 5.31 2.99 38.45
CA PHE A 131 5.57 1.59 38.07
C PHE A 131 6.51 0.96 39.07
N HIS A 132 5.97 0.05 39.90
CA HIS A 132 6.82 -0.76 40.78
C HIS A 132 7.65 -1.71 39.93
N SER A 133 8.91 -1.86 40.32
CA SER A 133 9.77 -2.85 39.73
C SER A 133 9.12 -4.23 39.86
N PRO A 134 8.93 -4.94 38.72
CA PRO A 134 8.30 -6.24 38.79
C PRO A 134 9.17 -7.25 39.51
N ILE A 135 10.48 -6.96 39.62
CA ILE A 135 11.36 -7.85 40.42
C ILE A 135 11.14 -7.58 41.93
N ARG A 136 11.33 -6.33 42.33
CA ARG A 136 11.18 -5.96 43.75
CA ARG A 136 11.15 -5.86 43.73
C ARG A 136 9.74 -6.20 44.24
N GLN A 137 8.76 -6.02 43.34
CA GLN A 137 7.34 -6.29 43.67
C GLN A 137 7.13 -7.76 44.06
N THR A 138 7.92 -8.67 43.46
CA THR A 138 7.65 -10.10 43.59
C THR A 138 8.69 -10.85 44.42
N LEU A 139 9.75 -10.15 44.82
CA LEU A 139 10.71 -10.76 45.76
C LEU A 139 10.02 -11.31 47.05
N PRO A 140 9.12 -10.51 47.67
CA PRO A 140 8.50 -11.05 48.91
C PRO A 140 7.62 -12.23 48.61
N GLN A 141 6.98 -12.21 47.44
CA GLN A 141 6.12 -13.31 47.01
C GLN A 141 6.90 -14.60 46.84
N TYR A 142 8.07 -14.47 46.21
CA TYR A 142 8.97 -15.60 46.03
C TYR A 142 9.51 -16.11 47.38
N ALA A 143 9.86 -15.18 48.25
CA ALA A 143 10.39 -15.54 49.56
C ALA A 143 9.39 -16.37 50.33
N SER A 144 8.10 -16.05 50.20
CA SER A 144 7.03 -16.80 50.89
C SER A 144 6.75 -18.15 50.25
N ASN A 145 7.25 -18.36 49.02
CA ASN A 145 6.84 -19.53 48.28
C ASN A 145 7.53 -20.84 48.72
N GLY A 146 8.75 -20.71 49.20
CA GLY A 146 9.57 -21.82 49.70
C GLY A 146 10.07 -22.82 48.65
N PHE A 147 9.91 -22.47 47.37
CA PHE A 147 10.48 -23.21 46.20
C PHE A 147 10.57 -22.29 44.97
N ASN A 148 11.44 -22.66 44.03
CA ASN A 148 11.74 -21.87 42.86
C ASN A 148 11.02 -22.66 41.73
N TYR A 149 10.14 -21.98 41.01
CA TYR A 149 9.46 -22.64 39.89
C TYR A 149 10.56 -22.90 38.85
N PRO A 150 10.49 -24.03 38.16
CA PRO A 150 11.52 -24.44 37.17
C PRO A 150 11.36 -23.72 35.79
N ALA A 151 11.40 -22.40 35.79
CA ALA A 151 11.33 -21.62 34.57
C ALA A 151 12.76 -21.31 34.10
N ASP A 152 13.37 -22.30 33.42
CA ASP A 152 14.73 -22.20 32.87
C ASP A 152 14.96 -21.03 31.95
N ASN A 153 13.92 -20.58 31.24
CA ASN A 153 14.09 -19.44 30.34
C ASN A 153 14.09 -18.07 31.04
N ASP A 154 13.83 -18.06 32.35
CA ASP A 154 13.85 -16.84 33.15
C ASP A 154 15.30 -16.72 33.66
N HIS A 155 16.06 -15.78 33.11
CA HIS A 155 17.54 -15.69 33.28
C HIS A 155 17.93 -14.87 34.50
N HIS A 156 17.64 -15.47 35.64
CA HIS A 156 17.91 -14.91 36.94
C HIS A 156 17.93 -16.10 37.85
N GLU A 157 18.62 -15.96 38.98
CA GLU A 157 18.64 -17.04 39.98
CA GLU A 157 18.67 -16.97 40.01
C GLU A 157 17.24 -17.30 40.52
N LYS A 158 16.46 -16.23 40.68
CA LYS A 158 15.10 -16.33 41.20
C LYS A 158 14.15 -16.23 40.03
N HIS A 159 13.31 -17.24 39.90
CA HIS A 159 12.42 -17.30 38.74
C HIS A 159 11.08 -16.60 39.04
N LEU A 160 11.13 -15.28 38.96
CA LEU A 160 10.05 -14.36 39.40
C LEU A 160 9.00 -14.21 38.33
N SER A 161 9.34 -14.63 37.10
CA SER A 161 8.39 -14.46 36.00
C SER A 161 7.03 -15.08 36.27
N VAL A 162 7.00 -16.23 36.92
CA VAL A 162 5.78 -17.03 37.05
C VAL A 162 4.73 -16.31 37.89
N PHE A 163 5.20 -15.37 38.72
CA PHE A 163 4.27 -14.61 39.61
C PHE A 163 3.56 -13.46 38.93
N SER A 164 4.08 -13.04 37.76
CA SER A 164 3.60 -11.82 37.13
C SER A 164 2.97 -12.13 35.78
N ARG A 165 1.78 -11.56 35.56
CA ARG A 165 1.12 -11.53 34.24
C ARG A 165 1.78 -10.46 33.37
N LYS A 166 2.92 -10.88 32.82
CA LYS A 166 3.81 -10.01 32.07
C LYS A 166 4.48 -10.95 31.06
N ALA A 167 4.77 -10.42 29.88
CA ALA A 167 5.33 -11.21 28.77
C ALA A 167 6.50 -12.07 29.27
N PRO A 168 6.36 -13.41 29.19
CA PRO A 168 7.33 -14.36 29.70
C PRO A 168 8.70 -14.10 29.08
N TYR A 169 8.77 -13.86 27.77
CA TYR A 169 10.05 -13.62 27.06
C TYR A 169 10.84 -12.40 27.61
N SER A 170 10.15 -11.48 28.29
CA SER A 170 10.83 -10.24 28.74
C SER A 170 11.92 -10.53 29.79
N TYR A 171 11.80 -11.66 30.48
CA TYR A 171 12.77 -12.11 31.49
C TYR A 171 13.94 -12.90 30.87
N GLY A 172 13.92 -13.04 29.56
CA GLY A 172 14.87 -13.85 28.84
C GLY A 172 14.19 -15.00 28.11
N TRP A 173 14.88 -15.54 27.09
CA TRP A 173 14.44 -16.80 26.51
C TRP A 173 15.63 -17.42 25.73
N ASP A 174 15.46 -18.58 25.11
CA ASP A 174 16.62 -19.20 24.41
C ASP A 174 17.01 -18.56 23.03
N TRP A 175 16.31 -17.50 22.61
CA TRP A 175 16.71 -16.63 21.45
C TRP A 175 16.62 -15.18 21.82
N GLY A 176 16.51 -14.90 23.13
CA GLY A 176 16.17 -13.57 23.55
C GLY A 176 17.01 -12.97 24.67
N ILE A 177 17.15 -11.67 24.60
CA ILE A 177 17.77 -10.78 25.60
C ILE A 177 16.82 -10.54 26.78
N ARG A 178 17.38 -10.54 27.99
CA ARG A 178 16.60 -10.11 29.16
C ARG A 178 16.47 -8.60 29.26
N MET A 179 15.22 -8.13 29.12
CA MET A 179 14.91 -6.71 29.28
C MET A 179 13.53 -6.63 29.93
N VAL A 180 13.56 -6.78 31.26
CA VAL A 180 12.36 -6.75 32.09
C VAL A 180 11.98 -5.28 32.22
N THR A 181 11.22 -4.82 31.24
CA THR A 181 10.88 -3.41 31.08
C THR A 181 9.56 -3.04 31.76
N SER A 182 9.25 -1.76 31.74
CA SER A 182 8.00 -1.23 32.33
C SER A 182 7.55 -0.11 31.46
N GLY A 183 6.28 0.27 31.58
CA GLY A 183 5.78 1.41 30.93
C GLY A 183 4.37 1.32 30.42
N VAL A 184 3.92 2.44 29.86
CA VAL A 184 2.63 2.57 29.18
C VAL A 184 2.86 2.03 27.77
N TRP A 185 2.56 0.75 27.60
CA TRP A 185 3.01 -0.03 26.42
C TRP A 185 2.05 -0.05 25.24
N ARG A 186 0.80 0.40 25.50
CA ARG A 186 -0.19 0.62 24.47
C ARG A 186 -0.91 1.96 24.76
N PRO A 187 -1.70 2.45 23.82
CA PRO A 187 -2.21 3.82 23.91
C PRO A 187 -3.09 4.15 25.14
N VAL A 188 -3.08 5.43 25.45
CA VAL A 188 -3.93 6.05 26.48
C VAL A 188 -4.86 7.03 25.79
N THR A 189 -6.16 6.85 25.97
N THR A 189 -6.17 6.82 25.92
CA THR A 189 -7.19 7.67 25.34
CA THR A 189 -7.14 7.74 25.36
C THR A 189 -8.17 8.20 26.38
C THR A 189 -8.08 8.26 26.43
N LEU A 190 -8.65 9.43 26.16
CA LEU A 190 -9.67 10.00 27.01
C LEU A 190 -10.84 10.22 26.08
N ARG A 191 -11.98 9.60 26.39
CA ARG A 191 -13.16 9.81 25.55
C ARG A 191 -14.25 10.60 26.29
N PHE A 192 -14.76 11.66 25.63
CA PHE A 192 -15.82 12.55 26.17
C PHE A 192 -17.05 12.25 25.33
N TYR A 193 -18.13 11.81 25.98
CA TYR A 193 -19.24 11.30 25.21
C TYR A 193 -20.54 11.61 25.91
N ASP A 194 -21.63 11.41 25.20
CA ASP A 194 -22.96 11.56 25.78
C ASP A 194 -23.67 10.22 25.90
N ILE A 195 -24.50 10.10 26.94
CA ILE A 195 -25.47 9.00 27.14
C ILE A 195 -24.78 7.66 27.46
N ALA A 196 -24.02 7.11 26.51
CA ALA A 196 -23.51 5.73 26.66
C ALA A 196 -22.28 5.49 25.80
N THR A 197 -21.55 4.44 26.16
CA THR A 197 -20.58 3.83 25.22
C THR A 197 -20.94 2.37 24.91
N ILE A 198 -20.45 1.89 23.77
CA ILE A 198 -20.50 0.47 23.45
C ILE A 198 -19.26 -0.20 24.10
N SER A 199 -19.48 -0.98 25.16
CA SER A 199 -18.41 -1.67 25.90
C SER A 199 -17.85 -2.87 25.10
N ASP A 200 -18.73 -3.47 24.32
CA ASP A 200 -18.43 -4.67 23.53
C ASP A 200 -19.45 -4.82 22.43
N TYR A 201 -18.93 -5.18 21.27
CA TYR A 201 -19.73 -5.56 20.09
C TYR A 201 -19.16 -6.89 19.59
N TYR A 202 -19.99 -7.91 19.67
CA TYR A 202 -19.67 -9.24 19.21
C TYR A 202 -20.61 -9.66 18.07
N VAL A 203 -20.02 -9.99 16.92
CA VAL A 203 -20.78 -10.50 15.79
C VAL A 203 -20.68 -12.03 15.81
N ARG A 204 -21.77 -12.67 16.24
CA ARG A 204 -21.70 -14.08 16.57
C ARG A 204 -22.36 -14.82 15.41
N GLN A 205 -21.59 -15.65 14.71
CA GLN A 205 -22.14 -16.40 13.56
C GLN A 205 -22.95 -17.60 14.06
N LEU A 206 -24.24 -17.64 13.73
CA LEU A 206 -25.13 -18.73 14.15
C LEU A 206 -25.09 -19.89 13.17
N SER A 207 -25.07 -19.57 11.88
CA SER A 207 -24.99 -20.56 10.81
C SER A 207 -24.44 -19.93 9.55
N LEU A 208 -23.89 -20.79 8.70
CA LEU A 208 -23.34 -20.42 7.42
C LEU A 208 -23.53 -21.53 6.40
N THR A 209 -24.21 -21.19 5.32
CA THR A 209 -24.29 -22.05 4.13
C THR A 209 -24.02 -21.18 2.93
N ASP A 210 -23.88 -21.81 1.75
CA ASP A 210 -23.72 -21.03 0.52
C ASP A 210 -24.88 -20.05 0.31
N GLU A 211 -26.06 -20.39 0.85
CA GLU A 211 -27.28 -19.60 0.65
C GLU A 211 -27.50 -18.47 1.64
N ASN A 212 -27.02 -18.65 2.87
CA ASN A 212 -27.34 -17.71 3.92
C ASN A 212 -26.33 -17.75 5.07
N ALA A 213 -25.94 -16.58 5.55
CA ALA A 213 -25.26 -16.48 6.83
C ALA A 213 -26.22 -15.88 7.83
N ARG A 214 -26.39 -16.55 8.96
CA ARG A 214 -27.15 -15.93 10.05
C ARG A 214 -26.26 -15.47 11.18
N LEU A 215 -26.36 -14.19 11.54
CA LEU A 215 -25.55 -13.60 12.59
C LEU A 215 -26.42 -13.08 13.73
N SER A 216 -25.81 -13.04 14.90
CA SER A 216 -26.37 -12.36 16.04
C SER A 216 -25.46 -11.25 16.55
N ASN A 217 -25.90 -10.00 16.41
CA ASN A 217 -25.15 -8.83 16.85
C ASN A 217 -25.39 -8.60 18.30
N GLU A 218 -24.38 -8.89 19.10
CA GLU A 218 -24.53 -8.79 20.57
C GLU A 218 -23.77 -7.58 21.05
N LEU A 219 -24.51 -6.63 21.60
CA LEU A 219 -23.93 -5.41 22.13
C LEU A 219 -24.02 -5.36 23.63
N ILE A 220 -22.97 -4.85 24.25
CA ILE A 220 -23.01 -4.44 25.66
C ILE A 220 -22.82 -2.92 25.71
N VAL A 221 -23.83 -2.19 26.22
CA VAL A 221 -23.87 -0.72 26.25
C VAL A 221 -23.83 -0.20 27.70
N ASN A 222 -22.90 0.68 28.02
CA ASN A 222 -22.78 1.16 29.38
C ASN A 222 -23.36 2.58 29.38
N GLN A 223 -24.54 2.74 29.96
N GLN A 223 -24.56 2.71 29.95
CA GLN A 223 -25.25 4.03 29.97
CA GLN A 223 -25.20 4.04 30.08
C GLN A 223 -24.93 4.80 31.28
C GLN A 223 -24.75 4.75 31.34
N ILE A 224 -24.34 6.00 31.15
CA ILE A 224 -23.71 6.77 32.20
C ILE A 224 -24.61 7.82 32.87
N VAL A 225 -25.80 8.03 32.33
CA VAL A 225 -26.69 9.09 32.90
C VAL A 225 -27.76 8.42 33.78
N PRO A 226 -28.41 9.20 34.67
CA PRO A 226 -29.38 8.54 35.57
C PRO A 226 -30.82 8.33 35.04
N GLN A 227 -31.15 8.94 33.91
CA GLN A 227 -32.46 8.81 33.32
C GLN A 227 -32.53 7.60 32.44
N LYS A 228 -33.74 7.10 32.18
CA LYS A 228 -34.05 6.15 31.13
C LYS A 228 -34.02 6.87 29.78
N ILE A 229 -33.39 6.28 28.77
CA ILE A 229 -33.10 6.97 27.51
C ILE A 229 -33.57 6.11 26.33
N PRO A 230 -34.64 6.55 25.65
CA PRO A 230 -35.07 5.84 24.47
C PRO A 230 -33.95 5.93 23.43
N ALA A 231 -33.73 4.83 22.72
CA ALA A 231 -32.67 4.80 21.74
C ALA A 231 -33.09 3.86 20.64
N GLU A 232 -32.46 3.97 19.47
CA GLU A 232 -32.66 2.97 18.47
C GLU A 232 -31.26 2.39 18.17
N VAL A 233 -31.13 1.07 18.30
CA VAL A 233 -29.89 0.35 17.88
C VAL A 233 -29.94 -0.07 16.42
N ARG A 234 -28.90 0.32 15.69
CA ARG A 234 -28.88 0.04 14.26
C ARG A 234 -27.58 -0.71 13.99
N VAL A 235 -27.70 -1.74 13.15
CA VAL A 235 -26.56 -2.45 12.57
C VAL A 235 -26.61 -2.39 11.06
N ASN A 236 -25.51 -1.92 10.47
CA ASN A 236 -25.38 -1.84 9.02
C ASN A 236 -24.29 -2.82 8.60
N VAL A 237 -24.63 -3.69 7.65
CA VAL A 237 -23.67 -4.58 7.06
C VAL A 237 -23.39 -4.08 5.66
N SER A 238 -22.10 -3.81 5.38
CA SER A 238 -21.71 -3.36 4.07
CA SER A 238 -21.68 -3.34 4.08
C SER A 238 -20.50 -4.13 3.52
N LEU A 239 -20.37 -4.09 2.21
CA LEU A 239 -19.24 -4.64 1.52
C LEU A 239 -18.74 -3.60 0.54
N ASN A 240 -17.46 -3.26 0.67
N ASN A 240 -17.45 -3.26 0.64
CA ASN A 240 -16.80 -2.32 -0.23
CA ASN A 240 -16.81 -2.27 -0.26
C ASN A 240 -17.63 -1.03 -0.34
C ASN A 240 -17.56 -0.94 -0.33
N GLY A 241 -18.17 -0.56 0.79
CA GLY A 241 -18.93 0.71 0.85
C GLY A 241 -20.39 0.68 0.47
N THR A 242 -20.90 -0.50 0.11
CA THR A 242 -22.26 -0.63 -0.31
C THR A 242 -23.00 -1.46 0.73
N THR A 243 -24.14 -0.97 1.18
CA THR A 243 -24.97 -1.70 2.15
C THR A 243 -25.49 -3.01 1.63
N VAL A 244 -25.40 -4.05 2.44
CA VAL A 244 -25.88 -5.41 2.10
C VAL A 244 -27.14 -5.68 2.91
N THR A 245 -27.11 -5.35 4.20
CA THR A 245 -28.34 -5.40 4.98
C THR A 245 -28.30 -4.44 6.15
N GLU A 246 -29.47 -4.06 6.67
CA GLU A 246 -29.53 -3.13 7.74
C GLU A 246 -30.67 -3.58 8.67
N VAL A 247 -30.45 -3.55 9.98
CA VAL A 247 -31.48 -3.99 10.95
C VAL A 247 -31.50 -2.99 12.08
N LYS A 248 -32.63 -2.86 12.79
CA LYS A 248 -32.69 -1.90 13.89
C LYS A 248 -33.61 -2.39 15.01
N GLN A 249 -33.47 -1.78 16.16
CA GLN A 249 -34.22 -2.22 17.33
C GLN A 249 -34.48 -1.07 18.27
N GLN A 250 -35.74 -0.88 18.69
CA GLN A 250 -36.04 0.15 19.67
C GLN A 250 -35.82 -0.37 21.08
N VAL A 251 -35.22 0.47 21.91
CA VAL A 251 -34.90 0.10 23.30
C VAL A 251 -35.05 1.33 24.12
N THR A 252 -35.17 1.15 25.43
CA THR A 252 -34.94 2.24 26.35
C THR A 252 -33.80 1.83 27.23
N LEU A 253 -32.71 2.57 27.11
CA LEU A 253 -31.50 2.26 27.84
C LEU A 253 -31.64 2.60 29.30
N GLN A 254 -31.31 1.64 30.15
CA GLN A 254 -31.32 1.86 31.59
C GLN A 254 -29.94 2.30 32.06
N PRO A 255 -29.86 3.05 33.18
CA PRO A 255 -28.57 3.32 33.81
C PRO A 255 -27.78 2.03 34.03
N GLY A 256 -26.48 2.10 33.75
CA GLY A 256 -25.59 0.94 33.86
C GLY A 256 -25.53 0.10 32.59
N ILE A 257 -25.20 -1.19 32.75
CA ILE A 257 -25.06 -2.11 31.59
C ILE A 257 -26.39 -2.51 30.98
N ASN A 258 -26.45 -2.49 29.65
CA ASN A 258 -27.53 -2.96 28.85
C ASN A 258 -27.02 -4.01 27.86
N HIS A 259 -27.76 -5.11 27.74
CA HIS A 259 -27.45 -6.16 26.76
C HIS A 259 -28.44 -6.11 25.63
N ILE A 260 -27.94 -5.95 24.40
CA ILE A 260 -28.79 -5.79 23.25
C ILE A 260 -28.40 -6.85 22.23
N THR A 261 -29.37 -7.52 21.63
CA THR A 261 -29.13 -8.58 20.65
C THR A 261 -29.95 -8.34 19.35
N LEU A 262 -29.27 -8.09 18.23
CA LEU A 262 -29.97 -7.92 16.93
C LEU A 262 -29.57 -8.95 15.92
N PRO A 263 -30.52 -9.80 15.49
CA PRO A 263 -30.22 -10.71 14.40
C PRO A 263 -30.05 -9.98 13.07
N ALA A 264 -29.19 -10.52 12.21
CA ALA A 264 -29.04 -10.03 10.85
C ALA A 264 -28.69 -11.21 9.97
N GLU A 265 -29.05 -11.14 8.70
CA GLU A 265 -28.72 -12.22 7.78
C GLU A 265 -28.08 -11.66 6.53
N VAL A 266 -27.18 -12.43 5.95
CA VAL A 266 -26.55 -12.08 4.66
C VAL A 266 -26.86 -13.20 3.70
N THR A 267 -27.71 -12.95 2.70
CA THR A 267 -28.01 -14.02 1.72
C THR A 267 -26.86 -14.15 0.73
N ASN A 268 -26.66 -15.35 0.20
CA ASN A 268 -25.59 -15.67 -0.74
C ASN A 268 -24.26 -15.03 -0.33
N PRO A 269 -23.79 -15.36 0.89
CA PRO A 269 -22.63 -14.69 1.54
C PRO A 269 -21.34 -14.96 0.78
N VAL A 270 -20.47 -13.94 0.69
CA VAL A 270 -19.18 -14.11 -0.06
C VAL A 270 -18.20 -14.54 1.05
N ARG A 271 -17.81 -15.80 1.00
CA ARG A 271 -16.94 -16.36 2.09
C ARG A 271 -15.50 -15.84 2.19
N TRP A 272 -15.01 -15.72 3.45
CA TRP A 272 -13.59 -15.50 3.71
C TRP A 272 -12.83 -16.78 3.43
N MET A 273 -11.83 -16.70 2.55
CA MET A 273 -11.01 -17.88 2.32
CA MET A 273 -10.99 -17.85 2.19
C MET A 273 -9.55 -17.64 2.72
N PRO A 274 -8.86 -18.72 3.13
CA PRO A 274 -7.45 -18.55 3.57
C PRO A 274 -6.50 -18.41 2.40
N ASN A 275 -5.29 -17.89 2.67
CA ASN A 275 -4.29 -17.64 1.63
C ASN A 275 -4.06 -18.88 0.78
N GLY A 276 -4.19 -18.75 -0.55
CA GLY A 276 -4.03 -19.89 -1.43
C GLY A 276 -5.35 -20.46 -1.96
N TRP A 277 -6.46 -20.27 -1.25
CA TRP A 277 -7.77 -20.78 -1.70
C TRP A 277 -8.75 -19.72 -2.14
N GLY A 278 -8.34 -18.46 -2.17
CA GLY A 278 -9.21 -17.44 -2.72
C GLY A 278 -9.05 -16.13 -1.99
N THR A 279 -10.13 -15.38 -1.95
N THR A 279 -10.09 -15.30 -2.04
CA THR A 279 -10.11 -14.02 -1.43
CA THR A 279 -10.05 -13.97 -1.43
C THR A 279 -10.52 -13.93 0.05
C THR A 279 -10.40 -14.04 0.06
N PRO A 280 -9.74 -13.19 0.87
CA PRO A 280 -10.02 -13.06 2.32
C PRO A 280 -11.07 -11.96 2.53
N THR A 281 -12.26 -12.19 1.94
CA THR A 281 -13.33 -11.18 1.90
C THR A 281 -13.76 -10.77 3.31
N LEU A 282 -13.81 -9.45 3.54
CA LEU A 282 -14.22 -8.92 4.82
C LEU A 282 -15.41 -7.94 4.65
N TYR A 283 -16.47 -8.22 5.38
CA TYR A 283 -17.63 -7.32 5.47
C TYR A 283 -17.36 -6.27 6.54
N ASP A 284 -18.02 -5.13 6.43
CA ASP A 284 -17.98 -4.14 7.49
C ASP A 284 -19.30 -4.13 8.26
N PHE A 285 -19.20 -4.45 9.56
CA PHE A 285 -20.40 -4.46 10.44
C PHE A 285 -20.28 -3.24 11.35
N SER A 286 -21.26 -2.36 11.32
CA SER A 286 -21.25 -1.13 12.11
C SER A 286 -22.49 -1.10 12.97
N ALA A 287 -22.29 -0.93 14.25
CA ALA A 287 -23.37 -0.83 15.26
C ALA A 287 -23.40 0.59 15.77
N GLN A 288 -24.58 1.21 15.74
CA GLN A 288 -24.73 2.59 16.23
C GLN A 288 -25.84 2.59 17.30
N ILE A 289 -25.68 3.45 18.29
CA ILE A 289 -26.75 3.81 19.21
C ILE A 289 -27.21 5.24 18.86
N ALA A 290 -28.44 5.38 18.39
CA ALA A 290 -29.01 6.70 18.04
C ALA A 290 -30.05 7.10 19.05
N CYS A 291 -29.81 8.26 19.67
CA CYS A 291 -30.69 8.92 20.63
C CYS A 291 -31.19 10.21 19.99
N GLY A 292 -32.45 10.19 19.59
CA GLY A 292 -33.05 11.30 18.86
C GLY A 292 -32.33 11.46 17.54
N ASP A 293 -31.78 12.65 17.33
CA ASP A 293 -31.08 12.89 16.07
C ASP A 293 -29.64 12.33 16.05
N ARG A 294 -29.01 12.16 17.22
CA ARG A 294 -27.57 11.97 17.36
CA ARG A 294 -27.58 11.94 17.24
C ARG A 294 -27.13 10.50 17.45
N ILE A 295 -25.99 10.17 16.85
CA ILE A 295 -25.37 8.86 17.06
C ILE A 295 -24.42 9.05 18.21
N VAL A 296 -24.84 8.63 19.40
CA VAL A 296 -24.05 8.83 20.58
C VAL A 296 -22.88 7.85 20.72
N ALA A 297 -22.99 6.69 20.09
CA ALA A 297 -21.95 5.64 20.20
C ALA A 297 -21.94 4.82 18.92
N GLU A 298 -20.76 4.49 18.39
CA GLU A 298 -20.66 3.60 17.24
C GLU A 298 -19.43 2.70 17.40
N GLN A 299 -19.52 1.47 16.93
CA GLN A 299 -18.39 0.56 16.89
C GLN A 299 -18.54 -0.36 15.67
N SER A 300 -17.42 -0.58 14.95
CA SER A 300 -17.45 -1.46 13.78
CA SER A 300 -17.41 -1.41 13.74
C SER A 300 -16.39 -2.55 13.88
N HIS A 301 -16.65 -3.64 13.21
CA HIS A 301 -15.63 -4.70 12.99
C HIS A 301 -15.68 -5.07 11.52
N ARG A 302 -14.53 -5.47 11.01
CA ARG A 302 -14.49 -6.21 9.78
C ARG A 302 -14.72 -7.68 10.16
N ILE A 303 -15.61 -8.32 9.42
CA ILE A 303 -16.06 -9.68 9.68
C ILE A 303 -15.86 -10.55 8.46
N GLY A 304 -15.23 -11.71 8.65
CA GLY A 304 -15.13 -12.70 7.61
C GLY A 304 -16.12 -13.85 7.82
N LEU A 305 -16.83 -14.23 6.77
CA LEU A 305 -17.86 -15.24 6.86
C LEU A 305 -17.25 -16.55 6.45
N ARG A 306 -16.99 -17.40 7.43
CA ARG A 306 -16.40 -18.69 7.13
C ARG A 306 -16.68 -19.62 8.28
N THR A 307 -16.48 -20.90 8.01
CA THR A 307 -16.42 -21.89 9.11
C THR A 307 -15.00 -22.38 9.32
N ILE A 308 -14.61 -22.50 10.58
CA ILE A 308 -13.34 -23.15 10.95
C ILE A 308 -13.70 -24.21 11.98
N ARG A 309 -13.43 -25.45 11.64
CA ARG A 309 -13.56 -26.55 12.58
C ARG A 309 -12.23 -27.26 12.77
N VAL A 310 -11.82 -27.41 14.02
CA VAL A 310 -10.64 -28.22 14.32
C VAL A 310 -11.13 -29.64 14.58
N VAL A 311 -10.61 -30.58 13.82
CA VAL A 311 -11.04 -31.97 13.92
C VAL A 311 -9.96 -32.72 14.69
N ASN A 312 -10.35 -33.14 15.89
CA ASN A 312 -9.43 -33.79 16.83
C ASN A 312 -10.16 -35.02 17.39
N GLU A 313 -10.06 -36.11 16.63
CA GLU A 313 -10.90 -37.29 16.82
C GLU A 313 -10.09 -38.57 16.75
N LYS A 314 -10.48 -39.55 17.55
CA LYS A 314 -9.86 -40.88 17.48
C LYS A 314 -10.05 -41.48 16.09
N ASP A 315 -9.03 -42.15 15.60
CA ASP A 315 -9.08 -42.76 14.29
C ASP A 315 -8.10 -43.92 14.24
N LYS A 316 -8.03 -44.60 13.10
CA LYS A 316 -7.18 -45.79 13.00
C LYS A 316 -5.70 -45.50 13.24
N ASP A 317 -5.29 -44.24 13.05
CA ASP A 317 -3.90 -43.86 13.22
C ASP A 317 -3.54 -43.32 14.62
N GLY A 318 -4.55 -43.05 15.44
CA GLY A 318 -4.37 -42.54 16.79
C GLY A 318 -5.45 -41.50 17.02
N GLU A 319 -5.07 -40.21 16.94
CA GLU A 319 -6.02 -39.08 17.08
C GLU A 319 -5.62 -37.98 16.11
N SER A 320 -6.53 -37.68 15.18
CA SER A 320 -6.29 -36.63 14.17
C SER A 320 -6.13 -35.24 14.79
N PHE A 321 -5.52 -34.33 14.03
CA PHE A 321 -5.47 -32.94 14.46
C PHE A 321 -5.39 -32.12 13.18
N TYR A 322 -6.53 -31.61 12.69
CA TYR A 322 -6.45 -30.79 11.48
C TYR A 322 -7.57 -29.74 11.43
N PHE A 323 -7.42 -28.82 10.50
CA PHE A 323 -8.36 -27.71 10.33
C PHE A 323 -9.20 -27.94 9.10
N GLU A 324 -10.51 -27.75 9.27
CA GLU A 324 -11.43 -27.79 8.15
CA GLU A 324 -11.46 -27.80 8.17
C GLU A 324 -11.95 -26.37 7.96
N VAL A 325 -11.73 -25.82 6.78
CA VAL A 325 -12.07 -24.43 6.56
C VAL A 325 -13.13 -24.40 5.46
N ASN A 326 -14.27 -23.80 5.74
CA ASN A 326 -15.41 -23.79 4.78
C ASN A 326 -15.71 -25.19 4.32
N GLY A 327 -15.61 -26.12 5.25
CA GLY A 327 -15.92 -27.52 4.96
C GLY A 327 -14.87 -28.40 4.31
N ILE A 328 -13.70 -27.83 4.00
CA ILE A 328 -12.69 -28.53 3.25
C ILE A 328 -11.44 -28.71 4.14
N PRO A 329 -10.93 -29.95 4.27
CA PRO A 329 -9.70 -30.10 5.07
C PRO A 329 -8.59 -29.31 4.43
N MET A 330 -7.94 -28.50 5.27
CA MET A 330 -6.92 -27.55 4.84
C MET A 330 -5.55 -27.88 5.46
N PHE A 331 -4.60 -28.30 4.63
CA PHE A 331 -3.28 -28.59 5.14
C PHE A 331 -2.63 -27.28 5.63
N ALA A 332 -2.29 -27.20 6.91
CA ALA A 332 -1.68 -25.94 7.48
C ALA A 332 -0.23 -25.78 7.06
N LYS A 333 0.12 -24.58 6.63
CA LYS A 333 1.50 -24.27 6.20
C LYS A 333 1.89 -22.96 6.84
N GLY A 334 2.84 -22.99 7.75
CA GLY A 334 3.23 -21.71 8.38
C GLY A 334 4.35 -21.85 9.36
N ALA A 335 4.30 -21.00 10.39
CA ALA A 335 5.40 -20.86 11.33
C ALA A 335 4.90 -20.34 12.72
N ASN A 336 5.75 -20.57 13.72
CA ASN A 336 5.56 -19.99 15.09
C ASN A 336 6.12 -18.58 15.17
N TYR A 337 5.28 -17.67 15.69
CA TYR A 337 5.57 -16.25 15.74
C TYR A 337 5.91 -15.92 17.20
N ILE A 338 7.00 -15.18 17.34
CA ILE A 338 7.45 -14.59 18.63
C ILE A 338 7.40 -13.05 18.54
N PRO A 339 7.55 -12.33 19.69
CA PRO A 339 7.51 -10.89 19.63
C PRO A 339 8.57 -10.33 18.63
N GLN A 340 8.26 -9.24 17.96
CA GLN A 340 9.18 -8.69 16.96
C GLN A 340 10.28 -7.83 17.57
N ASP A 341 10.18 -7.56 18.88
CA ASP A 341 11.19 -6.70 19.52
C ASP A 341 11.24 -6.93 21.04
N ALA A 342 12.44 -6.75 21.61
CA ALA A 342 12.60 -6.76 23.05
C ALA A 342 11.74 -5.64 23.68
N LEU A 343 11.48 -4.58 22.90
CA LEU A 343 10.69 -3.46 23.35
C LEU A 343 9.50 -3.32 22.44
N LEU A 344 8.37 -3.85 22.92
CA LEU A 344 7.15 -3.95 22.09
C LEU A 344 6.64 -2.67 21.37
N PRO A 345 6.60 -1.50 22.07
CA PRO A 345 6.09 -0.31 21.42
C PRO A 345 6.98 0.16 20.27
N ASN A 346 8.20 -0.37 20.18
CA ASN A 346 9.10 -0.02 19.04
C ASN A 346 8.66 -0.64 17.68
N VAL A 347 7.80 -1.64 17.73
CA VAL A 347 7.28 -2.30 16.52
C VAL A 347 6.21 -1.43 15.88
N THR A 348 6.57 -0.91 14.71
CA THR A 348 5.77 0.03 13.98
C THR A 348 4.75 -0.70 13.09
N THR A 349 3.78 0.06 12.63
CA THR A 349 2.77 -0.38 11.69
C THR A 349 3.49 -0.99 10.48
N GLU A 350 4.55 -0.31 10.03
CA GLU A 350 5.30 -0.80 8.88
C GLU A 350 5.90 -2.19 9.07
N ARG A 351 6.46 -2.45 10.25
CA ARG A 351 7.11 -3.68 10.57
C ARG A 351 6.09 -4.81 10.62
N TYR A 352 4.92 -4.54 11.24
CA TYR A 352 3.81 -5.50 11.18
C TYR A 352 3.36 -5.79 9.73
N GLN A 353 3.19 -4.76 8.92
CA GLN A 353 2.78 -4.95 7.52
C GLN A 353 3.79 -5.80 6.73
N THR A 354 5.07 -5.54 6.95
CA THR A 354 6.11 -6.26 6.23
C THR A 354 6.15 -7.74 6.66
N LEU A 355 5.98 -7.99 7.95
CA LEU A 355 6.00 -9.37 8.43
C LEU A 355 4.86 -10.17 7.79
N PHE A 356 3.67 -9.55 7.66
CA PHE A 356 2.61 -10.26 6.95
C PHE A 356 2.84 -10.46 5.47
N ARG A 357 3.41 -9.48 4.83
CA ARG A 357 3.86 -9.65 3.45
C ARG A 357 4.79 -10.85 3.34
N ASP A 358 5.68 -11.00 4.31
CA ASP A 358 6.65 -12.15 4.33
C ASP A 358 5.95 -13.49 4.48
N MET A 359 4.87 -13.61 5.30
CA MET A 359 4.15 -14.88 5.41
C MET A 359 3.35 -15.14 4.16
N LYS A 360 2.65 -14.12 3.67
CA LYS A 360 1.86 -14.27 2.46
C LYS A 360 2.74 -14.68 1.28
N GLU A 361 3.88 -14.02 1.10
CA GLU A 361 4.73 -14.31 -0.06
C GLU A 361 5.36 -15.69 0.03
N ALA A 362 5.52 -16.20 1.26
CA ALA A 362 5.97 -17.60 1.46
C ALA A 362 4.87 -18.69 1.42
N ASN A 363 3.68 -18.33 0.92
CA ASN A 363 2.58 -19.22 0.69
C ASN A 363 2.00 -19.77 1.99
N MET A 364 2.23 -19.05 3.08
CA MET A 364 1.66 -19.52 4.36
C MET A 364 0.16 -19.32 4.53
N ASN A 365 -0.48 -20.20 5.29
CA ASN A 365 -1.90 -19.97 5.59
C ASN A 365 -2.15 -20.01 7.09
N MET A 366 -1.09 -20.12 7.90
CA MET A 366 -1.34 -20.17 9.35
C MET A 366 -0.15 -19.64 10.14
N VAL A 367 -0.45 -19.02 11.27
CA VAL A 367 0.61 -18.60 12.21
C VAL A 367 0.20 -18.97 13.64
N ARG A 368 1.16 -19.49 14.40
CA ARG A 368 0.97 -19.74 15.81
C ARG A 368 1.56 -18.59 16.65
N ILE A 369 0.70 -17.93 17.44
CA ILE A 369 1.17 -16.90 18.35
C ILE A 369 1.55 -17.62 19.64
N TRP A 370 2.85 -17.93 19.75
CA TRP A 370 3.35 -18.80 20.82
C TRP A 370 3.27 -18.14 22.21
N GLY A 371 2.95 -18.95 23.20
CA GLY A 371 2.64 -18.50 24.56
C GLY A 371 3.65 -17.86 25.47
N GLY A 372 4.88 -17.61 25.02
CA GLY A 372 5.81 -16.80 25.83
C GLY A 372 5.95 -15.34 25.41
N GLY A 373 5.06 -14.87 24.53
CA GLY A 373 5.07 -13.54 23.95
C GLY A 373 3.98 -12.65 24.59
N THR A 374 3.14 -12.10 23.74
CA THR A 374 1.92 -11.33 24.12
C THR A 374 0.72 -11.76 23.28
N TYR A 375 -0.49 -11.48 23.79
CA TYR A 375 -1.67 -11.48 22.94
C TYR A 375 -1.41 -10.28 22.00
N GLU A 376 -1.34 -10.52 20.70
CA GLU A 376 -0.88 -9.45 19.83
C GLU A 376 -1.85 -8.26 19.73
N ASN A 377 -1.33 -7.18 19.16
CA ASN A 377 -2.14 -5.99 19.11
C ASN A 377 -3.21 -6.17 18.03
N ASN A 378 -4.15 -5.26 17.99
CA ASN A 378 -5.25 -5.39 17.07
C ASN A 378 -4.78 -5.40 15.62
N LEU A 379 -3.79 -4.58 15.33
CA LEU A 379 -3.24 -4.53 13.93
C LEU A 379 -2.79 -5.92 13.43
N PHE A 380 -2.08 -6.68 14.27
CA PHE A 380 -1.64 -8.03 13.87
C PHE A 380 -2.79 -8.87 13.37
N TYR A 381 -3.89 -8.92 14.14
CA TYR A 381 -5.05 -9.75 13.74
C TYR A 381 -5.77 -9.16 12.53
N ASP A 382 -5.84 -7.85 12.46
CA ASP A 382 -6.37 -7.17 11.26
C ASP A 382 -5.60 -7.62 9.97
N LEU A 383 -4.30 -7.71 10.07
CA LEU A 383 -3.45 -8.09 8.94
C LEU A 383 -3.61 -9.55 8.67
N ALA A 384 -3.71 -10.36 9.72
CA ALA A 384 -4.04 -11.77 9.52
C ALA A 384 -5.38 -11.86 8.75
N ASP A 385 -6.42 -11.11 9.17
CA ASP A 385 -7.72 -11.14 8.47
C ASP A 385 -7.56 -10.84 6.98
N GLU A 386 -6.88 -9.76 6.67
CA GLU A 386 -6.83 -9.32 5.29
C GLU A 386 -5.80 -10.05 4.42
N ASN A 387 -4.93 -10.84 5.05
CA ASN A 387 -4.00 -11.71 4.30
C ASN A 387 -4.43 -13.19 4.27
N GLY A 388 -5.59 -13.51 4.86
CA GLY A 388 -6.08 -14.88 4.83
C GLY A 388 -5.16 -15.84 5.58
N ILE A 389 -4.62 -15.39 6.73
CA ILE A 389 -3.73 -16.26 7.50
C ILE A 389 -4.50 -16.68 8.75
N LEU A 390 -4.71 -17.96 8.94
CA LEU A 390 -5.33 -18.43 10.22
C LEU A 390 -4.39 -18.20 11.41
N VAL A 391 -4.98 -17.93 12.55
CA VAL A 391 -4.23 -17.68 13.77
C VAL A 391 -4.55 -18.73 14.87
N TRP A 392 -3.49 -19.44 15.29
CA TRP A 392 -3.52 -20.30 16.49
C TRP A 392 -2.99 -19.45 17.69
N GLN A 393 -3.85 -19.15 18.66
CA GLN A 393 -3.50 -18.23 19.75
C GLN A 393 -3.24 -19.05 21.02
N ASP A 394 -1.97 -19.15 21.45
CA ASP A 394 -1.70 -19.65 22.81
C ASP A 394 -2.19 -18.56 23.82
N PHE A 395 -2.67 -18.98 24.97
CA PHE A 395 -2.63 -18.10 26.16
C PHE A 395 -1.16 -18.00 26.59
N MET A 396 -0.86 -16.98 27.37
CA MET A 396 0.50 -16.58 27.66
C MET A 396 1.09 -17.31 28.86
N PHE A 397 1.24 -18.63 28.66
CA PHE A 397 1.88 -19.51 29.62
C PHE A 397 2.83 -20.43 28.84
N ALA A 398 4.09 -20.53 29.27
CA ALA A 398 5.07 -21.29 28.46
C ALA A 398 6.09 -22.00 29.35
N CYS A 399 6.20 -23.31 29.18
CA CYS A 399 7.30 -24.19 29.65
C CYS A 399 7.35 -24.55 31.13
N THR A 400 6.91 -23.66 31.99
CA THR A 400 6.98 -23.92 33.44
C THR A 400 5.57 -24.15 33.97
N PRO A 401 5.40 -25.04 34.98
CA PRO A 401 4.16 -24.86 35.73
C PRO A 401 4.08 -23.47 36.35
N TYR A 402 2.85 -23.04 36.63
CA TYR A 402 2.55 -21.68 37.13
C TYR A 402 1.79 -21.85 38.45
N PRO A 403 1.70 -20.76 39.24
CA PRO A 403 0.83 -20.78 40.43
C PRO A 403 -0.62 -21.03 40.07
N SER A 404 -1.46 -21.37 41.06
CA SER A 404 -2.87 -21.58 40.82
C SER A 404 -3.69 -21.14 42.03
N ASP A 405 -3.13 -20.22 42.79
CA ASP A 405 -3.87 -19.68 43.97
C ASP A 405 -5.03 -18.77 43.51
N PRO A 406 -6.01 -18.54 44.39
CA PRO A 406 -7.18 -17.75 43.97
C PRO A 406 -6.91 -16.39 43.35
N THR A 407 -6.03 -15.59 43.95
CA THR A 407 -5.67 -14.27 43.41
C THR A 407 -5.08 -14.39 42.02
N PHE A 408 -4.16 -15.35 41.89
CA PHE A 408 -3.51 -15.54 40.61
C PHE A 408 -4.54 -15.91 39.57
N LEU A 409 -5.46 -16.83 39.89
CA LEU A 409 -6.45 -17.30 38.89
C LEU A 409 -7.44 -16.21 38.57
N LYS A 410 -7.65 -15.31 39.54
CA LYS A 410 -8.47 -14.09 39.26
C LYS A 410 -7.82 -13.15 38.23
N ARG A 411 -6.51 -12.88 38.35
CA ARG A 411 -5.74 -12.14 37.36
C ARG A 411 -5.81 -12.78 35.98
N VAL A 412 -5.61 -14.09 35.93
CA VAL A 412 -5.71 -14.80 34.66
C VAL A 412 -7.11 -14.74 34.07
N GLU A 413 -8.15 -14.93 34.89
CA GLU A 413 -9.49 -14.85 34.38
C GLU A 413 -9.73 -13.50 33.71
N ALA A 414 -9.28 -12.41 34.34
CA ALA A 414 -9.41 -11.03 33.80
C ALA A 414 -8.79 -10.93 32.40
N GLU A 415 -7.55 -11.40 32.27
CA GLU A 415 -6.85 -11.36 30.99
C GLU A 415 -7.50 -12.27 29.93
N ALA A 416 -8.02 -13.44 30.35
CA ALA A 416 -8.67 -14.35 29.42
C ALA A 416 -9.95 -13.72 28.90
N VAL A 417 -10.82 -13.21 29.82
CA VAL A 417 -12.03 -12.51 29.37
C VAL A 417 -11.69 -11.33 28.46
N TYR A 418 -10.73 -10.54 28.86
CA TYR A 418 -10.41 -9.30 28.07
C TYR A 418 -9.95 -9.64 26.63
N ASN A 419 -8.97 -10.54 26.52
CA ASN A 419 -8.43 -10.84 25.23
C ASN A 419 -9.36 -11.70 24.38
N ILE A 420 -10.12 -12.63 24.98
CA ILE A 420 -11.13 -13.35 24.17
C ILE A 420 -12.13 -12.33 23.58
N ARG A 421 -12.67 -11.41 24.39
CA ARG A 421 -13.62 -10.41 23.82
C ARG A 421 -12.95 -9.51 22.81
N ARG A 422 -11.69 -9.21 23.08
CA ARG A 422 -10.91 -8.36 22.15
C ARG A 422 -10.75 -9.04 20.77
N LEU A 423 -10.46 -10.34 20.76
CA LEU A 423 -10.08 -11.03 19.51
C LEU A 423 -11.15 -11.85 18.77
N ARG A 424 -12.27 -12.11 19.45
CA ARG A 424 -13.22 -13.07 18.93
C ARG A 424 -13.98 -12.63 17.68
N ASN A 425 -13.84 -11.36 17.24
CA ASN A 425 -14.49 -10.96 15.98
C ASN A 425 -13.58 -11.14 14.75
N HIS A 426 -12.36 -11.61 15.00
CA HIS A 426 -11.42 -11.75 13.84
C HIS A 426 -11.61 -13.03 13.04
N ALA A 427 -11.81 -12.86 11.73
CA ALA A 427 -11.93 -13.96 10.79
C ALA A 427 -10.76 -14.95 10.98
N SER A 428 -9.58 -14.37 11.20
CA SER A 428 -8.32 -15.13 11.25
C SER A 428 -8.25 -16.06 12.49
N LEU A 429 -8.92 -15.67 13.57
CA LEU A 429 -8.75 -16.44 14.85
C LEU A 429 -9.35 -17.82 14.63
N ALA A 430 -8.52 -18.86 14.80
CA ALA A 430 -8.86 -20.27 14.50
C ALA A 430 -8.98 -21.23 15.72
N MET A 431 -8.20 -20.96 16.76
CA MET A 431 -8.20 -21.79 17.98
C MET A 431 -7.43 -21.13 19.13
N TRP A 432 -7.63 -21.65 20.35
CA TRP A 432 -6.94 -21.19 21.56
C TRP A 432 -6.19 -22.40 22.10
N CYS A 433 -5.06 -22.16 22.74
CA CYS A 433 -4.29 -23.27 23.32
C CYS A 433 -3.80 -22.81 24.68
N GLY A 434 -4.06 -23.59 25.73
CA GLY A 434 -3.79 -23.12 27.11
C GLY A 434 -2.36 -22.76 27.38
N ASN A 435 -1.41 -23.50 26.81
CA ASN A 435 0.00 -23.15 27.04
C ASN A 435 0.93 -23.90 26.08
N ASN A 436 2.20 -23.46 26.09
CA ASN A 436 3.29 -24.18 25.40
C ASN A 436 4.05 -25.09 26.35
N GLU A 437 3.89 -26.41 26.13
CA GLU A 437 4.79 -27.45 26.69
C GLU A 437 4.77 -27.63 28.20
N ILE A 438 3.75 -27.06 28.87
CA ILE A 438 3.73 -27.22 30.33
C ILE A 438 3.48 -28.66 30.78
N LEU A 439 2.56 -29.38 30.12
CA LEU A 439 2.24 -30.72 30.61
C LEU A 439 3.45 -31.64 30.29
N GLU A 440 4.04 -31.44 29.12
CA GLU A 440 5.28 -32.14 28.80
C GLU A 440 6.35 -31.89 29.85
N ALA A 441 6.50 -30.62 30.23
CA ALA A 441 7.42 -30.26 31.30
C ALA A 441 7.13 -31.03 32.59
N LEU A 442 5.89 -30.96 33.05
CA LEU A 442 5.45 -31.64 34.26
C LEU A 442 5.71 -33.15 34.25
N LYS A 443 5.48 -33.77 33.10
CA LYS A 443 5.63 -35.22 32.90
C LYS A 443 7.08 -35.69 32.72
N TYR A 444 7.91 -34.90 32.02
CA TYR A 444 9.10 -35.44 31.35
C TYR A 444 10.40 -34.68 31.60
N TRP A 445 10.33 -33.48 32.20
CA TRP A 445 11.50 -32.56 32.15
C TRP A 445 12.59 -32.61 33.26
N GLY A 446 12.40 -33.40 34.32
N GLY A 446 12.47 -33.42 34.31
CA GLY A 446 11.17 -34.15 34.57
CA GLY A 446 11.26 -34.05 34.76
C GLY A 446 10.36 -33.53 35.67
C GLY A 446 11.20 -33.54 36.17
N PHE A 447 11.05 -33.19 36.76
N PHE A 447 10.02 -33.21 36.63
CA PHE A 447 10.44 -32.81 38.04
CA PHE A 447 9.84 -32.77 38.00
C PHE A 447 9.87 -34.08 38.74
C PHE A 447 9.32 -33.94 38.80
N GLU A 448 9.74 -34.03 40.06
CA GLU A 448 9.44 -35.22 40.88
C GLU A 448 10.76 -35.90 41.32
N LYS A 449 11.86 -35.41 40.73
CA LYS A 449 13.20 -35.60 41.29
C LYS A 449 13.68 -34.22 41.78
N LYS A 450 12.91 -33.17 41.44
CA LYS A 450 13.31 -31.78 41.67
C LYS A 450 12.55 -31.12 42.84
N PHE A 451 11.37 -31.67 43.14
CA PHE A 451 10.48 -31.10 44.16
C PHE A 451 10.02 -32.20 45.09
N THR A 452 9.58 -31.82 46.29
CA THR A 452 9.00 -32.80 47.19
C THR A 452 7.73 -33.39 46.54
N PRO A 453 7.28 -34.54 47.02
CA PRO A 453 6.04 -35.12 46.49
C PRO A 453 4.81 -34.23 46.71
N GLU A 454 4.79 -33.51 47.83
CA GLU A 454 3.74 -32.57 48.14
C GLU A 454 3.70 -31.39 47.16
N VAL A 455 4.86 -30.82 46.86
CA VAL A 455 4.94 -29.66 45.96
C VAL A 455 4.61 -30.14 44.55
N TYR A 456 5.19 -31.28 44.17
CA TYR A 456 4.80 -31.89 42.87
C TYR A 456 3.30 -32.11 42.68
N GLN A 457 2.64 -32.65 43.71
CA GLN A 457 1.20 -32.86 43.65
C GLN A 457 0.43 -31.55 43.52
N GLY A 458 0.91 -30.54 44.24
CA GLY A 458 0.28 -29.22 44.19
C GLY A 458 0.36 -28.66 42.79
N LEU A 459 1.50 -28.85 42.12
CA LEU A 459 1.73 -28.38 40.76
C LEU A 459 0.80 -29.09 39.77
N MET A 460 0.65 -30.40 39.96
CA MET A 460 -0.30 -31.20 39.15
C MET A 460 -1.76 -30.76 39.32
N HIS A 461 -2.24 -30.59 40.55
CA HIS A 461 -3.61 -30.06 40.75
C HIS A 461 -3.71 -28.64 40.18
N GLY A 462 -2.64 -27.85 40.30
CA GLY A 462 -2.58 -26.44 39.84
C GLY A 462 -2.68 -26.36 38.33
N TYR A 463 -2.03 -27.29 37.64
CA TYR A 463 -2.21 -27.44 36.20
C TYR A 463 -3.70 -27.56 35.79
N ASP A 464 -4.40 -28.49 36.44
CA ASP A 464 -5.78 -28.76 36.06
C ASP A 464 -6.67 -27.51 36.32
N LYS A 465 -6.47 -26.89 37.46
CA LYS A 465 -7.25 -25.73 37.84
C LYS A 465 -7.22 -24.63 36.74
N LEU A 466 -6.05 -24.44 36.16
CA LEU A 466 -5.83 -23.37 35.23
C LEU A 466 -6.18 -23.82 33.80
N PHE A 467 -5.55 -24.92 33.37
CA PHE A 467 -5.56 -25.34 31.97
C PHE A 467 -6.66 -26.32 31.60
N ARG A 468 -7.25 -27.02 32.60
CA ARG A 468 -8.34 -27.95 32.32
C ARG A 468 -9.68 -27.49 32.89
N GLU A 469 -9.68 -26.33 33.54
CA GLU A 469 -10.90 -25.79 34.12
C GLU A 469 -11.07 -24.30 33.76
N LEU A 470 -10.28 -23.41 34.34
CA LEU A 470 -10.51 -21.94 34.13
C LEU A 470 -10.46 -21.56 32.64
N LEU A 471 -9.36 -21.90 31.98
CA LEU A 471 -9.25 -21.44 30.58
C LEU A 471 -10.30 -22.05 29.61
N PRO A 472 -10.50 -23.41 29.63
CA PRO A 472 -11.52 -24.01 28.77
C PRO A 472 -12.93 -23.49 29.12
N SER A 473 -13.25 -23.28 30.41
CA SER A 473 -14.56 -22.67 30.79
CA SER A 473 -14.57 -22.70 30.75
C SER A 473 -14.76 -21.26 30.23
N THR A 474 -13.70 -20.45 30.31
CA THR A 474 -13.75 -19.09 29.79
C THR A 474 -13.95 -19.09 28.27
N VAL A 475 -13.24 -19.98 27.56
CA VAL A 475 -13.44 -20.11 26.11
C VAL A 475 -14.86 -20.55 25.82
N LYS A 476 -15.40 -21.48 26.63
CA LYS A 476 -16.71 -22.04 26.35
C LYS A 476 -17.75 -20.93 26.48
N GLU A 477 -17.52 -20.02 27.41
CA GLU A 477 -18.46 -18.95 27.73
C GLU A 477 -18.41 -17.81 26.71
N PHE A 478 -17.21 -17.43 26.30
CA PHE A 478 -17.03 -16.17 25.51
C PHE A 478 -16.69 -16.41 24.03
N ASP A 479 -16.31 -17.64 23.70
CA ASP A 479 -15.94 -17.94 22.31
C ASP A 479 -16.35 -19.38 22.04
N SER A 480 -17.65 -19.63 22.16
CA SER A 480 -18.13 -20.99 22.28
C SER A 480 -18.00 -21.86 21.02
N ASP A 481 -17.74 -21.26 19.86
CA ASP A 481 -17.57 -22.07 18.67
C ASP A 481 -16.13 -22.16 18.19
N ARG A 482 -15.19 -21.77 19.05
CA ARG A 482 -13.78 -21.90 18.70
C ARG A 482 -13.18 -23.03 19.54
N PHE A 483 -12.27 -23.76 18.90
CA PHE A 483 -11.57 -24.89 19.53
C PHE A 483 -10.60 -24.44 20.64
N TYR A 484 -10.50 -25.24 21.70
CA TYR A 484 -9.48 -25.02 22.72
C TYR A 484 -8.81 -26.34 23.01
N VAL A 485 -7.48 -26.34 23.20
CA VAL A 485 -6.78 -27.54 23.66
C VAL A 485 -5.92 -27.08 24.84
N HIS A 486 -5.73 -27.93 25.85
CA HIS A 486 -5.04 -27.43 27.08
C HIS A 486 -3.55 -27.14 26.96
N SER A 487 -2.90 -27.80 26.00
CA SER A 487 -1.43 -27.65 25.86
C SER A 487 -1.02 -28.07 24.46
N SER A 488 0.10 -27.51 23.98
CA SER A 488 0.76 -27.98 22.76
C SER A 488 2.21 -28.34 23.09
N PRO A 489 2.64 -29.57 22.80
CA PRO A 489 1.84 -30.67 22.23
C PRO A 489 0.96 -31.27 23.34
N TYR A 490 -0.27 -31.66 23.03
CA TYR A 490 -1.13 -32.15 24.12
C TYR A 490 -0.82 -33.54 24.68
N LEU A 491 -0.32 -34.41 23.82
CA LEU A 491 0.13 -35.76 24.27
C LEU A 491 1.48 -36.24 23.67
N ALA A 492 1.65 -36.05 22.37
CA ALA A 492 2.86 -36.55 21.70
C ALA A 492 4.13 -35.98 22.28
N ASN A 493 5.10 -36.88 22.48
CA ASN A 493 6.44 -36.54 22.94
C ASN A 493 7.48 -37.03 21.92
N TRP A 494 8.45 -36.18 21.61
CA TRP A 494 9.36 -36.51 20.50
C TRP A 494 10.23 -37.73 20.78
N GLY A 495 10.42 -38.09 22.03
CA GLY A 495 11.23 -39.27 22.34
C GLY A 495 10.45 -40.58 22.38
N ARG A 496 9.13 -40.50 22.14
CA ARG A 496 8.21 -41.63 22.35
CA ARG A 496 8.23 -41.64 22.35
C ARG A 496 7.42 -41.92 21.07
N PRO A 497 8.00 -42.72 20.14
CA PRO A 497 7.41 -42.99 18.83
C PRO A 497 5.98 -43.47 18.92
N GLU A 498 5.65 -44.19 19.98
CA GLU A 498 4.31 -44.71 20.16
C GLU A 498 3.23 -43.60 20.33
N SER A 499 3.65 -42.39 20.75
CA SER A 499 2.77 -41.23 20.94
C SER A 499 2.57 -40.36 19.68
N TRP A 500 3.39 -40.55 18.64
CA TRP A 500 3.36 -39.65 17.47
C TRP A 500 2.08 -39.63 16.65
N GLY A 501 1.29 -40.73 16.70
CA GLY A 501 0.00 -40.75 15.99
C GLY A 501 -1.12 -40.08 16.78
N THR A 502 -0.78 -39.43 17.89
CA THR A 502 -1.80 -38.84 18.78
C THR A 502 -1.69 -37.33 18.86
N GLY A 503 -2.51 -36.59 18.09
CA GLY A 503 -2.47 -35.13 18.17
C GLY A 503 -1.22 -34.44 17.58
N ASP A 504 -0.89 -33.24 18.08
CA ASP A 504 0.16 -32.43 17.41
C ASP A 504 1.53 -32.77 17.99
N SER A 505 2.59 -32.60 17.21
CA SER A 505 3.93 -32.86 17.76
C SER A 505 4.80 -31.62 17.79
N HIS A 506 5.64 -31.48 18.82
CA HIS A 506 6.84 -30.63 18.73
C HIS A 506 8.03 -31.57 18.55
N ASN A 507 8.39 -31.90 17.30
CA ASN A 507 9.49 -32.83 17.06
C ASN A 507 10.86 -32.16 17.16
N TRP A 508 11.38 -32.18 18.37
CA TRP A 508 12.69 -31.63 18.64
C TRP A 508 13.80 -32.72 18.62
N GLY A 509 13.50 -33.83 17.94
CA GLY A 509 14.49 -34.87 17.68
C GLY A 509 15.58 -34.27 16.79
N VAL A 510 15.14 -33.55 15.77
CA VAL A 510 16.05 -32.71 14.99
C VAL A 510 16.36 -31.50 15.90
N TRP A 511 17.62 -31.14 15.92
CA TRP A 511 18.23 -30.12 16.82
C TRP A 511 18.54 -30.73 18.17
N TYR A 512 17.60 -30.71 19.12
CA TYR A 512 17.84 -31.20 20.51
C TYR A 512 18.23 -32.68 20.58
N GLY A 513 17.59 -33.51 19.78
CA GLY A 513 17.94 -34.92 19.77
C GLY A 513 19.06 -35.28 18.84
N LYS A 514 19.62 -34.28 18.15
CA LYS A 514 20.70 -34.47 17.18
C LYS A 514 20.35 -35.35 15.97
N LYS A 515 19.08 -35.63 15.73
CA LYS A 515 18.68 -36.53 14.65
C LYS A 515 18.96 -35.90 13.29
N PRO A 516 19.40 -36.70 12.29
CA PRO A 516 19.62 -36.11 10.98
C PRO A 516 18.28 -35.63 10.37
N PHE A 517 18.37 -34.69 9.44
CA PHE A 517 17.17 -34.17 8.75
C PHE A 517 16.41 -35.27 8.04
N GLU A 518 17.11 -36.33 7.65
CA GLU A 518 16.41 -37.46 7.01
C GLU A 518 15.37 -38.13 7.92
N SER A 519 15.56 -38.02 9.22
CA SER A 519 14.63 -38.61 10.20
C SER A 519 13.23 -38.03 10.02
N LEU A 520 13.13 -36.85 9.39
CA LEU A 520 11.83 -36.17 9.24
C LEU A 520 10.97 -36.93 8.20
N ASP A 521 11.63 -37.77 7.38
CA ASP A 521 10.95 -38.58 6.38
C ASP A 521 10.25 -39.79 7.03
N THR A 522 10.79 -40.26 8.16
CA THR A 522 10.28 -41.43 8.86
C THR A 522 9.49 -41.14 10.12
N ASP A 523 9.83 -40.06 10.82
CA ASP A 523 9.26 -39.75 12.12
C ASP A 523 8.12 -38.74 11.92
N LEU A 524 6.97 -39.25 11.56
CA LEU A 524 5.87 -38.41 11.11
C LEU A 524 4.84 -38.08 12.19
N PRO A 525 4.38 -36.80 12.22
CA PRO A 525 3.34 -36.44 13.16
C PRO A 525 1.96 -36.33 12.46
N ARG A 526 0.89 -36.22 13.26
CA ARG A 526 -0.46 -35.94 12.73
C ARG A 526 -0.56 -34.47 12.36
N PHE A 527 0.25 -33.66 13.02
CA PHE A 527 0.32 -32.23 12.74
C PHE A 527 1.58 -31.74 13.41
N MET A 528 2.47 -31.04 12.69
CA MET A 528 3.74 -30.64 13.29
C MET A 528 3.56 -29.18 13.74
N SER A 529 3.36 -28.96 15.04
CA SER A 529 3.23 -27.59 15.59
C SER A 529 4.54 -26.88 15.93
N GLU A 530 5.64 -27.65 16.01
CA GLU A 530 6.99 -27.09 16.08
C GLU A 530 7.99 -28.12 15.55
N PHE A 531 8.97 -27.65 14.77
CA PHE A 531 10.25 -28.34 14.63
C PHE A 531 11.19 -27.25 14.10
N GLY A 532 12.51 -27.39 14.27
CA GLY A 532 13.32 -26.27 13.87
C GLY A 532 14.81 -26.54 13.89
N PHE A 533 15.56 -25.53 13.43
CA PHE A 533 17.03 -25.60 13.29
C PHE A 533 17.60 -24.21 13.26
N GLN A 534 18.71 -23.99 14.01
CA GLN A 534 19.27 -22.64 14.17
C GLN A 534 20.17 -22.25 13.02
N SER A 535 20.32 -20.94 12.86
CA SER A 535 21.40 -20.36 12.04
C SER A 535 21.88 -18.99 12.55
N PHE A 536 23.18 -18.72 12.37
CA PHE A 536 23.69 -17.37 12.45
C PHE A 536 22.97 -16.57 11.35
N PRO A 537 22.54 -15.33 11.68
CA PRO A 537 22.06 -14.46 10.61
C PRO A 537 23.26 -13.96 9.77
N GLU A 538 22.92 -13.40 8.62
CA GLU A 538 23.96 -13.03 7.66
C GLU A 538 24.83 -11.90 8.13
N MET A 539 25.92 -11.66 7.39
CA MET A 539 26.94 -10.77 7.92
C MET A 539 26.51 -9.35 8.31
N LYS A 540 25.64 -8.70 7.52
CA LYS A 540 25.29 -7.32 7.78
C LYS A 540 24.55 -7.24 9.12
N THR A 541 23.96 -8.36 9.50
CA THR A 541 23.26 -8.45 10.82
C THR A 541 24.23 -8.65 11.96
N ILE A 542 25.19 -9.57 11.77
CA ILE A 542 26.34 -9.74 12.69
C ILE A 542 27.07 -8.39 12.91
N ALA A 543 27.31 -7.65 11.83
CA ALA A 543 27.94 -6.31 11.90
C ALA A 543 27.16 -5.27 12.70
N ALA A 544 25.84 -5.46 12.81
CA ALA A 544 25.03 -4.61 13.68
C ALA A 544 25.26 -4.80 15.21
N PHE A 545 25.82 -6.00 15.54
N PHE A 545 25.77 -5.89 15.70
CA PHE A 545 26.04 -6.61 16.89
CA PHE A 545 26.01 -5.86 17.13
C PHE A 545 27.43 -7.21 17.30
C PHE A 545 27.47 -6.06 17.50
N ALA A 546 28.34 -7.48 16.33
N ALA A 546 28.33 -6.16 16.49
CA ALA A 546 29.65 -8.10 16.68
CA ALA A 546 29.72 -6.57 16.73
C ALA A 546 30.83 -7.54 15.88
C ALA A 546 30.68 -5.86 15.82
N ALA A 547 32.05 -7.74 16.40
N ALA A 547 31.83 -5.49 16.37
CA ALA A 547 33.27 -7.27 15.74
CA ALA A 547 32.91 -4.94 15.58
C ALA A 547 34.10 -8.42 15.13
C ALA A 547 33.58 -6.07 14.80
N PRO A 548 34.91 -8.10 14.10
N PRO A 548 34.43 -5.75 13.80
CA PRO A 548 35.66 -9.17 13.40
CA PRO A 548 34.95 -6.87 13.02
C PRO A 548 36.46 -10.03 14.37
C PRO A 548 35.93 -7.70 13.85
N GLU A 549 36.75 -9.48 15.55
N GLU A 549 36.46 -7.06 14.88
CA GLU A 549 37.52 -10.17 16.59
CA GLU A 549 37.26 -7.73 15.89
C GLU A 549 36.74 -11.31 17.22
C GLU A 549 36.54 -8.94 16.50
N ASP A 550 35.42 -11.30 17.04
N ASP A 550 35.22 -8.84 16.69
CA ASP A 550 34.52 -12.24 17.73
CA ASP A 550 34.43 -9.88 17.36
C ASP A 550 34.03 -13.32 16.76
C ASP A 550 33.78 -10.89 16.38
N TYR A 551 34.43 -13.18 15.50
N TYR A 551 34.24 -10.94 15.13
CA TYR A 551 34.02 -14.05 14.38
CA TYR A 551 33.70 -11.84 14.09
C TYR A 551 34.56 -15.47 14.45
C TYR A 551 34.26 -13.28 14.20
N GLN A 552 34.21 -16.17 15.51
N GLN A 552 33.85 -13.97 15.26
CA GLN A 552 34.52 -17.57 15.63
CA GLN A 552 34.25 -15.34 15.50
C GLN A 552 33.33 -18.27 16.28
C GLN A 552 33.04 -15.99 16.20
N ILE A 553 33.06 -19.50 15.91
N ILE A 553 32.82 -17.28 15.95
CA ILE A 553 31.78 -20.02 16.22
CA ILE A 553 31.74 -18.00 16.61
C ILE A 553 31.47 -20.20 17.68
C ILE A 553 31.78 -17.85 18.13
N GLU A 554 32.44 -20.33 18.64
N GLU A 554 32.98 -17.86 18.70
CA GLU A 554 32.10 -20.29 20.05
CA GLU A 554 33.08 -17.95 20.14
C GLU A 554 32.90 -19.23 20.81
C GLU A 554 33.70 -16.73 20.78
N SER A 555 33.02 -18.06 20.20
N SER A 555 33.62 -15.58 20.11
CA SER A 555 33.65 -16.92 20.86
CA SER A 555 34.02 -14.34 20.75
C SER A 555 32.74 -16.42 21.98
C SER A 555 33.04 -13.97 21.85
N GLU A 556 33.27 -15.49 22.78
N GLU A 556 33.48 -13.10 22.74
CA GLU A 556 32.50 -14.91 23.89
CA GLU A 556 32.65 -12.75 23.90
C GLU A 556 31.15 -14.41 23.42
C GLU A 556 31.41 -12.03 23.41
N VAL A 557 31.14 -13.47 22.49
N VAL A 557 31.55 -11.21 22.38
CA VAL A 557 29.88 -12.88 22.00
CA VAL A 557 30.40 -10.51 21.85
C VAL A 557 29.09 -13.91 21.20
C VAL A 557 29.44 -11.48 21.15
N MET A 558 29.78 -14.60 20.30
N MET A 558 30.00 -12.38 20.34
CA MET A 558 29.15 -15.62 19.45
CA MET A 558 29.15 -13.36 19.65
C MET A 558 28.64 -16.81 20.27
C MET A 558 28.42 -14.27 20.66
N ASN A 559 28.65 -16.68 21.58
N ASN A 559 29.10 -14.64 21.76
CA ASN A 559 28.10 -17.70 22.48
CA ASN A 559 28.49 -15.44 22.80
C ASN A 559 27.14 -16.92 23.39
C ASN A 559 27.33 -14.73 23.48
N ALA A 560 27.44 -15.63 23.51
N ALA A 560 27.42 -13.40 23.55
CA ALA A 560 26.62 -14.68 24.24
CA ALA A 560 26.34 -12.59 24.12
C ALA A 560 25.32 -14.47 23.49
C ALA A 560 25.09 -12.62 23.26
N HIS A 561 25.36 -14.75 22.19
N HIS A 561 25.26 -12.94 21.99
CA HIS A 561 24.22 -14.54 21.33
CA HIS A 561 24.16 -13.04 21.03
C HIS A 561 23.61 -15.87 20.90
C HIS A 561 23.85 -14.48 20.59
N GLN A 562 23.78 -16.88 21.74
N GLN A 562 24.17 -15.46 21.44
CA GLN A 562 23.16 -18.17 21.55
CA GLN A 562 23.84 -16.88 21.21
C GLN A 562 22.63 -18.58 22.93
C GLN A 562 23.32 -17.35 22.56
N LYS A 563 21.38 -18.99 23.02
N LYS A 563 22.01 -17.48 22.66
CA LYS A 563 20.77 -19.26 24.33
CA LYS A 563 21.39 -17.75 23.95
C LYS A 563 20.15 -20.66 24.48
C LYS A 563 21.18 -19.25 24.15
N SER A 564 20.35 -21.52 23.48
N SER A 564 21.51 -20.03 23.14
CA SER A 564 19.85 -22.89 23.52
CA SER A 564 21.62 -21.49 23.26
C SER A 564 20.81 -23.77 24.33
C SER A 564 23.06 -21.95 23.55
N SER A 565 20.27 -24.76 25.04
N SER A 565 23.28 -22.55 24.73
CA SER A 565 21.05 -25.63 25.93
CA SER A 565 24.61 -22.93 25.20
C SER A 565 22.03 -26.49 25.14
C SER A 565 25.19 -24.08 24.41
N ILE A 566 21.87 -26.53 23.82
N ILE A 566 24.32 -24.82 23.72
CA ILE A 566 22.92 -26.98 22.95
CA ILE A 566 24.77 -25.93 22.84
C ILE A 566 23.12 -25.92 21.92
C ILE A 566 24.65 -25.62 21.34
N GLY A 567 24.34 -25.46 21.79
N GLY A 567 24.13 -24.45 20.98
CA GLY A 567 24.59 -24.26 20.99
CA GLY A 567 23.80 -24.15 19.59
C GLY A 567 25.30 -24.36 19.66
C GLY A 567 24.95 -24.16 18.60
N ASN A 568 26.16 -23.39 19.41
N ASN A 568 26.06 -23.53 18.99
CA ASN A 568 26.88 -23.31 18.15
CA ASN A 568 27.19 -23.33 18.08
C ASN A 568 27.67 -24.60 17.87
C ASN A 568 27.70 -24.67 17.65
N SER A 569 27.86 -25.43 18.91
N SER A 569 28.00 -25.51 18.64
CA SER A 569 28.37 -26.80 18.74
CA SER A 569 28.51 -26.86 18.37
C SER A 569 27.56 -27.57 17.69
C SER A 569 27.54 -27.76 17.63
N LEU A 570 26.25 -27.69 17.94
CA LEU A 570 25.29 -28.40 17.08
C LEU A 570 25.33 -27.94 15.64
N ILE A 571 25.49 -26.64 15.39
CA ILE A 571 25.48 -26.15 14.02
C ILE A 571 26.64 -26.83 13.25
N ARG A 572 27.84 -26.73 13.82
CA ARG A 572 29.04 -27.37 13.20
C ARG A 572 28.84 -28.89 12.97
N THR A 573 28.31 -29.55 14.00
CA THR A 573 28.04 -31.03 13.98
C THR A 573 27.14 -31.36 12.79
N TYR A 574 26.02 -30.65 12.62
CA TYR A 574 25.16 -30.91 11.49
C TYR A 574 25.81 -30.52 10.20
N MET A 575 26.51 -29.38 10.18
CA MET A 575 27.13 -28.93 8.93
C MET A 575 28.09 -29.98 8.38
N GLU A 576 28.88 -30.58 9.28
CA GLU A 576 29.88 -31.58 8.87
C GLU A 576 29.24 -32.78 8.18
N ARG A 577 28.00 -33.13 8.55
CA ARG A 577 27.29 -34.23 7.92
C ARG A 577 27.03 -34.04 6.44
N ASP A 578 26.93 -32.80 5.97
CA ASP A 578 26.39 -32.54 4.63
C ASP A 578 27.23 -31.60 3.76
N TYR A 579 28.10 -30.84 4.41
CA TYR A 579 28.92 -29.79 3.76
C TYR A 579 30.36 -29.87 4.26
N ILE A 580 31.27 -29.34 3.46
CA ILE A 580 32.62 -29.08 3.92
C ILE A 580 32.53 -27.85 4.80
N ILE A 581 33.10 -27.96 6.01
CA ILE A 581 33.08 -26.84 6.93
C ILE A 581 34.11 -25.80 6.45
N PRO A 582 33.64 -24.57 6.14
CA PRO A 582 34.59 -23.55 5.66
C PRO A 582 35.54 -23.06 6.76
N GLU A 583 36.76 -22.67 6.37
CA GLU A 583 37.73 -22.08 7.28
C GLU A 583 37.45 -20.68 7.77
N SER A 584 36.82 -19.85 6.94
CA SER A 584 36.56 -18.47 7.37
C SER A 584 35.17 -18.35 8.03
N PHE A 585 35.05 -17.37 8.94
CA PHE A 585 33.78 -17.16 9.67
C PHE A 585 32.68 -16.76 8.70
N GLU A 586 32.97 -15.83 7.78
CA GLU A 586 31.96 -15.38 6.81
CA GLU A 586 31.98 -15.37 6.84
C GLU A 586 31.47 -16.53 5.93
N ASP A 587 32.38 -17.42 5.53
CA ASP A 587 31.89 -18.54 4.71
C ASP A 587 31.06 -19.54 5.54
N PHE A 588 31.47 -19.74 6.78
CA PHE A 588 30.75 -20.61 7.71
C PHE A 588 29.31 -20.02 7.87
N VAL A 589 29.19 -18.71 8.07
CA VAL A 589 27.84 -18.09 8.22
C VAL A 589 26.99 -18.40 6.98
N TYR A 590 27.56 -18.19 5.77
CA TYR A 590 26.86 -18.50 4.51
C TYR A 590 26.41 -19.96 4.42
N VAL A 591 27.32 -20.90 4.65
CA VAL A 591 26.94 -22.32 4.57
C VAL A 591 25.89 -22.69 5.69
N GLY A 592 26.04 -22.10 6.85
CA GLY A 592 25.01 -22.33 7.91
C GLY A 592 23.61 -21.87 7.48
N LEU A 593 23.53 -20.79 6.68
CA LEU A 593 22.20 -20.38 6.17
C LEU A 593 21.67 -21.43 5.19
N VAL A 594 22.52 -21.88 4.29
CA VAL A 594 22.19 -22.87 3.33
C VAL A 594 21.72 -24.14 4.03
N LEU A 595 22.45 -24.56 5.04
CA LEU A 595 22.18 -25.79 5.79
C LEU A 595 20.77 -25.78 6.44
N GLN A 596 20.49 -24.72 7.18
CA GLN A 596 19.20 -24.55 7.87
C GLN A 596 18.07 -24.60 6.85
N GLY A 597 18.28 -23.93 5.71
CA GLY A 597 17.33 -23.91 4.59
C GLY A 597 17.06 -25.28 4.00
N GLN A 598 18.14 -25.99 3.65
CA GLN A 598 18.01 -27.28 2.99
C GLN A 598 17.42 -28.35 3.90
N GLY A 599 17.93 -28.42 5.12
CA GLY A 599 17.44 -29.41 6.09
C GLY A 599 15.98 -29.21 6.48
N MET A 600 15.63 -27.96 6.80
CA MET A 600 14.23 -27.68 7.19
C MET A 600 13.27 -27.90 6.04
N ARG A 601 13.63 -27.42 4.86
CA ARG A 601 12.80 -27.66 3.67
C ARG A 601 12.52 -29.15 3.43
N HIS A 602 13.48 -30.02 3.72
CA HIS A 602 13.31 -31.46 3.55
C HIS A 602 12.19 -31.95 4.51
N GLY A 603 12.14 -31.40 5.71
CA GLY A 603 11.02 -31.69 6.62
C GLY A 603 9.66 -31.17 6.17
N LEU A 604 9.57 -29.92 5.69
CA LEU A 604 8.31 -29.31 5.27
C LEU A 604 7.73 -30.15 4.12
N GLU A 605 8.64 -30.61 3.26
CA GLU A 605 8.27 -31.48 2.13
C GLU A 605 7.77 -32.84 2.61
N ALA A 606 8.44 -33.41 3.62
CA ALA A 606 7.98 -34.72 4.15
C ALA A 606 6.58 -34.59 4.77
N HIS A 607 6.29 -33.44 5.37
CA HIS A 607 5.01 -33.31 6.03
C HIS A 607 3.88 -33.19 4.99
N ARG A 608 4.10 -32.37 3.97
CA ARG A 608 3.11 -32.26 2.88
C ARG A 608 2.97 -33.59 2.11
N ARG A 609 4.09 -34.27 1.94
CA ARG A 609 4.10 -35.56 1.14
C ARG A 609 3.26 -36.59 1.85
N ASN A 610 3.20 -36.50 3.17
CA ASN A 610 2.53 -37.49 3.98
C ASN A 610 1.14 -37.10 4.43
N ARG A 611 0.53 -36.16 3.71
CA ARG A 611 -0.89 -35.94 3.84
C ARG A 611 -1.63 -37.17 3.28
N PRO A 612 -2.74 -37.61 3.94
CA PRO A 612 -3.44 -36.97 5.08
C PRO A 612 -3.03 -37.45 6.48
N TYR A 613 -2.12 -38.44 6.61
CA TYR A 613 -1.63 -38.84 7.94
C TYR A 613 -1.19 -37.58 8.69
N CYS A 614 -0.41 -36.74 7.99
CA CYS A 614 0.02 -35.44 8.54
C CYS A 614 -0.83 -34.35 7.88
N MET A 615 -1.30 -33.42 8.68
CA MET A 615 -2.19 -32.37 8.16
C MET A 615 -1.69 -30.93 8.44
N GLY A 616 -0.43 -30.78 8.79
CA GLY A 616 0.08 -29.41 8.95
C GLY A 616 1.52 -29.38 9.39
N THR A 617 2.20 -28.29 9.06
CA THR A 617 3.53 -28.03 9.59
C THR A 617 3.72 -26.54 9.85
N LEU A 618 4.09 -26.24 11.09
CA LEU A 618 4.39 -24.89 11.53
C LEU A 618 5.81 -24.94 12.05
N TYR A 619 6.77 -24.38 11.29
CA TYR A 619 8.12 -24.44 11.85
C TYR A 619 8.43 -23.48 12.99
N TRP A 620 9.43 -23.87 13.80
CA TRP A 620 10.01 -23.00 14.82
C TRP A 620 11.29 -22.38 14.19
N GLN A 621 11.37 -21.06 13.91
CA GLN A 621 10.43 -20.01 14.27
C GLN A 621 10.45 -19.05 13.07
N LEU A 622 9.43 -18.19 12.98
CA LEU A 622 9.37 -17.24 11.88
C LEU A 622 10.44 -16.13 12.01
N ASN A 623 10.60 -15.54 13.21
CA ASN A 623 11.14 -14.19 13.27
C ASN A 623 11.98 -13.99 14.53
N ASP A 624 12.57 -12.82 14.69
CA ASP A 624 13.50 -12.57 15.81
C ASP A 624 13.09 -11.31 16.52
N SER A 625 13.41 -11.25 17.82
CA SER A 625 13.17 -10.08 18.64
C SER A 625 14.34 -9.10 18.77
N TRP A 626 15.50 -9.53 18.30
CA TRP A 626 16.74 -8.74 18.38
C TRP A 626 17.83 -9.48 17.56
N PRO A 627 18.98 -8.80 17.30
CA PRO A 627 20.03 -9.47 16.51
C PRO A 627 20.61 -10.60 17.31
N VAL A 628 20.47 -11.81 16.80
CA VAL A 628 20.81 -13.00 17.54
C VAL A 628 20.95 -14.23 16.62
N VAL A 629 21.58 -15.28 17.14
CA VAL A 629 21.59 -16.60 16.54
C VAL A 629 20.32 -17.35 16.99
N SER A 630 19.52 -17.82 16.03
CA SER A 630 18.27 -18.44 16.39
C SER A 630 17.74 -19.34 15.27
N TRP A 631 16.59 -19.96 15.53
CA TRP A 631 15.88 -20.83 14.60
C TRP A 631 15.07 -20.07 13.56
N SER A 632 15.16 -18.74 13.53
CA SER A 632 14.28 -17.93 12.68
C SER A 632 14.58 -18.10 11.19
N SER A 633 13.55 -17.86 10.38
CA SER A 633 13.72 -17.81 8.92
C SER A 633 13.89 -16.38 8.44
N ILE A 634 13.55 -15.37 9.29
CA ILE A 634 13.72 -13.94 8.97
C ILE A 634 14.46 -13.30 10.18
N ASP A 635 15.61 -12.65 9.96
CA ASP A 635 16.35 -12.04 11.08
C ASP A 635 15.67 -10.79 11.59
N TYR A 636 16.23 -10.21 12.65
CA TYR A 636 15.66 -9.00 13.30
C TYR A 636 15.47 -7.83 12.35
N TYR A 637 16.37 -7.64 11.36
CA TYR A 637 16.30 -6.55 10.39
C TYR A 637 15.45 -6.81 9.16
N GLY A 638 14.74 -7.93 9.20
CA GLY A 638 13.81 -8.29 8.15
C GLY A 638 14.45 -9.02 6.97
N ASN A 639 15.72 -9.42 7.11
CA ASN A 639 16.38 -10.11 6.01
C ASN A 639 15.92 -11.57 5.96
N TRP A 640 15.46 -12.00 4.79
CA TRP A 640 15.10 -13.41 4.64
C TRP A 640 16.43 -14.23 4.65
N LYS A 641 16.48 -15.21 5.54
CA LYS A 641 17.51 -16.26 5.51
C LYS A 641 17.17 -17.21 4.37
N ALA A 642 18.10 -18.14 4.04
CA ALA A 642 17.74 -19.21 3.09
C ALA A 642 16.42 -19.91 3.39
N LEU A 643 16.23 -20.24 4.66
CA LEU A 643 15.03 -20.90 5.07
C LEU A 643 13.76 -20.22 4.57
N HIS A 644 13.70 -18.89 4.57
CA HIS A 644 12.44 -18.28 4.16
C HIS A 644 12.17 -18.55 2.68
N TYR A 645 13.20 -18.45 1.85
CA TYR A 645 13.00 -18.77 0.43
C TYR A 645 12.64 -20.23 0.28
N GLN A 646 13.30 -21.10 1.08
CA GLN A 646 13.02 -22.53 0.94
C GLN A 646 11.61 -22.85 1.43
N ALA A 647 11.15 -22.15 2.47
CA ALA A 647 9.76 -22.38 2.97
C ALA A 647 8.75 -21.98 1.88
N LYS A 648 8.99 -20.87 1.24
CA LYS A 648 8.15 -20.43 0.12
C LYS A 648 8.01 -21.52 -0.99
N ARG A 649 9.16 -22.01 -1.44
CA ARG A 649 9.20 -23.16 -2.38
C ARG A 649 8.47 -24.41 -1.90
N ALA A 650 8.75 -24.82 -0.68
CA ALA A 650 8.15 -26.00 -0.08
C ALA A 650 6.66 -25.86 0.18
N PHE A 651 6.16 -24.62 0.24
CA PHE A 651 4.71 -24.36 0.53
C PHE A 651 3.96 -24.00 -0.76
N ALA A 652 4.66 -24.00 -1.89
CA ALA A 652 4.02 -23.63 -3.18
C ALA A 652 2.77 -24.47 -3.41
N PRO A 653 1.67 -23.84 -3.90
CA PRO A 653 0.42 -24.58 -4.03
C PRO A 653 0.62 -25.93 -4.76
N VAL A 654 1.34 -25.94 -5.87
CA VAL A 654 1.69 -27.21 -6.50
C VAL A 654 3.21 -27.44 -6.44
N LEU A 655 3.61 -28.61 -5.98
CA LEU A 655 5.02 -28.88 -5.73
C LEU A 655 5.42 -30.22 -6.33
N ILE A 656 6.51 -30.24 -7.10
CA ILE A 656 7.10 -31.52 -7.50
C ILE A 656 8.11 -31.86 -6.42
N ASN A 657 7.92 -33.00 -5.75
CA ASN A 657 8.79 -33.46 -4.65
C ASN A 657 9.48 -34.81 -4.99
N PRO A 658 10.72 -34.74 -5.50
CA PRO A 658 11.60 -35.93 -5.66
C PRO A 658 12.12 -36.29 -4.28
N ILE A 659 12.02 -37.56 -3.91
CA ILE A 659 12.55 -38.04 -2.61
C ILE A 659 13.35 -39.34 -2.86
N GLN A 660 14.57 -39.35 -2.37
CA GLN A 660 15.50 -40.42 -2.67
C GLN A 660 15.87 -41.09 -1.36
N GLN A 661 15.55 -42.37 -1.25
CA GLN A 661 15.97 -43.19 -0.14
C GLN A 661 16.28 -44.61 -0.65
N ASN A 662 17.16 -45.32 0.07
CA ASN A 662 17.47 -46.72 -0.22
C ASN A 662 17.92 -46.87 -1.69
N ASP A 663 18.72 -45.92 -2.17
CA ASP A 663 19.25 -45.92 -3.55
C ASP A 663 18.14 -45.97 -4.63
N SER A 664 17.03 -45.29 -4.36
CA SER A 664 15.90 -45.21 -5.28
C SER A 664 15.25 -43.82 -5.22
N LEU A 665 14.67 -43.39 -6.33
CA LEU A 665 14.03 -42.09 -6.44
C LEU A 665 12.53 -42.26 -6.61
N SER A 666 11.75 -41.55 -5.80
CA SER A 666 10.32 -41.44 -6.08
C SER A 666 10.03 -40.00 -6.37
N VAL A 667 9.00 -39.75 -7.17
CA VAL A 667 8.61 -38.36 -7.40
C VAL A 667 7.15 -38.25 -7.04
N TYR A 668 6.84 -37.36 -6.11
CA TYR A 668 5.45 -37.09 -5.77
C TYR A 668 5.02 -35.73 -6.34
N LEU A 669 3.75 -35.64 -6.62
CA LEU A 669 3.13 -34.37 -6.99
C LEU A 669 2.15 -34.02 -5.88
N ILE A 670 2.32 -32.80 -5.36
CA ILE A 670 1.61 -32.39 -4.16
C ILE A 670 0.87 -31.10 -4.48
N SER A 671 -0.44 -31.09 -4.27
CA SER A 671 -1.28 -29.94 -4.59
C SER A 671 -2.13 -29.53 -3.40
N ASP A 672 -2.11 -28.24 -3.04
CA ASP A 672 -3.09 -27.66 -2.12
C ASP A 672 -4.09 -26.83 -2.90
N ARG A 673 -4.21 -27.05 -4.22
CA ARG A 673 -5.25 -26.37 -4.98
C ARG A 673 -6.62 -26.94 -4.67
N LEU A 674 -7.63 -26.11 -4.88
CA LEU A 674 -9.01 -26.55 -4.72
C LEU A 674 -9.53 -27.28 -5.97
N ASP A 675 -8.88 -27.09 -7.12
CA ASP A 675 -9.26 -27.77 -8.39
C ASP A 675 -8.28 -28.90 -8.75
N THR A 676 -8.79 -29.94 -9.41
CA THR A 676 -7.96 -31.03 -9.93
C THR A 676 -7.29 -30.67 -11.27
N MET A 677 -6.02 -31.03 -11.41
CA MET A 677 -5.35 -30.85 -12.68
C MET A 677 -5.35 -32.17 -13.46
N GLU A 678 -5.70 -32.08 -14.74
CA GLU A 678 -5.84 -33.29 -15.57
C GLU A 678 -4.96 -33.22 -16.80
N GLN A 679 -4.57 -34.38 -17.33
CA GLN A 679 -3.75 -34.46 -18.56
C GLN A 679 -2.36 -33.84 -18.44
N MET A 680 -1.72 -34.13 -17.33
CA MET A 680 -0.43 -33.52 -16.98
C MET A 680 0.74 -34.37 -17.42
N THR A 681 1.85 -33.71 -17.72
CA THR A 681 3.09 -34.41 -18.02
C THR A 681 4.18 -34.00 -17.05
N LEU A 682 4.75 -35.01 -16.41
CA LEU A 682 6.00 -34.82 -15.67
C LEU A 682 7.12 -35.10 -16.66
N GLU A 683 8.05 -34.16 -16.82
CA GLU A 683 9.25 -34.37 -17.62
C GLU A 683 10.52 -34.20 -16.80
N MET A 684 11.45 -35.14 -16.90
CA MET A 684 12.73 -35.07 -16.17
C MET A 684 13.96 -35.30 -17.04
N LYS A 685 15.06 -34.65 -16.70
CA LYS A 685 16.33 -34.96 -17.32
C LYS A 685 17.55 -34.72 -16.44
N VAL A 686 18.54 -35.59 -16.68
CA VAL A 686 19.78 -35.57 -15.94
C VAL A 686 20.75 -34.67 -16.69
N VAL A 687 21.32 -33.69 -16.01
CA VAL A 687 22.19 -32.70 -16.66
C VAL A 687 23.45 -32.65 -15.83
N ASP A 688 24.61 -32.79 -16.46
CA ASP A 688 25.87 -32.58 -15.74
C ASP A 688 26.18 -31.12 -15.36
N PHE A 689 27.19 -30.94 -14.52
CA PHE A 689 27.52 -29.61 -14.01
C PHE A 689 28.05 -28.65 -15.10
N ASP A 690 28.39 -29.19 -16.28
CA ASP A 690 28.79 -28.38 -17.46
C ASP A 690 27.61 -28.04 -18.36
N GLY A 691 26.43 -28.58 -18.08
CA GLY A 691 25.25 -28.22 -18.87
C GLY A 691 24.78 -29.29 -19.84
N LYS A 692 25.53 -30.39 -19.88
CA LYS A 692 25.37 -31.39 -20.92
C LYS A 692 24.40 -32.41 -20.44
N THR A 693 23.33 -32.62 -21.20
CA THR A 693 22.37 -33.66 -20.91
C THR A 693 22.97 -35.07 -20.93
N LEU A 694 22.60 -35.87 -19.94
CA LEU A 694 23.09 -37.25 -19.81
C LEU A 694 21.92 -38.20 -20.04
N GLY A 695 22.06 -39.09 -21.02
CA GLY A 695 20.97 -40.00 -21.40
C GLY A 695 19.91 -39.22 -22.15
N LYS A 696 18.66 -39.66 -22.04
CA LYS A 696 17.56 -38.97 -22.71
C LYS A 696 16.59 -38.39 -21.66
N LYS A 697 15.71 -37.49 -22.12
CA LYS A 697 14.57 -37.02 -21.31
C LYS A 697 13.68 -38.19 -20.92
N ILE A 698 13.12 -38.13 -19.72
CA ILE A 698 12.18 -39.11 -19.23
C ILE A 698 10.82 -38.42 -19.17
N GLN A 699 9.80 -39.02 -19.79
CA GLN A 699 8.47 -38.43 -19.81
C GLN A 699 7.40 -39.32 -19.21
N VAL A 700 6.65 -38.75 -18.25
CA VAL A 700 5.48 -39.41 -17.68
C VAL A 700 4.23 -38.61 -18.05
N HIS A 701 3.44 -39.17 -18.98
CA HIS A 701 2.26 -38.53 -19.52
C HIS A 701 1.02 -38.98 -18.76
N SER A 702 -0.12 -38.37 -19.09
CA SER A 702 -1.47 -38.72 -18.60
C SER A 702 -1.67 -38.62 -17.07
N LEU A 703 -1.01 -37.66 -16.44
CA LEU A 703 -1.09 -37.54 -14.97
C LEU A 703 -2.25 -36.67 -14.50
N GLU A 704 -2.90 -37.12 -13.43
CA GLU A 704 -3.90 -36.31 -12.74
C GLU A 704 -3.23 -35.84 -11.43
N VAL A 705 -3.50 -34.59 -11.05
CA VAL A 705 -3.06 -34.08 -9.75
C VAL A 705 -4.34 -33.64 -9.03
N PRO A 706 -4.97 -34.55 -8.27
CA PRO A 706 -6.23 -34.15 -7.61
C PRO A 706 -6.08 -33.04 -6.56
N ALA A 707 -7.14 -32.28 -6.33
CA ALA A 707 -7.17 -31.23 -5.31
C ALA A 707 -6.74 -31.75 -3.93
N ASN A 708 -5.87 -31.00 -3.27
CA ASN A 708 -5.58 -31.32 -1.87
C ASN A 708 -5.08 -32.74 -1.65
N THR A 709 -4.11 -33.19 -2.44
CA THR A 709 -3.53 -34.53 -2.30
C THR A 709 -2.04 -34.54 -2.61
N SER A 710 -1.39 -35.61 -2.16
CA SER A 710 -0.02 -35.91 -2.41
C SER A 710 -0.04 -37.33 -2.98
N LYS A 711 0.56 -37.50 -4.15
CA LYS A 711 0.55 -38.83 -4.82
C LYS A 711 1.86 -39.13 -5.54
N CYS A 712 2.29 -40.40 -5.50
CA CYS A 712 3.52 -40.84 -6.18
C CYS A 712 3.20 -41.08 -7.64
N VAL A 713 3.98 -40.53 -8.56
CA VAL A 713 3.76 -40.71 -10.00
C VAL A 713 4.93 -41.35 -10.74
N TYR A 714 6.03 -41.66 -10.04
CA TYR A 714 7.29 -42.12 -10.67
C TYR A 714 8.25 -42.72 -9.65
N ARG A 715 8.70 -43.97 -9.88
CA ARG A 715 9.75 -44.61 -9.09
C ARG A 715 10.82 -45.16 -10.03
N ALA A 716 12.08 -45.02 -9.67
CA ALA A 716 13.15 -45.66 -10.43
C ALA A 716 14.28 -45.96 -9.47
N LYS A 717 14.84 -47.16 -9.56
CA LYS A 717 16.05 -47.51 -8.87
C LYS A 717 17.20 -46.71 -9.49
N LEU A 718 18.17 -46.24 -8.70
CA LEU A 718 19.36 -45.57 -9.25
C LEU A 718 20.28 -46.56 -9.98
N ASP A 719 20.35 -47.78 -9.45
CA ASP A 719 21.31 -48.75 -9.98
C ASP A 719 20.88 -49.24 -11.36
N GLY A 720 21.80 -49.11 -12.32
CA GLY A 720 21.48 -49.38 -13.72
C GLY A 720 21.13 -48.10 -14.45
N TRP A 721 20.85 -47.04 -13.70
CA TRP A 721 20.48 -45.75 -14.31
C TRP A 721 21.63 -44.75 -14.24
N LEU A 722 22.16 -44.52 -13.05
CA LEU A 722 23.27 -43.61 -12.88
C LEU A 722 24.36 -44.30 -12.10
N THR A 723 25.61 -44.01 -12.43
CA THR A 723 26.73 -44.58 -11.69
C THR A 723 27.02 -43.73 -10.46
N PRO A 724 27.70 -44.30 -9.44
CA PRO A 724 28.08 -43.49 -8.29
C PRO A 724 28.79 -42.21 -8.74
N GLU A 725 29.54 -42.30 -9.84
CA GLU A 725 30.26 -41.15 -10.38
C GLU A 725 29.31 -40.12 -11.01
N ASP A 726 28.26 -40.59 -11.68
CA ASP A 726 27.25 -39.70 -12.28
C ASP A 726 26.46 -38.93 -11.21
N CYS A 727 26.25 -39.60 -10.06
CA CYS A 727 25.54 -39.04 -8.90
C CYS A 727 26.28 -37.91 -8.21
N ARG A 728 27.60 -37.94 -8.29
CA ARG A 728 28.34 -36.80 -7.77
C ARG A 728 28.65 -35.71 -8.81
N ARG A 729 28.17 -35.86 -10.04
CA ARG A 729 28.55 -35.02 -11.19
CA ARG A 729 28.56 -34.94 -11.11
C ARG A 729 27.37 -34.40 -11.93
N SER A 730 26.16 -34.73 -11.52
CA SER A 730 24.97 -34.27 -12.21
C SER A 730 23.81 -34.02 -11.22
N PHE A 731 22.71 -33.52 -11.77
CA PHE A 731 21.48 -33.26 -11.02
C PHE A 731 20.31 -33.60 -11.92
N LEU A 732 19.14 -33.73 -11.31
CA LEU A 732 17.91 -33.97 -12.05
C LEU A 732 17.07 -32.71 -12.13
N LYS A 733 16.63 -32.40 -13.34
CA LYS A 733 15.75 -31.28 -13.58
C LYS A 733 14.36 -31.90 -13.78
N LEU A 734 13.35 -31.34 -13.13
CA LEU A 734 11.97 -31.82 -13.22
C LEU A 734 11.05 -30.64 -13.51
N ILE A 735 10.16 -30.83 -14.49
CA ILE A 735 9.09 -29.88 -14.75
C ILE A 735 7.80 -30.63 -14.91
N LEU A 736 6.73 -29.93 -14.55
CA LEU A 736 5.37 -30.40 -14.70
C LEU A 736 4.62 -29.47 -15.64
N LYS A 737 3.95 -30.01 -16.65
CA LYS A 737 3.19 -29.17 -17.57
C LYS A 737 1.81 -29.71 -17.90
N ASP A 738 0.89 -28.80 -18.25
CA ASP A 738 -0.47 -29.17 -18.65
C ASP A 738 -0.50 -29.74 -20.08
N LYS A 739 -1.69 -30.08 -20.58
CA LYS A 739 -1.80 -30.82 -21.86
C LYS A 739 -1.06 -30.12 -23.01
N SER A 740 -1.17 -28.79 -23.05
CA SER A 740 -0.53 -27.97 -24.08
C SER A 740 0.98 -27.69 -23.92
N GLY A 741 1.61 -28.10 -22.81
CA GLY A 741 3.04 -27.81 -22.59
C GLY A 741 3.39 -26.55 -21.79
N HIS A 742 2.38 -25.90 -21.18
CA HIS A 742 2.65 -24.82 -20.22
C HIS A 742 3.08 -25.35 -18.84
N GLN A 743 4.23 -24.86 -18.38
CA GLN A 743 4.86 -25.30 -17.15
C GLN A 743 4.07 -24.79 -15.96
N VAL A 744 3.71 -25.69 -15.06
CA VAL A 744 3.05 -25.27 -13.84
C VAL A 744 3.92 -25.40 -12.57
N ALA A 745 5.01 -26.15 -12.67
CA ALA A 745 5.91 -26.35 -11.56
C ALA A 745 7.25 -26.85 -12.08
N GLU A 746 8.30 -26.62 -11.30
CA GLU A 746 9.61 -27.20 -11.59
C GLU A 746 10.37 -27.48 -10.28
N SER A 747 11.29 -28.45 -10.34
CA SER A 747 12.16 -28.69 -9.20
CA SER A 747 12.14 -28.77 -9.20
C SER A 747 13.53 -29.14 -9.69
N VAL A 748 14.54 -29.04 -8.81
CA VAL A 748 15.84 -29.66 -9.09
CA VAL A 748 15.85 -29.63 -9.09
C VAL A 748 16.15 -30.66 -8.01
N HIS A 749 16.80 -31.76 -8.39
CA HIS A 749 17.18 -32.82 -7.43
C HIS A 749 18.68 -33.17 -7.48
N PHE A 750 19.33 -33.19 -6.32
CA PHE A 750 20.71 -33.72 -6.25
C PHE A 750 20.72 -35.12 -5.66
N PHE A 751 21.64 -35.96 -6.16
CA PHE A 751 21.69 -37.37 -5.80
C PHE A 751 22.62 -37.72 -4.65
N ARG A 752 23.45 -36.76 -4.28
CA ARG A 752 24.39 -36.93 -3.17
C ARG A 752 24.35 -35.71 -2.29
N LYS A 753 24.90 -35.86 -1.08
CA LYS A 753 25.16 -34.72 -0.21
C LYS A 753 26.11 -33.73 -0.84
N THR A 754 25.88 -32.45 -0.56
CA THR A 754 26.69 -31.41 -1.13
C THR A 754 28.21 -31.64 -0.95
N LYS A 755 28.66 -32.02 0.26
CA LYS A 755 30.07 -32.29 0.48
C LYS A 755 30.62 -33.36 -0.47
N ASP A 756 29.74 -34.19 -1.01
CA ASP A 756 30.15 -35.30 -1.88
C ASP A 756 30.09 -34.94 -3.37
N LEU A 757 29.58 -33.74 -3.67
CA LEU A 757 29.47 -33.30 -5.06
C LEU A 757 30.81 -32.83 -5.59
N GLN A 758 31.06 -33.15 -6.85
CA GLN A 758 32.28 -32.75 -7.52
CA GLN A 758 32.29 -32.72 -7.50
C GLN A 758 32.00 -31.41 -8.19
N LEU A 759 31.81 -30.36 -7.40
CA LEU A 759 31.52 -29.01 -7.94
C LEU A 759 32.73 -28.39 -8.63
N PRO A 760 32.56 -27.90 -9.87
CA PRO A 760 33.59 -27.21 -10.63
C PRO A 760 33.83 -25.78 -10.13
N PRO A 761 35.10 -25.34 -10.10
CA PRO A 761 35.36 -23.93 -9.88
C PRO A 761 34.70 -23.10 -10.98
N THR A 762 34.06 -22.00 -10.58
CA THR A 762 33.28 -21.21 -11.53
C THR A 762 33.05 -19.76 -11.07
N SER A 763 32.82 -18.91 -12.05
CA SER A 763 32.55 -17.50 -11.84
C SER A 763 31.07 -17.26 -12.11
N VAL A 764 30.37 -16.68 -11.14
CA VAL A 764 29.06 -16.11 -11.44
C VAL A 764 29.29 -14.64 -11.83
N SER A 765 29.02 -14.37 -13.10
CA SER A 765 29.14 -13.02 -13.62
C SER A 765 27.74 -12.40 -13.61
N TYR A 766 27.67 -11.09 -13.62
CA TYR A 766 26.37 -10.46 -13.65
C TYR A 766 26.39 -9.11 -14.34
N GLN A 767 25.27 -8.76 -14.94
CA GLN A 767 25.02 -7.42 -15.42
C GLN A 767 24.02 -6.81 -14.44
N MET A 768 24.13 -5.50 -14.21
CA MET A 768 23.25 -4.78 -13.29
C MET A 768 22.60 -3.59 -13.98
N LYS A 769 21.31 -3.40 -13.75
CA LYS A 769 20.60 -2.19 -14.19
C LYS A 769 19.96 -1.49 -12.96
N GLN A 770 20.57 -0.43 -12.44
CA GLN A 770 20.17 0.18 -11.16
C GLN A 770 19.47 1.52 -11.33
N THR A 771 18.29 1.62 -10.72
CA THR A 771 17.48 2.84 -10.76
C THR A 771 17.06 3.14 -9.33
N ASP A 772 16.31 4.21 -9.12
CA ASP A 772 15.82 4.50 -7.76
C ASP A 772 14.93 3.37 -7.27
N GLY A 773 15.30 2.81 -6.12
CA GLY A 773 14.51 1.81 -5.46
C GLY A 773 14.67 0.39 -5.95
N LYS A 774 15.43 0.21 -7.03
CA LYS A 774 15.45 -1.07 -7.75
C LYS A 774 16.79 -1.38 -8.40
N CYS A 775 17.13 -2.66 -8.36
CA CYS A 775 18.30 -3.14 -9.05
CA CYS A 775 18.31 -3.17 -9.03
C CYS A 775 17.94 -4.47 -9.72
N GLU A 776 18.16 -4.54 -11.03
CA GLU A 776 17.87 -5.76 -11.76
C GLU A 776 19.18 -6.36 -12.19
N LEU A 777 19.44 -7.60 -11.76
CA LEU A 777 20.69 -8.31 -12.05
C LEU A 777 20.37 -9.46 -12.99
N THR A 778 21.28 -9.75 -13.92
CA THR A 778 21.17 -10.93 -14.78
C THR A 778 22.44 -11.72 -14.51
N LEU A 779 22.30 -12.92 -13.98
CA LEU A 779 23.45 -13.74 -13.59
C LEU A 779 23.64 -14.86 -14.58
N PHE A 780 24.91 -15.25 -14.72
CA PHE A 780 25.32 -16.28 -15.65
C PHE A 780 26.55 -17.02 -15.13
N SER A 781 26.53 -18.32 -15.33
CA SER A 781 27.68 -19.18 -15.06
C SER A 781 27.58 -20.33 -16.06
N SER A 782 28.65 -20.58 -16.80
CA SER A 782 28.64 -21.70 -17.74
C SER A 782 28.50 -23.04 -17.02
N MET A 783 28.95 -23.10 -15.76
CA MET A 783 28.84 -24.32 -14.95
C MET A 783 27.90 -24.15 -13.72
N LEU A 784 27.41 -25.25 -13.17
CA LEU A 784 26.63 -25.20 -11.93
C LEU A 784 27.31 -24.36 -10.85
N ALA A 785 26.53 -23.42 -10.28
CA ALA A 785 26.94 -22.70 -9.07
C ALA A 785 25.87 -23.00 -7.99
N LYS A 786 26.33 -23.62 -6.92
CA LYS A 786 25.48 -24.33 -5.95
C LYS A 786 25.01 -23.36 -4.85
N ASP A 787 23.70 -23.28 -4.56
CA ASP A 787 23.19 -22.51 -3.38
C ASP A 787 23.71 -21.08 -3.35
N ILE A 788 23.51 -20.36 -4.44
CA ILE A 788 24.10 -19.03 -4.55
C ILE A 788 23.42 -18.12 -3.54
N PHE A 789 24.25 -17.30 -2.90
CA PHE A 789 23.81 -16.17 -2.06
C PHE A 789 24.25 -14.84 -2.66
N ILE A 790 23.27 -14.02 -3.05
CA ILE A 790 23.54 -12.65 -3.53
C ILE A 790 23.47 -11.73 -2.33
N GLU A 791 24.65 -11.29 -1.89
CA GLU A 791 24.79 -10.54 -0.64
C GLU A 791 24.97 -9.06 -0.90
N THR A 792 24.12 -8.25 -0.27
CA THR A 792 24.27 -6.78 -0.37
C THR A 792 24.37 -6.14 1.03
N PRO A 793 24.99 -4.96 1.16
CA PRO A 793 25.12 -4.45 2.54
C PRO A 793 23.87 -3.73 3.07
N LEU A 794 22.89 -3.54 2.18
CA LEU A 794 21.73 -2.69 2.45
C LEU A 794 20.74 -3.44 3.32
N GLN A 795 20.50 -2.95 4.53
CA GLN A 795 19.64 -3.68 5.48
C GLN A 795 18.19 -3.73 4.99
N GLY A 796 17.57 -4.90 5.18
CA GLY A 796 16.21 -5.20 4.68
C GLY A 796 15.91 -5.18 3.18
N ALA A 797 16.95 -5.23 2.33
CA ALA A 797 16.73 -5.25 0.89
C ALA A 797 15.93 -6.51 0.55
N ARG A 798 14.99 -6.41 -0.39
CA ARG A 798 14.19 -7.57 -0.75
C ARG A 798 14.61 -8.10 -2.14
N TYR A 799 14.51 -9.41 -2.29
CA TYR A 799 14.98 -10.11 -3.51
C TYR A 799 13.84 -10.92 -4.14
N SER A 800 13.71 -10.89 -5.47
CA SER A 800 12.77 -11.77 -6.13
C SER A 800 13.08 -13.24 -5.84
N ASP A 801 14.38 -13.54 -5.68
CA ASP A 801 14.86 -14.88 -5.33
C ASP A 801 16.29 -14.81 -4.84
N ASN A 802 16.71 -15.81 -4.08
CA ASN A 802 18.05 -15.87 -3.53
C ASN A 802 18.21 -17.29 -2.96
N PHE A 803 19.44 -17.69 -2.66
CA PHE A 803 19.64 -19.05 -2.12
C PHE A 803 19.09 -20.14 -3.05
N PHE A 804 19.51 -20.05 -4.30
CA PHE A 804 19.03 -20.95 -5.35
C PHE A 804 20.26 -21.45 -6.11
N ASP A 805 20.11 -22.57 -6.81
CA ASP A 805 21.22 -23.13 -7.62
C ASP A 805 21.17 -22.41 -8.97
N LEU A 806 22.31 -21.83 -9.38
CA LEU A 806 22.36 -21.24 -10.71
C LEU A 806 22.80 -22.37 -11.66
N LEU A 807 21.93 -22.71 -12.60
CA LEU A 807 22.16 -23.90 -13.40
C LEU A 807 23.05 -23.54 -14.58
N PRO A 808 23.90 -24.50 -14.99
CA PRO A 808 24.96 -24.23 -15.98
C PRO A 808 24.37 -23.66 -17.28
N GLY A 809 24.88 -22.51 -17.71
CA GLY A 809 24.51 -21.87 -18.96
C GLY A 809 23.11 -21.31 -19.00
N GLU A 810 22.45 -21.19 -17.85
CA GLU A 810 21.05 -20.75 -17.82
C GLU A 810 21.01 -19.40 -17.14
N ARG A 811 20.54 -18.38 -17.86
CA ARG A 811 20.54 -17.02 -17.31
C ARG A 811 19.39 -16.88 -16.30
N LYS A 812 19.59 -16.05 -15.28
CA LYS A 812 18.61 -15.91 -14.20
C LYS A 812 18.54 -14.45 -13.83
N LYS A 813 17.33 -13.89 -13.92
CA LYS A 813 17.09 -12.49 -13.56
C LYS A 813 16.71 -12.45 -12.06
N VAL A 814 17.27 -11.48 -11.32
CA VAL A 814 16.93 -11.27 -9.90
C VAL A 814 16.73 -9.78 -9.68
N ILE A 815 15.59 -9.40 -9.10
CA ILE A 815 15.34 -7.98 -8.82
C ILE A 815 15.53 -7.73 -7.33
N ILE A 816 16.34 -6.72 -6.98
CA ILE A 816 16.57 -6.34 -5.61
C ILE A 816 15.92 -4.96 -5.41
N THR A 817 15.11 -4.83 -4.37
CA THR A 817 14.44 -3.57 -4.09
C THR A 817 14.73 -3.11 -2.68
N SER A 818 14.79 -1.80 -2.52
CA SER A 818 14.96 -1.12 -1.23
C SER A 818 14.71 0.36 -1.48
N PRO A 819 14.08 1.06 -0.51
CA PRO A 819 13.94 2.52 -0.74
C PRO A 819 15.28 3.26 -0.68
N ARG A 820 16.33 2.59 -0.20
CA ARG A 820 17.67 3.18 -0.08
C ARG A 820 18.49 3.11 -1.38
N ILE A 821 18.05 2.31 -2.34
CA ILE A 821 18.77 2.19 -3.62
C ILE A 821 18.64 3.49 -4.43
N LYS A 822 19.77 4.17 -4.60
CA LYS A 822 19.82 5.43 -5.37
C LYS A 822 20.43 5.18 -6.73
N LYS A 823 19.75 5.64 -7.79
CA LYS A 823 20.32 5.65 -9.13
C LYS A 823 21.71 6.34 -9.11
N GLY A 824 22.67 5.77 -9.83
CA GLY A 824 24.07 6.13 -9.66
C GLY A 824 24.61 5.33 -8.47
N GLU A 826 26.13 2.59 -7.56
CA GLU A 826 26.26 1.14 -7.77
C GLU A 826 26.00 0.45 -6.46
N LEU A 827 25.03 -0.44 -6.43
CA LEU A 827 24.79 -1.26 -5.22
C LEU A 827 25.88 -2.32 -5.08
N PRO A 828 26.58 -2.35 -3.93
CA PRO A 828 27.56 -3.40 -3.67
C PRO A 828 26.89 -4.79 -3.64
N VAL A 829 27.45 -5.71 -4.42
CA VAL A 829 26.92 -7.07 -4.57
C VAL A 829 28.07 -8.06 -4.49
N ASN A 830 27.95 -9.04 -3.59
CA ASN A 830 28.92 -10.13 -3.42
C ASN A 830 28.19 -11.46 -3.63
N ILE A 831 28.55 -12.20 -4.67
CA ILE A 831 27.86 -13.46 -4.92
C ILE A 831 28.69 -14.63 -4.34
N LYS A 832 28.09 -15.41 -3.45
CA LYS A 832 28.79 -16.54 -2.84
C LYS A 832 28.14 -17.80 -3.37
N HIS A 833 28.95 -18.86 -3.46
CA HIS A 833 28.41 -20.18 -3.82
C HIS A 833 29.32 -21.26 -3.23
N ILE A 834 28.84 -22.50 -3.19
CA ILE A 834 29.42 -23.50 -2.28
C ILE A 834 30.92 -23.79 -2.54
N ARG A 835 31.27 -23.99 -3.80
CA ARG A 835 32.65 -24.32 -4.23
CA ARG A 835 32.66 -24.34 -4.19
C ARG A 835 33.67 -23.28 -3.79
N GLU A 836 33.22 -22.04 -3.68
CA GLU A 836 34.09 -20.96 -3.24
C GLU A 836 34.57 -21.08 -1.81
N THR A 837 33.87 -21.87 -1.00
CA THR A 837 34.11 -21.88 0.45
C THR A 837 35.27 -22.79 0.90
N TYR A 838 35.83 -23.53 -0.05
CA TYR A 838 36.94 -24.43 0.26
C TYR A 838 37.88 -24.56 -0.92
N LYS A 839 39.11 -24.97 -0.67
CA LYS A 839 40.04 -25.15 -1.81
C LYS A 839 40.69 -26.54 -1.86
N GLY B 2 -10.04 -11.99 -21.63
CA GLY B 2 -10.89 -12.23 -20.42
C GLY B 2 -10.62 -13.60 -19.84
N ASN B 3 -11.49 -14.06 -18.94
N ASN B 3 -11.56 -14.07 -19.02
CA ASN B 3 -11.40 -15.45 -18.53
CA ASN B 3 -11.57 -15.42 -18.49
C ASN B 3 -12.18 -16.34 -19.47
C ASN B 3 -12.23 -16.38 -19.48
N ASP B 4 -11.43 -16.86 -20.43
CA ASP B 4 -11.95 -17.67 -21.51
C ASP B 4 -10.79 -18.60 -21.90
N THR B 5 -10.94 -19.32 -23.02
CA THR B 5 -9.96 -20.36 -23.36
C THR B 5 -8.80 -19.81 -24.15
N SER B 6 -8.80 -18.50 -24.43
CA SER B 6 -7.66 -17.90 -25.14
C SER B 6 -6.42 -17.93 -24.27
N GLU B 7 -5.27 -17.94 -24.91
CA GLU B 7 -4.01 -17.75 -24.24
C GLU B 7 -3.39 -16.43 -24.73
N VAL B 8 -2.85 -15.65 -23.81
CA VAL B 8 -2.19 -14.39 -24.14
C VAL B 8 -0.71 -14.49 -23.79
N MET B 9 0.16 -14.15 -24.74
CA MET B 9 1.59 -14.14 -24.48
C MET B 9 1.99 -12.65 -24.54
N LEU B 10 2.70 -12.18 -23.52
CA LEU B 10 3.10 -10.78 -23.49
C LEU B 10 4.46 -10.72 -24.14
N LEU B 11 4.66 -9.84 -25.13
CA LEU B 11 5.98 -9.72 -25.74
C LEU B 11 6.72 -8.59 -25.04
N ASP B 12 7.18 -8.88 -23.82
CA ASP B 12 7.71 -7.83 -22.95
C ASP B 12 9.18 -8.07 -22.60
N THR B 13 9.78 -9.10 -23.17
CA THR B 13 11.17 -9.39 -22.88
C THR B 13 11.95 -9.72 -24.17
N GLY B 14 13.27 -9.68 -24.05
CA GLY B 14 14.15 -10.04 -25.14
C GLY B 14 14.18 -9.08 -26.31
N TRP B 15 13.85 -7.80 -26.10
CA TRP B 15 13.88 -6.81 -27.16
C TRP B 15 15.22 -6.17 -27.25
N GLU B 16 15.59 -5.73 -28.44
CA GLU B 16 16.81 -5.01 -28.66
C GLU B 16 16.51 -3.86 -29.57
N PHE B 17 17.39 -2.87 -29.57
CA PHE B 17 17.22 -1.70 -30.37
C PHE B 17 18.55 -1.28 -31.02
N SER B 18 18.44 -0.47 -32.06
CA SER B 18 19.59 -0.02 -32.86
C SER B 18 19.28 1.32 -33.52
N GLN B 19 20.24 2.24 -33.47
CA GLN B 19 20.19 3.42 -34.28
C GLN B 19 20.38 2.96 -35.70
N SER B 20 19.40 3.26 -36.56
CA SER B 20 19.40 2.62 -37.86
C SER B 20 20.61 3.08 -38.69
N GLY B 21 21.21 2.13 -39.40
CA GLY B 21 22.42 2.40 -40.20
C GLY B 21 23.71 1.99 -39.49
N THR B 22 23.64 1.76 -38.19
CA THR B 22 24.83 1.41 -37.39
C THR B 22 25.04 -0.09 -37.18
N GLU B 23 24.01 -0.90 -37.45
CA GLU B 23 24.13 -2.36 -37.30
C GLU B 23 24.57 -2.81 -35.88
N LYS B 24 24.46 -1.89 -34.92
CA LYS B 24 24.82 -2.15 -33.54
C LYS B 24 23.56 -2.23 -32.67
N TRP B 25 23.39 -3.35 -31.96
CA TRP B 25 22.20 -3.67 -31.17
C TRP B 25 22.50 -3.73 -29.67
N MET B 26 21.53 -3.31 -28.85
N MET B 26 21.54 -3.27 -28.85
CA MET B 26 21.69 -3.36 -27.41
CA MET B 26 21.68 -3.24 -27.40
C MET B 26 20.33 -3.61 -26.80
C MET B 26 20.32 -3.59 -26.80
N PRO B 27 20.30 -4.15 -25.56
CA PRO B 27 19.04 -4.48 -24.89
C PRO B 27 18.10 -3.28 -24.79
N ALA B 28 16.82 -3.52 -25.01
CA ALA B 28 15.81 -2.47 -24.85
C ALA B 28 14.78 -2.92 -23.84
N THR B 29 13.97 -1.97 -23.34
CA THR B 29 12.87 -2.30 -22.45
C THR B 29 11.57 -1.91 -23.17
N VAL B 30 10.64 -2.87 -23.25
CA VAL B 30 9.34 -2.65 -23.93
C VAL B 30 8.20 -3.11 -22.98
N PRO B 31 7.17 -2.27 -22.80
CA PRO B 31 7.03 -0.92 -23.38
C PRO B 31 8.14 0.04 -22.93
N GLY B 32 8.48 0.98 -23.79
CA GLY B 32 9.51 1.97 -23.52
C GLY B 32 9.67 2.99 -24.62
N THR B 33 10.78 3.74 -24.54
CA THR B 33 11.10 4.81 -25.49
C THR B 33 12.56 4.69 -25.91
N VAL B 34 12.88 5.28 -27.05
CA VAL B 34 14.26 5.30 -27.54
C VAL B 34 15.12 6.05 -26.52
N HIS B 35 14.66 7.23 -26.09
CA HIS B 35 15.42 8.01 -25.11
C HIS B 35 15.75 7.25 -23.83
N GLN B 36 14.79 6.52 -23.25
CA GLN B 36 15.08 5.75 -22.05
C GLN B 36 16.04 4.55 -22.32
N ASP B 37 15.88 3.90 -23.45
CA ASP B 37 16.81 2.83 -23.81
C ASP B 37 18.26 3.39 -23.91
N LEU B 38 18.41 4.57 -24.51
CA LEU B 38 19.71 5.29 -24.60
C LEU B 38 20.20 5.74 -23.24
N ILE B 39 19.32 6.31 -22.42
CA ILE B 39 19.69 6.63 -21.02
C ILE B 39 20.16 5.40 -20.23
N SER B 40 19.51 4.26 -20.44
CA SER B 40 19.81 3.03 -19.71
CA SER B 40 19.82 3.05 -19.69
C SER B 40 21.23 2.53 -19.98
N HIS B 41 21.80 2.96 -21.10
CA HIS B 41 23.13 2.50 -21.52
C HIS B 41 24.10 3.66 -21.44
N GLU B 42 23.69 4.70 -20.73
CA GLU B 42 24.42 5.98 -20.65
C GLU B 42 24.86 6.55 -22.01
N LEU B 43 24.01 6.40 -23.03
CA LEU B 43 24.25 6.98 -24.37
C LEU B 43 23.53 8.31 -24.51
N LEU B 44 22.81 8.69 -23.44
CA LEU B 44 22.31 10.05 -23.24
C LEU B 44 22.62 10.51 -21.81
N PRO B 45 22.83 11.82 -21.64
CA PRO B 45 22.93 12.36 -20.28
C PRO B 45 21.54 12.40 -19.64
N ASN B 46 21.49 12.64 -18.33
CA ASN B 46 20.21 12.86 -17.66
C ASN B 46 19.52 14.02 -18.34
N PRO B 47 18.44 13.78 -19.12
CA PRO B 47 17.91 14.87 -19.93
C PRO B 47 17.30 16.02 -19.11
N PHE B 48 16.95 15.73 -17.86
CA PHE B 48 16.28 16.72 -16.99
C PHE B 48 17.28 17.62 -16.26
N TYR B 49 18.55 17.23 -16.27
CA TYR B 49 19.61 17.95 -15.53
C TYR B 49 20.20 19.17 -16.25
N GLY B 50 20.47 20.25 -15.50
CA GLY B 50 21.14 21.44 -16.06
C GLY B 50 20.73 21.98 -17.42
N MET B 51 21.67 22.02 -18.36
CA MET B 51 21.40 22.56 -19.71
C MET B 51 21.28 21.41 -20.76
N ASN B 52 21.10 20.19 -20.25
CA ASN B 52 21.05 18.94 -21.06
C ASN B 52 19.95 18.84 -22.15
N GLU B 53 18.95 19.72 -22.16
CA GLU B 53 17.90 19.65 -23.21
C GLU B 53 18.49 19.73 -24.64
N LYS B 54 19.36 20.71 -24.85
CA LYS B 54 20.07 20.90 -26.13
C LYS B 54 20.87 19.65 -26.52
N LYS B 55 21.39 18.96 -25.52
CA LYS B 55 22.31 17.83 -25.70
C LYS B 55 21.64 16.54 -26.17
N ILE B 56 20.30 16.47 -26.07
CA ILE B 56 19.61 15.21 -26.35
C ILE B 56 18.75 15.32 -27.63
N GLN B 57 18.80 16.48 -28.29
CA GLN B 57 17.90 16.76 -29.41
C GLN B 57 18.19 15.93 -30.67
N TRP B 58 19.42 15.43 -30.76
CA TRP B 58 19.91 14.68 -31.95
C TRP B 58 19.07 13.42 -32.26
N VAL B 59 18.51 12.84 -31.20
CA VAL B 59 17.78 11.61 -31.27
C VAL B 59 16.63 11.70 -32.26
N GLU B 60 15.91 12.83 -32.32
CA GLU B 60 14.68 12.99 -33.13
C GLU B 60 15.00 12.97 -34.61
N ASN B 61 16.29 13.12 -34.93
CA ASN B 61 16.75 13.12 -36.32
C ASN B 61 17.18 11.73 -36.85
N GLU B 62 17.29 10.75 -35.96
CA GLU B 62 17.66 9.40 -36.38
C GLU B 62 16.43 8.51 -36.58
N ASP B 63 16.59 7.43 -37.34
CA ASP B 63 15.61 6.35 -37.33
C ASP B 63 16.08 5.32 -36.35
N TRP B 64 15.12 4.58 -35.80
CA TRP B 64 15.40 3.61 -34.74
C TRP B 64 14.74 2.28 -35.06
N GLU B 65 15.49 1.19 -34.83
CA GLU B 65 14.96 -0.15 -35.09
C GLU B 65 14.87 -0.95 -33.82
N TYR B 66 13.77 -1.71 -33.67
CA TYR B 66 13.57 -2.62 -32.54
C TYR B 66 13.35 -3.99 -33.07
N ARG B 67 13.77 -4.99 -32.30
CA ARG B 67 13.56 -6.40 -32.67
C ARG B 67 13.44 -7.27 -31.44
N THR B 68 12.66 -8.34 -31.60
CA THR B 68 12.60 -9.40 -30.64
C THR B 68 12.32 -10.72 -31.35
N SER B 69 12.61 -11.83 -30.69
CA SER B 69 12.17 -13.14 -31.19
CA SER B 69 12.16 -13.13 -31.19
C SER B 69 11.37 -13.88 -30.13
N PHE B 70 10.57 -14.84 -30.55
CA PHE B 70 9.72 -15.60 -29.63
C PHE B 70 9.38 -16.97 -30.21
N ILE B 71 9.06 -17.92 -29.33
CA ILE B 71 8.74 -19.29 -29.72
C ILE B 71 7.23 -19.51 -29.78
N VAL B 72 6.79 -20.17 -30.85
CA VAL B 72 5.42 -20.64 -30.94
C VAL B 72 5.37 -22.17 -31.09
N SER B 73 4.50 -22.81 -30.31
CA SER B 73 4.45 -24.27 -30.27
C SER B 73 3.49 -24.78 -31.33
N GLU B 74 3.55 -26.10 -31.61
CA GLU B 74 2.64 -26.75 -32.49
C GLU B 74 1.20 -26.61 -31.98
N GLU B 75 0.99 -26.73 -30.68
CA GLU B 75 -0.39 -26.60 -30.20
C GLU B 75 -0.92 -25.17 -30.33
N GLN B 76 -0.05 -24.17 -30.07
CA GLN B 76 -0.39 -22.76 -30.32
C GLN B 76 -0.72 -22.48 -31.77
N LEU B 77 0.09 -23.04 -32.68
CA LEU B 77 -0.21 -22.96 -34.12
C LEU B 77 -1.48 -23.66 -34.58
N ASN B 78 -2.02 -24.55 -33.75
CA ASN B 78 -3.28 -25.19 -34.07
C ASN B 78 -4.53 -24.47 -33.61
N ARG B 79 -4.37 -23.35 -32.87
CA ARG B 79 -5.54 -22.54 -32.49
C ARG B 79 -6.19 -21.97 -33.76
N ASP B 80 -7.49 -21.71 -33.73
CA ASP B 80 -8.23 -21.19 -34.88
C ASP B 80 -7.71 -19.83 -35.33
N GLY B 81 -7.28 -19.01 -34.37
CA GLY B 81 -6.93 -17.63 -34.72
C GLY B 81 -5.77 -17.22 -33.84
N ILE B 82 -4.89 -16.38 -34.39
CA ILE B 82 -3.79 -15.78 -33.63
C ILE B 82 -3.66 -14.30 -34.01
N GLN B 83 -3.70 -13.41 -33.00
CA GLN B 83 -3.66 -11.94 -33.24
C GLN B 83 -2.43 -11.38 -32.58
N LEU B 84 -1.82 -10.38 -33.23
CA LEU B 84 -0.75 -9.63 -32.62
C LEU B 84 -1.32 -8.22 -32.37
N ILE B 85 -1.30 -7.81 -31.12
CA ILE B 85 -1.96 -6.58 -30.74
C ILE B 85 -0.91 -5.54 -30.27
N PHE B 86 -0.95 -4.33 -30.84
CA PHE B 86 -0.05 -3.27 -30.42
C PHE B 86 -0.95 -2.24 -29.77
N GLU B 87 -0.86 -2.09 -28.46
CA GLU B 87 -1.66 -1.05 -27.79
C GLU B 87 -1.19 0.39 -28.06
N GLY B 88 0.02 0.54 -28.55
CA GLY B 88 0.57 1.84 -28.96
C GLY B 88 1.96 1.80 -29.61
N LEU B 89 2.09 2.47 -30.75
CA LEU B 89 3.35 2.64 -31.49
C LEU B 89 3.52 4.12 -31.80
N ASP B 90 4.63 4.66 -31.33
CA ASP B 90 4.94 6.09 -31.44
C ASP B 90 6.08 6.24 -32.49
N THR B 91 5.83 6.55 -33.77
CA THR B 91 4.53 6.76 -34.44
C THR B 91 4.49 6.15 -35.85
N TYR B 92 5.46 6.54 -36.67
CA TYR B 92 5.57 6.01 -38.04
C TYR B 92 6.43 4.76 -37.99
N ALA B 93 5.79 3.59 -37.79
CA ALA B 93 6.44 2.30 -37.53
C ALA B 93 6.04 1.30 -38.59
N ASP B 94 7.02 0.65 -39.21
CA ASP B 94 6.77 -0.43 -40.18
C ASP B 94 7.01 -1.70 -39.43
N VAL B 95 5.96 -2.49 -39.29
CA VAL B 95 6.03 -3.71 -38.50
C VAL B 95 6.16 -4.96 -39.41
N TYR B 96 7.26 -5.69 -39.22
CA TYR B 96 7.60 -6.89 -40.04
C TYR B 96 7.64 -8.12 -39.15
N LEU B 97 6.97 -9.18 -39.56
CA LEU B 97 7.06 -10.41 -38.81
C LEU B 97 7.39 -11.51 -39.83
N ASN B 98 8.52 -12.20 -39.64
CA ASN B 98 8.83 -13.38 -40.50
C ASN B 98 8.78 -13.04 -41.98
N GLY B 99 9.27 -11.85 -42.31
CA GLY B 99 9.34 -11.42 -43.72
C GLY B 99 8.08 -10.78 -44.28
N SER B 100 7.01 -10.68 -43.48
CA SER B 100 5.75 -10.07 -43.91
C SER B 100 5.69 -8.66 -43.35
N LEU B 101 5.33 -7.70 -44.18
CA LEU B 101 5.01 -6.35 -43.67
C LEU B 101 3.57 -6.36 -43.19
N LEU B 102 3.40 -6.32 -41.86
CA LEU B 102 2.08 -6.41 -41.26
C LEU B 102 1.24 -5.13 -41.27
N LEU B 103 1.96 -4.01 -41.17
CA LEU B 103 1.34 -2.73 -40.76
C LEU B 103 2.35 -1.62 -40.96
N LYS B 104 1.89 -0.49 -41.53
CA LYS B 104 2.65 0.75 -41.55
C LYS B 104 1.86 1.68 -40.63
N ALA B 105 2.24 1.69 -39.37
CA ALA B 105 1.51 2.47 -38.32
C ALA B 105 1.76 3.98 -38.51
N ASP B 106 0.80 4.84 -38.14
CA ASP B 106 0.95 6.29 -38.36
C ASP B 106 0.12 7.11 -37.38
N ASN B 107 -0.15 6.52 -36.22
CA ASN B 107 -0.94 7.24 -35.20
C ASN B 107 -0.64 6.69 -33.81
N MET B 108 0.01 7.52 -33.00
CA MET B 108 0.42 7.11 -31.68
C MET B 108 -0.81 6.70 -30.83
N PHE B 109 -1.96 7.28 -31.11
CA PHE B 109 -3.19 7.14 -30.31
C PHE B 109 -4.12 5.97 -30.67
N VAL B 110 -3.69 5.12 -31.60
CA VAL B 110 -4.53 4.01 -32.10
C VAL B 110 -3.91 2.67 -31.68
N GLY B 111 -4.76 1.77 -31.20
CA GLY B 111 -4.36 0.38 -30.95
C GLY B 111 -4.59 -0.39 -32.24
N TYR B 112 -3.69 -1.31 -32.56
CA TYR B 112 -3.83 -2.09 -33.80
C TYR B 112 -3.90 -3.58 -33.43
N THR B 113 -4.79 -4.33 -34.08
CA THR B 113 -4.95 -5.75 -33.82
C THR B 113 -4.76 -6.45 -35.17
N LEU B 114 -3.78 -7.35 -35.27
CA LEU B 114 -3.30 -7.85 -36.58
C LEU B 114 -3.47 -9.37 -36.62
N PRO B 115 -4.21 -9.91 -37.62
CA PRO B 115 -4.29 -11.38 -37.71
C PRO B 115 -2.94 -11.91 -38.18
N VAL B 116 -2.37 -12.89 -37.50
CA VAL B 116 -1.01 -13.35 -37.89
C VAL B 116 -0.81 -14.90 -37.94
N LYS B 117 -1.86 -15.68 -37.73
CA LYS B 117 -1.73 -17.13 -37.71
C LYS B 117 -0.97 -17.65 -38.95
N SER B 118 -1.29 -17.15 -40.15
CA SER B 118 -0.69 -17.72 -41.35
C SER B 118 0.73 -17.23 -41.64
N VAL B 119 1.25 -16.24 -40.90
CA VAL B 119 2.64 -15.83 -41.05
C VAL B 119 3.55 -16.40 -39.95
N LEU B 120 2.94 -16.94 -38.90
CA LEU B 120 3.72 -17.50 -37.80
C LEU B 120 4.33 -18.85 -38.20
N ARG B 121 5.43 -19.21 -37.54
CA ARG B 121 6.11 -20.49 -37.77
C ARG B 121 6.24 -21.27 -36.44
N LYS B 122 6.23 -22.61 -36.51
CA LYS B 122 6.56 -23.43 -35.33
C LYS B 122 8.02 -23.18 -34.98
N GLY B 123 8.35 -23.02 -33.69
CA GLY B 123 9.74 -22.61 -33.36
C GLY B 123 9.91 -21.09 -33.28
N GLU B 124 11.13 -20.63 -33.63
CA GLU B 124 11.52 -19.20 -33.65
C GLU B 124 10.72 -18.32 -34.61
N ASN B 125 10.27 -17.17 -34.09
CA ASN B 125 9.62 -16.14 -34.90
C ASN B 125 10.36 -14.81 -34.69
N HIS B 126 10.43 -14.00 -35.74
CA HIS B 126 11.18 -12.75 -35.66
C HIS B 126 10.32 -11.54 -35.94
N LEU B 127 10.23 -10.65 -34.98
CA LEU B 127 9.48 -9.38 -35.12
C LEU B 127 10.48 -8.22 -35.21
N TYR B 128 10.40 -7.42 -36.27
CA TYR B 128 11.27 -6.26 -36.39
C TYR B 128 10.38 -5.05 -36.61
N ILE B 129 10.72 -3.93 -35.97
CA ILE B 129 9.92 -2.74 -36.17
C ILE B 129 10.85 -1.59 -36.51
N TYR B 130 10.54 -0.88 -37.60
CA TYR B 130 11.34 0.25 -38.05
C TYR B 130 10.59 1.56 -37.76
N PHE B 131 11.12 2.31 -36.80
CA PHE B 131 10.58 3.68 -36.54
C PHE B 131 11.24 4.77 -37.35
N HIS B 132 10.50 5.30 -38.31
CA HIS B 132 10.94 6.49 -39.02
C HIS B 132 10.88 7.69 -38.08
N SER B 133 11.95 8.47 -38.05
CA SER B 133 11.97 9.79 -37.41
C SER B 133 10.73 10.59 -37.80
N PRO B 134 9.94 11.01 -36.81
CA PRO B 134 8.73 11.75 -37.14
C PRO B 134 9.10 13.13 -37.72
N ILE B 135 10.33 13.58 -37.48
CA ILE B 135 10.84 14.84 -38.08
C ILE B 135 11.12 14.62 -39.58
N ARG B 136 12.10 13.77 -39.86
CA ARG B 136 12.45 13.52 -41.26
C ARG B 136 11.29 12.92 -42.07
N GLN B 137 10.37 12.22 -41.41
CA GLN B 137 9.16 11.75 -42.10
C GLN B 137 8.27 12.89 -42.60
N THR B 138 8.19 14.02 -41.87
CA THR B 138 7.25 15.08 -42.22
C THR B 138 7.91 16.32 -42.87
N LEU B 139 9.22 16.29 -43.01
CA LEU B 139 9.91 17.36 -43.73
C LEU B 139 9.40 17.58 -45.14
N PRO B 140 9.20 16.48 -45.92
CA PRO B 140 8.64 16.63 -47.24
C PRO B 140 7.24 17.16 -47.18
N GLN B 141 6.44 16.66 -46.22
CA GLN B 141 5.07 17.13 -46.05
C GLN B 141 5.06 18.64 -45.81
N TYR B 142 5.94 19.08 -44.91
CA TYR B 142 6.13 20.51 -44.59
C TYR B 142 6.57 21.35 -45.82
N ALA B 143 7.61 20.88 -46.51
CA ALA B 143 8.05 21.47 -47.81
C ALA B 143 6.93 21.65 -48.83
N SER B 144 6.00 20.70 -48.91
CA SER B 144 4.89 20.76 -49.82
C SER B 144 3.80 21.74 -49.40
N ASN B 145 3.79 22.15 -48.14
CA ASN B 145 2.66 22.87 -47.58
C ASN B 145 2.58 24.35 -47.99
N GLY B 146 3.73 24.98 -48.11
CA GLY B 146 3.80 26.38 -48.54
C GLY B 146 3.36 27.40 -47.49
N PHE B 147 3.38 26.97 -46.22
CA PHE B 147 3.32 27.84 -45.03
C PHE B 147 3.67 27.03 -43.77
N ASN B 148 3.96 27.73 -42.68
CA ASN B 148 4.31 27.11 -41.42
C ASN B 148 3.10 27.27 -40.49
N TYR B 149 2.55 26.17 -39.98
CA TYR B 149 1.42 26.29 -39.02
C TYR B 149 1.89 27.03 -37.78
N PRO B 150 1.02 27.87 -37.21
CA PRO B 150 1.48 28.64 -36.01
C PRO B 150 1.44 27.89 -34.67
N ALA B 151 2.16 26.79 -34.57
CA ALA B 151 2.31 26.07 -33.33
C ALA B 151 3.49 26.60 -32.52
N ASP B 152 3.28 27.69 -31.80
CA ASP B 152 4.37 28.29 -31.03
C ASP B 152 4.96 27.40 -29.94
N ASN B 153 4.16 26.44 -29.43
CA ASN B 153 4.66 25.46 -28.46
C ASN B 153 5.54 24.32 -29.06
N ASP B 154 5.58 24.23 -30.39
CA ASP B 154 6.45 23.29 -31.09
C ASP B 154 7.82 23.97 -31.20
N HIS B 155 8.77 23.51 -30.39
CA HIS B 155 10.03 24.21 -30.15
C HIS B 155 11.08 23.87 -31.22
N HIS B 156 10.80 24.32 -32.42
CA HIS B 156 11.64 24.06 -33.61
C HIS B 156 11.26 25.13 -34.63
N GLU B 157 12.19 25.49 -35.53
CA GLU B 157 11.88 26.41 -36.64
C GLU B 157 10.68 26.00 -37.48
N LYS B 158 10.58 24.69 -37.75
CA LYS B 158 9.51 24.15 -38.56
C LYS B 158 8.53 23.43 -37.66
N HIS B 159 7.27 23.76 -37.76
CA HIS B 159 6.26 23.24 -36.80
C HIS B 159 5.63 21.98 -37.36
N LEU B 160 6.36 20.89 -37.17
CA LEU B 160 6.06 19.58 -37.80
C LEU B 160 5.05 18.78 -37.00
N SER B 161 4.86 19.18 -35.75
CA SER B 161 3.93 18.46 -34.87
C SER B 161 2.56 18.31 -35.52
N VAL B 162 2.07 19.35 -36.23
CA VAL B 162 0.71 19.39 -36.69
C VAL B 162 0.41 18.31 -37.75
N PHE B 163 1.47 17.84 -38.40
CA PHE B 163 1.29 16.80 -39.40
C PHE B 163 1.15 15.38 -38.82
N SER B 164 1.55 15.20 -37.56
CA SER B 164 1.65 13.86 -36.98
C SER B 164 0.63 13.68 -35.88
N ARG B 165 -0.05 12.54 -35.87
CA ARG B 165 -0.90 12.18 -34.74
C ARG B 165 0.01 11.58 -33.66
N LYS B 166 0.62 12.47 -32.86
CA LYS B 166 1.61 12.15 -31.87
C LYS B 166 1.44 13.21 -30.77
N ALA B 167 1.66 12.82 -29.52
CA ALA B 167 1.48 13.70 -28.33
C ALA B 167 2.04 15.11 -28.60
N PRO B 168 1.15 16.13 -28.70
CA PRO B 168 1.64 17.51 -28.98
C PRO B 168 2.80 17.95 -28.13
N TYR B 169 2.71 17.72 -26.81
CA TYR B 169 3.67 18.20 -25.82
C TYR B 169 5.06 17.64 -26.04
N SER B 170 5.17 16.53 -26.79
CA SER B 170 6.50 15.89 -26.98
C SER B 170 7.43 16.82 -27.77
N TYR B 171 6.84 17.71 -28.57
CA TYR B 171 7.60 18.68 -29.37
C TYR B 171 7.99 19.92 -28.56
N GLY B 172 7.69 19.86 -27.25
CA GLY B 172 7.83 21.00 -26.33
C GLY B 172 6.49 21.61 -25.94
N TRP B 173 6.48 22.34 -24.82
CA TRP B 173 5.32 23.16 -24.49
C TRP B 173 5.85 24.26 -23.52
N ASP B 174 4.98 25.14 -23.04
CA ASP B 174 5.44 26.24 -22.12
C ASP B 174 5.72 25.83 -20.64
N TRP B 175 5.56 24.54 -20.32
CA TRP B 175 6.09 23.95 -19.08
C TRP B 175 6.91 22.73 -19.38
N GLY B 176 7.25 22.51 -20.66
CA GLY B 176 7.75 21.16 -21.06
C GLY B 176 9.02 21.09 -21.90
N ILE B 177 9.80 20.04 -21.66
CA ILE B 177 11.07 19.76 -22.39
C ILE B 177 10.70 19.17 -23.77
N ARG B 178 11.48 19.48 -24.81
CA ARG B 178 11.28 18.85 -26.12
C ARG B 178 12.01 17.51 -26.08
N MET B 179 11.23 16.43 -26.13
CA MET B 179 11.78 15.08 -26.31
C MET B 179 10.89 14.34 -27.31
N VAL B 180 11.20 14.55 -28.58
CA VAL B 180 10.42 13.96 -29.67
C VAL B 180 10.87 12.47 -29.73
N THR B 181 10.16 11.62 -28.99
CA THR B 181 10.62 10.24 -28.78
C THR B 181 9.86 9.30 -29.74
N SER B 182 10.18 8.01 -29.63
CA SER B 182 9.65 6.97 -30.49
C SER B 182 9.69 5.68 -29.72
N GLY B 183 8.96 4.69 -30.23
CA GLY B 183 8.99 3.38 -29.67
C GLY B 183 7.65 2.71 -29.45
N VAL B 184 7.74 1.55 -28.82
CA VAL B 184 6.60 0.71 -28.50
C VAL B 184 6.15 1.21 -27.14
N TRP B 185 5.20 2.16 -27.11
CA TRP B 185 4.96 2.92 -25.88
C TRP B 185 3.87 2.33 -24.98
N ARG B 186 3.11 1.35 -25.50
CA ARG B 186 2.17 0.56 -24.69
C ARG B 186 2.34 -0.92 -25.05
N PRO B 187 1.72 -1.84 -24.29
CA PRO B 187 2.10 -3.25 -24.44
C PRO B 187 1.81 -3.92 -25.80
N VAL B 188 2.62 -4.95 -26.08
CA VAL B 188 2.41 -5.81 -27.26
C VAL B 188 2.11 -7.21 -26.75
N THR B 189 1.09 -7.83 -27.35
N THR B 189 1.04 -7.81 -27.28
CA THR B 189 0.59 -9.09 -26.88
CA THR B 189 0.61 -9.13 -26.86
C THR B 189 0.34 -9.96 -28.10
C THR B 189 0.16 -9.98 -28.04
N LEU B 190 0.37 -11.29 -27.91
CA LEU B 190 -0.12 -12.25 -28.91
C LEU B 190 -1.26 -13.02 -28.28
N ARG B 191 -2.38 -13.11 -28.97
CA ARG B 191 -3.56 -13.81 -28.42
C ARG B 191 -3.87 -15.03 -29.30
N PHE B 192 -3.84 -16.22 -28.71
CA PHE B 192 -4.18 -17.51 -29.39
C PHE B 192 -5.58 -17.91 -28.93
N TYR B 193 -6.51 -18.11 -29.85
CA TYR B 193 -7.90 -18.32 -29.46
C TYR B 193 -8.66 -19.28 -30.39
N ASP B 194 -9.83 -19.74 -29.96
CA ASP B 194 -10.69 -20.44 -30.90
C ASP B 194 -11.98 -19.72 -31.18
N ILE B 195 -12.49 -19.96 -32.41
CA ILE B 195 -13.80 -19.51 -32.90
C ILE B 195 -13.82 -18.00 -33.15
N ALA B 196 -13.61 -17.20 -32.10
CA ALA B 196 -13.96 -15.78 -32.21
C ALA B 196 -13.36 -14.98 -31.07
N THR B 197 -13.27 -13.67 -31.29
CA THR B 197 -12.90 -12.73 -30.21
C THR B 197 -14.05 -11.73 -30.07
N ILE B 198 -14.24 -11.20 -28.86
CA ILE B 198 -15.10 -10.05 -28.69
C ILE B 198 -14.23 -8.81 -29.02
N SER B 199 -14.49 -8.14 -30.12
CA SER B 199 -13.64 -6.98 -30.42
CA SER B 199 -13.73 -6.94 -30.52
C SER B 199 -14.15 -5.74 -29.70
N ASP B 200 -15.39 -5.75 -29.24
CA ASP B 200 -15.91 -4.60 -28.44
C ASP B 200 -17.09 -5.06 -27.62
N TYR B 201 -17.13 -4.55 -26.40
CA TYR B 201 -18.28 -4.69 -25.51
C TYR B 201 -18.62 -3.34 -24.91
N TYR B 202 -19.83 -2.89 -25.21
CA TYR B 202 -20.35 -1.61 -24.77
C TYR B 202 -21.62 -1.84 -23.94
N VAL B 203 -21.56 -1.40 -22.68
CA VAL B 203 -22.73 -1.42 -21.81
C VAL B 203 -23.43 -0.07 -21.91
N ARG B 204 -24.49 -0.02 -22.70
CA ARG B 204 -25.23 1.23 -22.95
C ARG B 204 -26.34 1.38 -21.93
N GLN B 205 -26.28 2.48 -21.16
CA GLN B 205 -27.36 2.80 -20.27
C GLN B 205 -28.54 3.46 -21.01
N LEU B 206 -29.68 2.78 -21.01
CA LEU B 206 -30.92 3.27 -21.65
C LEU B 206 -31.71 4.20 -20.75
N SER B 207 -31.83 3.85 -19.47
CA SER B 207 -32.55 4.71 -18.52
C SER B 207 -32.04 4.35 -17.16
N LEU B 208 -32.15 5.31 -16.24
CA LEU B 208 -31.84 5.07 -14.85
C LEU B 208 -32.81 5.83 -13.93
N THR B 209 -33.47 5.10 -13.03
CA THR B 209 -34.23 5.71 -11.95
C THR B 209 -33.86 5.03 -10.63
N ASP B 210 -34.38 5.51 -9.51
CA ASP B 210 -34.09 4.86 -8.24
C ASP B 210 -34.62 3.41 -8.23
N GLU B 211 -35.63 3.14 -9.05
CA GLU B 211 -36.27 1.81 -9.09
C GLU B 211 -35.62 0.83 -10.05
N ASN B 212 -35.02 1.33 -11.13
CA ASN B 212 -34.58 0.44 -12.20
C ASN B 212 -33.54 1.06 -13.11
N ALA B 213 -32.52 0.25 -13.48
CA ALA B 213 -31.57 0.63 -14.48
C ALA B 213 -31.78 -0.28 -15.68
N ARG B 214 -31.99 0.32 -16.84
CA ARG B 214 -32.10 -0.49 -18.08
C ARG B 214 -30.86 -0.35 -18.95
N LEU B 215 -30.24 -1.50 -19.22
CA LEU B 215 -29.01 -1.57 -19.97
C LEU B 215 -29.18 -2.33 -21.27
N SER B 216 -28.38 -1.95 -22.27
CA SER B 216 -28.26 -2.69 -23.49
C SER B 216 -26.78 -3.09 -23.66
N ASN B 217 -26.55 -4.39 -23.64
CA ASN B 217 -25.23 -4.98 -23.84
C ASN B 217 -25.01 -5.18 -25.31
N GLU B 218 -24.12 -4.36 -25.90
CA GLU B 218 -23.78 -4.43 -27.31
C GLU B 218 -22.43 -5.05 -27.49
N LEU B 219 -22.42 -6.18 -28.17
CA LEU B 219 -21.17 -6.87 -28.50
C LEU B 219 -20.90 -6.89 -29.97
N ILE B 220 -19.65 -6.69 -30.31
CA ILE B 220 -19.15 -6.95 -31.65
C ILE B 220 -18.22 -8.16 -31.54
N VAL B 221 -18.60 -9.23 -32.23
CA VAL B 221 -17.86 -10.52 -32.17
C VAL B 221 -17.22 -10.82 -33.53
N ASN B 222 -15.91 -11.04 -33.55
CA ASN B 222 -15.21 -11.35 -34.81
C ASN B 222 -14.85 -12.83 -34.86
N GLN B 223 -15.58 -13.54 -35.74
CA GLN B 223 -15.41 -14.98 -35.92
C GLN B 223 -14.42 -15.28 -37.03
N ILE B 224 -13.45 -16.12 -36.69
CA ILE B 224 -12.30 -16.38 -37.56
C ILE B 224 -12.46 -17.66 -38.40
N VAL B 225 -13.39 -18.54 -38.00
CA VAL B 225 -13.58 -19.81 -38.72
C VAL B 225 -14.64 -19.67 -39.81
N PRO B 226 -14.56 -20.51 -40.87
CA PRO B 226 -15.47 -20.42 -42.02
C PRO B 226 -16.90 -20.91 -41.80
N GLN B 227 -17.13 -21.78 -40.83
CA GLN B 227 -18.45 -22.38 -40.72
C GLN B 227 -19.45 -21.56 -39.88
N LYS B 228 -20.76 -21.81 -40.03
CA LYS B 228 -21.75 -21.26 -39.09
C LYS B 228 -21.50 -21.87 -37.73
N ILE B 229 -21.42 -21.03 -36.68
CA ILE B 229 -21.19 -21.54 -35.33
C ILE B 229 -22.34 -21.23 -34.39
N PRO B 230 -23.02 -22.28 -33.89
CA PRO B 230 -23.97 -22.12 -32.80
C PRO B 230 -23.27 -21.68 -31.52
N ALA B 231 -23.84 -20.69 -30.85
CA ALA B 231 -23.24 -20.13 -29.64
C ALA B 231 -24.33 -19.64 -28.72
N GLU B 232 -23.97 -19.49 -27.44
CA GLU B 232 -24.81 -18.81 -26.49
C GLU B 232 -24.02 -17.60 -25.95
N VAL B 233 -24.57 -16.40 -26.11
CA VAL B 233 -24.03 -15.20 -25.42
C VAL B 233 -24.61 -15.11 -24.00
N ARG B 234 -23.75 -14.93 -22.99
CA ARG B 234 -24.20 -14.83 -21.60
C ARG B 234 -23.66 -13.52 -21.04
N VAL B 235 -24.53 -12.78 -20.39
CA VAL B 235 -24.07 -11.59 -19.65
C VAL B 235 -24.38 -11.76 -18.19
N ASN B 236 -23.31 -11.72 -17.37
CA ASN B 236 -23.49 -11.74 -15.93
C ASN B 236 -23.23 -10.35 -15.38
N VAL B 237 -24.16 -9.85 -14.57
CA VAL B 237 -24.00 -8.61 -13.82
C VAL B 237 -23.90 -8.96 -12.32
N SER B 238 -22.82 -8.52 -11.69
CA SER B 238 -22.60 -8.80 -10.28
CA SER B 238 -22.68 -8.77 -10.27
C SER B 238 -22.21 -7.51 -9.56
N LEU B 239 -22.41 -7.48 -8.26
CA LEU B 239 -22.00 -6.35 -7.42
C LEU B 239 -21.31 -6.97 -6.24
N ASN B 240 -20.03 -6.65 -6.09
CA ASN B 240 -19.21 -7.12 -4.95
C ASN B 240 -19.28 -8.63 -4.77
N GLY B 241 -19.23 -9.36 -5.87
CA GLY B 241 -19.04 -10.84 -5.81
C GLY B 241 -20.34 -11.64 -5.78
N THR B 242 -21.47 -10.94 -5.84
CA THR B 242 -22.76 -11.60 -5.95
C THR B 242 -23.54 -11.18 -7.20
N THR B 243 -23.93 -12.20 -7.99
CA THR B 243 -24.79 -12.02 -9.14
C THR B 243 -26.07 -11.28 -8.81
N VAL B 244 -26.33 -10.21 -9.57
CA VAL B 244 -27.59 -9.51 -9.44
C VAL B 244 -28.54 -9.83 -10.61
N THR B 245 -28.00 -9.98 -11.83
CA THR B 245 -28.79 -10.42 -13.01
C THR B 245 -27.96 -11.19 -14.01
N GLU B 246 -28.62 -12.11 -14.72
CA GLU B 246 -27.96 -12.94 -15.70
C GLU B 246 -28.88 -13.00 -16.92
N VAL B 247 -28.34 -12.74 -18.11
CA VAL B 247 -29.14 -12.83 -19.33
C VAL B 247 -28.37 -13.66 -20.34
N LYS B 248 -29.10 -14.34 -21.21
CA LYS B 248 -28.49 -15.20 -22.23
C LYS B 248 -29.32 -15.21 -23.51
N GLN B 249 -28.66 -15.49 -24.62
CA GLN B 249 -29.29 -15.46 -25.91
C GLN B 249 -28.56 -16.49 -26.81
N GLN B 250 -29.33 -17.31 -27.52
CA GLN B 250 -28.74 -18.26 -28.48
C GLN B 250 -28.47 -17.47 -29.73
N VAL B 251 -27.32 -17.69 -30.33
CA VAL B 251 -27.00 -16.99 -31.58
C VAL B 251 -26.33 -17.98 -32.51
N THR B 252 -26.33 -17.64 -33.79
CA THR B 252 -25.54 -18.33 -34.76
C THR B 252 -24.58 -17.32 -35.32
N LEU B 253 -23.29 -17.54 -35.08
CA LEU B 253 -22.24 -16.66 -35.52
C LEU B 253 -21.85 -16.98 -36.96
N GLN B 254 -21.66 -15.94 -37.77
CA GLN B 254 -21.16 -16.09 -39.14
C GLN B 254 -19.69 -15.67 -39.18
N PRO B 255 -18.93 -16.17 -40.18
CA PRO B 255 -17.56 -15.70 -40.34
C PRO B 255 -17.54 -14.17 -40.40
N GLY B 256 -16.52 -13.57 -39.76
CA GLY B 256 -16.33 -12.11 -39.76
C GLY B 256 -17.16 -11.44 -38.67
N ILE B 257 -17.58 -10.20 -38.94
CA ILE B 257 -18.21 -9.35 -37.95
C ILE B 257 -19.62 -9.78 -37.59
N ASN B 258 -19.87 -9.89 -36.28
CA ASN B 258 -21.20 -10.15 -35.79
C ASN B 258 -21.62 -9.05 -34.80
N HIS B 259 -22.87 -8.58 -34.90
CA HIS B 259 -23.42 -7.62 -33.93
C HIS B 259 -24.51 -8.30 -33.10
N ILE B 260 -24.30 -8.32 -31.78
CA ILE B 260 -25.24 -8.92 -30.85
C ILE B 260 -25.61 -7.89 -29.78
N THR B 261 -26.88 -7.90 -29.39
CA THR B 261 -27.45 -7.01 -28.37
C THR B 261 -28.33 -7.79 -27.42
N LEU B 262 -28.03 -7.71 -26.12
CA LEU B 262 -28.82 -8.35 -25.05
C LEU B 262 -29.14 -7.30 -24.03
N PRO B 263 -30.43 -7.13 -23.74
CA PRO B 263 -30.85 -6.23 -22.67
C PRO B 263 -30.59 -6.85 -21.30
N ALA B 264 -30.34 -6.01 -20.33
CA ALA B 264 -30.39 -6.42 -18.92
C ALA B 264 -30.94 -5.27 -18.09
N GLU B 265 -31.57 -5.60 -16.97
CA GLU B 265 -31.99 -4.60 -16.04
C GLU B 265 -31.47 -4.88 -14.64
N VAL B 266 -31.22 -3.79 -13.93
CA VAL B 266 -30.86 -3.89 -12.51
C VAL B 266 -31.92 -3.16 -11.70
N THR B 267 -32.59 -3.91 -10.83
CA THR B 267 -33.63 -3.38 -9.95
C THR B 267 -33.00 -2.66 -8.74
N ASN B 268 -33.57 -1.53 -8.35
CA ASN B 268 -33.09 -0.74 -7.19
C ASN B 268 -31.59 -0.52 -7.27
N PRO B 269 -31.15 0.03 -8.40
CA PRO B 269 -29.68 0.09 -8.66
C PRO B 269 -28.94 0.94 -7.61
N VAL B 270 -27.72 0.53 -7.32
CA VAL B 270 -26.89 1.28 -6.38
C VAL B 270 -26.03 2.25 -7.21
N ARG B 271 -26.32 3.54 -7.11
CA ARG B 271 -25.65 4.52 -7.98
C ARG B 271 -24.15 4.74 -7.68
N TRP B 272 -23.42 5.03 -8.74
CA TRP B 272 -22.09 5.59 -8.66
C TRP B 272 -22.21 7.09 -8.28
N MET B 273 -21.53 7.46 -7.20
N MET B 273 -21.54 7.50 -7.21
CA MET B 273 -21.40 8.84 -6.71
CA MET B 273 -21.52 8.90 -6.77
C MET B 273 -20.06 9.44 -7.09
C MET B 273 -20.12 9.48 -6.86
N PRO B 274 -20.02 10.78 -7.22
CA PRO B 274 -18.69 11.43 -7.31
C PRO B 274 -18.11 11.70 -5.92
N ASN B 275 -16.79 11.82 -5.85
CA ASN B 275 -16.06 12.04 -4.59
C ASN B 275 -16.71 13.16 -3.83
N GLY B 276 -17.09 12.87 -2.60
CA GLY B 276 -17.78 13.82 -1.74
C GLY B 276 -19.24 13.48 -1.53
N TRP B 277 -19.82 12.72 -2.45
CA TRP B 277 -21.25 12.52 -2.45
C TRP B 277 -21.58 11.04 -2.20
N GLY B 278 -20.58 10.23 -1.90
CA GLY B 278 -20.88 8.86 -1.54
C GLY B 278 -19.91 7.88 -2.18
N THR B 279 -20.38 6.65 -2.35
CA THR B 279 -19.55 5.57 -2.83
C THR B 279 -19.51 5.58 -4.36
N PRO B 280 -18.30 5.46 -4.94
CA PRO B 280 -18.18 5.33 -6.40
C PRO B 280 -18.50 3.86 -6.77
N THR B 281 -19.77 3.48 -6.60
CA THR B 281 -20.20 2.06 -6.73
C THR B 281 -19.99 1.56 -8.16
N LEU B 282 -19.31 0.40 -8.28
CA LEU B 282 -18.96 -0.21 -9.57
C LEU B 282 -19.52 -1.63 -9.61
N TYR B 283 -20.43 -1.84 -10.54
CA TYR B 283 -20.84 -3.21 -10.87
C TYR B 283 -19.81 -3.89 -11.77
N ASP B 284 -19.79 -5.23 -11.79
CA ASP B 284 -19.02 -6.00 -12.76
C ASP B 284 -19.96 -6.58 -13.83
N PHE B 285 -19.75 -6.17 -15.08
CA PHE B 285 -20.52 -6.72 -16.23
C PHE B 285 -19.61 -7.63 -16.99
N SER B 286 -19.96 -8.91 -17.12
CA SER B 286 -19.12 -9.80 -17.90
C SER B 286 -19.95 -10.43 -19.04
N ALA B 287 -19.42 -10.41 -20.25
CA ALA B 287 -20.08 -10.97 -21.45
C ALA B 287 -19.24 -12.16 -21.88
N GLN B 288 -19.88 -13.30 -22.13
CA GLN B 288 -19.11 -14.48 -22.52
C GLN B 288 -19.72 -15.02 -23.82
N ILE B 289 -18.89 -15.68 -24.64
CA ILE B 289 -19.38 -16.38 -25.85
C ILE B 289 -19.11 -17.84 -25.57
N ALA B 290 -20.18 -18.61 -25.41
CA ALA B 290 -20.05 -20.03 -25.08
C ALA B 290 -20.38 -20.85 -26.33
N CYS B 291 -19.44 -21.71 -26.69
CA CYS B 291 -19.55 -22.55 -27.88
C CYS B 291 -19.47 -23.92 -27.29
N GLY B 292 -20.60 -24.61 -27.29
CA GLY B 292 -20.75 -25.80 -26.47
C GLY B 292 -20.54 -25.38 -25.04
N ASP B 293 -19.69 -26.07 -24.30
CA ASP B 293 -19.41 -25.58 -22.96
C ASP B 293 -18.04 -24.84 -22.82
N ARG B 294 -17.41 -24.46 -23.95
CA ARG B 294 -16.16 -23.69 -23.90
C ARG B 294 -16.54 -22.21 -23.93
N ILE B 295 -16.02 -21.44 -22.98
CA ILE B 295 -16.08 -19.97 -23.09
C ILE B 295 -14.90 -19.56 -23.96
N VAL B 296 -15.17 -19.36 -25.24
CA VAL B 296 -14.12 -19.08 -26.20
C VAL B 296 -13.68 -17.62 -26.14
N ALA B 297 -14.55 -16.76 -25.64
CA ALA B 297 -14.23 -15.33 -25.51
C ALA B 297 -14.99 -14.76 -24.34
N GLU B 298 -14.34 -13.85 -23.59
CA GLU B 298 -14.98 -13.17 -22.48
C GLU B 298 -14.45 -11.75 -22.42
N GLN B 299 -15.30 -10.84 -22.03
CA GLN B 299 -14.85 -9.42 -21.81
C GLN B 299 -15.64 -8.80 -20.68
N SER B 300 -14.94 -8.08 -19.76
CA SER B 300 -15.56 -7.55 -18.54
C SER B 300 -15.31 -6.04 -18.49
N HIS B 301 -16.26 -5.33 -17.91
CA HIS B 301 -16.03 -3.89 -17.55
C HIS B 301 -16.63 -3.67 -16.18
N ARG B 302 -16.03 -2.75 -15.42
CA ARG B 302 -16.62 -2.21 -14.23
C ARG B 302 -17.52 -1.07 -14.71
N ILE B 303 -18.75 -1.11 -14.23
CA ILE B 303 -19.77 -0.19 -14.68
C ILE B 303 -20.32 0.63 -13.50
N GLY B 304 -20.36 1.93 -13.68
CA GLY B 304 -21.03 2.77 -12.67
C GLY B 304 -22.38 3.24 -13.24
N LEU B 305 -23.43 3.02 -12.49
CA LEU B 305 -24.80 3.42 -12.89
C LEU B 305 -25.05 4.83 -12.36
N ARG B 306 -25.07 5.79 -13.27
CA ARG B 306 -25.31 7.15 -12.88
C ARG B 306 -25.72 7.91 -14.14
N THR B 307 -26.32 9.08 -13.93
CA THR B 307 -26.49 10.01 -15.01
C THR B 307 -25.55 11.16 -14.87
N ILE B 308 -25.05 11.60 -16.01
CA ILE B 308 -24.27 12.82 -16.11
C ILE B 308 -24.85 13.62 -17.26
N ARG B 309 -25.19 14.89 -17.03
CA ARG B 309 -25.76 15.71 -18.09
C ARG B 309 -25.03 17.03 -17.95
N VAL B 310 -24.40 17.44 -19.04
CA VAL B 310 -23.83 18.77 -19.15
C VAL B 310 -24.93 19.72 -19.61
N VAL B 311 -25.22 20.70 -18.78
CA VAL B 311 -26.28 21.65 -19.08
C VAL B 311 -25.63 22.92 -19.62
N ASN B 312 -25.85 23.19 -20.91
CA ASN B 312 -25.23 24.31 -21.62
C ASN B 312 -26.39 25.02 -22.36
N GLU B 313 -27.02 25.95 -21.65
CA GLU B 313 -28.30 26.53 -22.09
C GLU B 313 -28.28 28.05 -21.97
N LYS B 314 -29.00 28.72 -22.89
CA LYS B 314 -29.20 30.15 -22.73
C LYS B 314 -29.96 30.45 -21.46
N ASP B 315 -29.51 31.43 -20.70
CA ASP B 315 -30.23 31.83 -19.51
C ASP B 315 -30.06 33.32 -19.30
N LYS B 316 -30.56 33.81 -18.17
CA LYS B 316 -30.55 35.26 -17.93
C LYS B 316 -29.15 35.90 -17.90
N ASP B 317 -28.13 35.07 -17.61
CA ASP B 317 -26.78 35.54 -17.44
C ASP B 317 -25.93 35.30 -18.65
N GLY B 318 -26.46 34.57 -19.62
CA GLY B 318 -25.73 34.32 -20.85
C GLY B 318 -25.96 32.88 -21.31
N GLU B 319 -24.96 32.02 -21.08
CA GLU B 319 -25.11 30.57 -21.40
C GLU B 319 -24.44 29.77 -20.32
N SER B 320 -25.24 28.98 -19.59
CA SER B 320 -24.75 28.17 -18.46
C SER B 320 -23.73 27.13 -18.97
N PHE B 321 -22.94 26.60 -18.04
CA PHE B 321 -22.11 25.41 -18.36
C PHE B 321 -21.88 24.69 -17.05
N TYR B 322 -22.70 23.65 -16.79
CA TYR B 322 -22.50 22.90 -15.54
C TYR B 322 -22.86 21.44 -15.70
N PHE B 323 -22.42 20.68 -14.70
CA PHE B 323 -22.61 19.24 -14.64
C PHE B 323 -23.76 18.93 -13.65
N GLU B 324 -24.65 18.05 -14.09
CA GLU B 324 -25.70 17.53 -13.24
C GLU B 324 -25.44 16.03 -13.14
N VAL B 325 -25.24 15.55 -11.92
CA VAL B 325 -24.86 14.15 -11.68
C VAL B 325 -25.95 13.52 -10.81
N ASN B 326 -26.53 12.44 -11.35
CA ASN B 326 -27.69 11.79 -10.73
C ASN B 326 -28.80 12.78 -10.43
N GLY B 327 -28.97 13.70 -11.37
CA GLY B 327 -29.99 14.76 -11.32
C GLY B 327 -29.72 15.94 -10.40
N ILE B 328 -28.56 15.97 -9.75
CA ILE B 328 -28.19 17.06 -8.84
C ILE B 328 -27.09 17.92 -9.46
N PRO B 329 -27.32 19.26 -9.58
CA PRO B 329 -26.24 20.14 -10.08
C PRO B 329 -25.02 20.04 -9.16
N MET B 330 -23.86 19.76 -9.75
CA MET B 330 -22.66 19.45 -9.00
C MET B 330 -21.60 20.50 -9.32
N PHE B 331 -21.21 21.30 -8.34
CA PHE B 331 -20.16 22.29 -8.57
C PHE B 331 -18.84 21.54 -8.77
N ALA B 332 -18.16 21.77 -9.90
CA ALA B 332 -16.89 21.05 -10.21
C ALA B 332 -15.66 21.65 -9.54
N LYS B 333 -14.81 20.80 -8.96
CA LYS B 333 -13.64 21.22 -8.21
C LYS B 333 -12.48 20.32 -8.65
N GLY B 334 -11.49 20.91 -9.31
CA GLY B 334 -10.41 20.05 -9.75
C GLY B 334 -9.36 20.83 -10.49
N ALA B 335 -8.78 20.17 -11.46
CA ALA B 335 -7.61 20.70 -12.16
C ALA B 335 -7.41 20.06 -13.52
N ASN B 336 -6.56 20.72 -14.28
CA ASN B 336 -6.10 20.26 -15.61
C ASN B 336 -4.87 19.36 -15.44
N TYR B 337 -4.94 18.18 -16.04
CA TYR B 337 -3.91 17.22 -15.97
C TYR B 337 -3.15 17.22 -17.30
N ILE B 338 -1.81 17.17 -17.17
CA ILE B 338 -0.84 17.00 -18.29
C ILE B 338 -0.11 15.65 -18.10
N PRO B 339 0.68 15.22 -19.11
CA PRO B 339 1.34 13.94 -18.96
C PRO B 339 2.29 13.98 -17.77
N GLN B 340 2.49 12.83 -17.12
CA GLN B 340 3.30 12.82 -15.86
C GLN B 340 4.78 12.72 -16.11
N ASP B 341 5.14 12.60 -17.38
CA ASP B 341 6.53 12.43 -17.74
C ASP B 341 6.72 12.75 -19.21
N ALA B 342 7.94 13.22 -19.52
CA ALA B 342 8.42 13.36 -20.90
C ALA B 342 8.50 11.99 -21.58
N LEU B 343 8.71 10.94 -20.80
CA LEU B 343 8.76 9.57 -21.36
C LEU B 343 7.63 8.75 -20.76
N LEU B 344 6.54 8.63 -21.52
CA LEU B 344 5.29 8.09 -20.98
C LEU B 344 5.38 6.73 -20.30
N PRO B 345 6.08 5.74 -20.90
CA PRO B 345 6.17 4.38 -20.31
C PRO B 345 6.98 4.35 -19.02
N ASN B 346 7.68 5.46 -18.71
CA ASN B 346 8.32 5.59 -17.39
C ASN B 346 7.36 5.75 -16.23
N VAL B 347 6.12 6.15 -16.52
CA VAL B 347 5.16 6.39 -15.47
C VAL B 347 4.58 5.05 -14.96
N THR B 348 4.88 4.68 -13.72
CA THR B 348 4.52 3.40 -13.12
C THR B 348 3.08 3.35 -12.61
N THR B 349 2.57 2.14 -12.43
CA THR B 349 1.30 1.95 -11.73
C THR B 349 1.24 2.77 -10.43
N GLU B 350 2.31 2.69 -9.62
CA GLU B 350 2.39 3.38 -8.36
C GLU B 350 2.22 4.91 -8.52
N ARG B 351 2.80 5.46 -9.58
CA ARG B 351 2.75 6.90 -9.82
C ARG B 351 1.32 7.35 -10.16
N TYR B 352 0.61 6.55 -10.96
CA TYR B 352 -0.78 6.83 -11.26
C TYR B 352 -1.61 6.74 -9.98
N GLN B 353 -1.44 5.67 -9.19
CA GLN B 353 -2.22 5.52 -7.95
C GLN B 353 -1.99 6.76 -7.02
N THR B 354 -0.74 7.19 -6.94
CA THR B 354 -0.38 8.29 -6.04
C THR B 354 -0.99 9.61 -6.50
N LEU B 355 -1.00 9.81 -7.80
CA LEU B 355 -1.65 11.03 -8.33
C LEU B 355 -3.15 11.08 -8.02
N PHE B 356 -3.84 9.94 -8.20
CA PHE B 356 -5.22 9.85 -7.75
C PHE B 356 -5.49 10.05 -6.27
N ARG B 357 -4.64 9.48 -5.42
CA ARG B 357 -4.65 9.79 -3.98
C ARG B 357 -4.55 11.32 -3.79
N ASP B 358 -3.61 11.95 -4.50
CA ASP B 358 -3.44 13.43 -4.44
C ASP B 358 -4.69 14.24 -4.81
N MET B 359 -5.43 13.82 -5.85
CA MET B 359 -6.65 14.49 -6.21
C MET B 359 -7.76 14.22 -5.18
N LYS B 360 -7.91 12.96 -4.79
CA LYS B 360 -8.94 12.57 -3.87
C LYS B 360 -8.75 13.30 -2.55
N GLU B 361 -7.52 13.30 -2.03
CA GLU B 361 -7.24 13.93 -0.74
C GLU B 361 -7.44 15.45 -0.78
N ALA B 362 -7.33 16.04 -1.98
CA ALA B 362 -7.58 17.48 -2.16
C ALA B 362 -9.05 17.83 -2.37
N ASN B 363 -9.92 16.83 -2.13
CA ASN B 363 -11.39 17.01 -2.23
C ASN B 363 -11.88 17.29 -3.68
N MET B 364 -11.05 16.95 -4.66
CA MET B 364 -11.48 17.02 -6.07
C MET B 364 -12.57 16.08 -6.52
N ASN B 365 -13.39 16.57 -7.45
CA ASN B 365 -14.37 15.71 -8.10
C ASN B 365 -14.30 15.75 -9.63
N MET B 366 -13.30 16.44 -10.20
CA MET B 366 -13.19 16.49 -11.67
C MET B 366 -11.74 16.68 -12.09
N VAL B 367 -11.35 16.00 -13.18
CA VAL B 367 -10.07 16.30 -13.85
C VAL B 367 -10.30 16.49 -15.35
N ARG B 368 -9.59 17.47 -15.93
CA ARG B 368 -9.58 17.67 -17.40
C ARG B 368 -8.28 17.12 -17.97
N ILE B 369 -8.42 16.16 -18.90
CA ILE B 369 -7.28 15.64 -19.60
C ILE B 369 -7.07 16.53 -20.83
N TRP B 370 -6.18 17.51 -20.65
CA TRP B 370 -6.02 18.57 -21.63
C TRP B 370 -5.38 18.06 -22.97
N GLY B 371 -5.80 18.66 -24.08
CA GLY B 371 -5.61 18.09 -25.41
C GLY B 371 -4.22 18.21 -26.02
N GLY B 372 -3.19 18.61 -25.24
CA GLY B 372 -1.79 18.51 -25.77
C GLY B 372 -1.00 17.31 -25.27
N GLY B 373 -1.69 16.39 -24.58
CA GLY B 373 -1.07 15.23 -23.92
C GLY B 373 -1.37 13.93 -24.67
N THR B 374 -1.93 12.94 -23.95
CA THR B 374 -2.43 11.72 -24.63
C THR B 374 -3.84 11.39 -24.14
N TYR B 375 -4.59 10.58 -24.91
CA TYR B 375 -5.73 9.86 -24.35
C TYR B 375 -5.09 8.90 -23.32
N GLU B 376 -5.40 9.05 -22.04
CA GLU B 376 -4.68 8.32 -21.03
C GLU B 376 -4.91 6.83 -21.05
N ASN B 377 -4.10 6.11 -20.27
CA ASN B 377 -4.16 4.69 -20.36
C ASN B 377 -5.39 4.19 -19.62
N ASN B 378 -5.70 2.91 -19.76
CA ASN B 378 -6.89 2.35 -19.08
C ASN B 378 -6.83 2.49 -17.58
N LEU B 379 -5.63 2.32 -17.02
CA LEU B 379 -5.46 2.51 -15.58
C LEU B 379 -5.96 3.86 -15.07
N PHE B 380 -5.58 4.94 -15.77
CA PHE B 380 -5.95 6.30 -15.40
C PHE B 380 -7.48 6.36 -15.19
N TYR B 381 -8.25 5.88 -16.18
N TYR B 381 -8.23 5.85 -16.18
CA TYR B 381 -9.72 5.94 -16.07
CA TYR B 381 -9.67 5.86 -16.13
C TYR B 381 -10.30 4.95 -15.04
C TYR B 381 -10.27 4.95 -15.05
N ASP B 382 -9.67 3.80 -14.88
CA ASP B 382 -10.07 2.82 -13.83
C ASP B 382 -9.90 3.49 -12.43
N LEU B 383 -8.81 4.21 -12.25
CA LEU B 383 -8.58 4.96 -11.02
C LEU B 383 -9.58 6.10 -10.80
N ALA B 384 -9.85 6.85 -11.83
CA ALA B 384 -10.94 7.87 -11.79
C ALA B 384 -12.29 7.24 -11.39
N ASP B 385 -12.62 6.10 -12.01
CA ASP B 385 -13.87 5.39 -11.72
C ASP B 385 -13.99 5.07 -10.23
N GLU B 386 -12.94 4.51 -9.67
CA GLU B 386 -13.00 4.04 -8.29
C GLU B 386 -12.70 5.14 -7.24
N ASN B 387 -12.29 6.31 -7.70
CA ASN B 387 -12.10 7.43 -6.76
C ASN B 387 -13.19 8.50 -6.93
N GLY B 388 -14.15 8.25 -7.82
CA GLY B 388 -15.28 9.16 -8.01
C GLY B 388 -14.89 10.49 -8.63
N ILE B 389 -13.94 10.46 -9.54
CA ILE B 389 -13.48 11.71 -10.15
C ILE B 389 -14.00 11.77 -11.58
N LEU B 390 -14.83 12.78 -11.90
CA LEU B 390 -15.31 12.91 -13.29
C LEU B 390 -14.15 13.29 -14.20
N VAL B 391 -14.21 12.80 -15.42
CA VAL B 391 -13.16 13.07 -16.41
C VAL B 391 -13.71 13.88 -17.62
N TRP B 392 -13.12 15.07 -17.84
CA TRP B 392 -13.34 15.88 -19.07
C TRP B 392 -12.21 15.51 -20.05
N GLN B 393 -12.56 14.89 -21.18
CA GLN B 393 -11.55 14.36 -22.10
C GLN B 393 -11.47 15.25 -23.34
N ASP B 394 -10.37 16.00 -23.47
CA ASP B 394 -10.12 16.73 -24.73
C ASP B 394 -9.72 15.64 -25.78
N PHE B 395 -10.08 15.84 -27.03
CA PHE B 395 -9.32 15.22 -28.14
C PHE B 395 -7.94 15.87 -28.21
N MET B 396 -6.97 15.16 -28.77
CA MET B 396 -5.59 15.60 -28.70
C MET B 396 -5.21 16.62 -29.78
N PHE B 397 -5.85 17.80 -29.70
CA PHE B 397 -5.52 18.94 -30.54
C PHE B 397 -5.41 20.15 -29.60
N ALA B 398 -4.36 20.95 -29.73
CA ALA B 398 -4.15 22.08 -28.77
C ALA B 398 -3.43 23.25 -29.44
N CYS B 399 -4.11 24.40 -29.41
CA CYS B 399 -3.56 25.76 -29.59
C CYS B 399 -3.24 26.22 -31.01
N THR B 400 -3.07 25.28 -31.94
CA THR B 400 -2.84 25.64 -33.35
C THR B 400 -3.98 25.12 -34.22
N PRO B 401 -4.30 25.82 -35.36
CA PRO B 401 -5.12 25.10 -36.31
C PRO B 401 -4.35 23.88 -36.86
N TYR B 402 -5.10 22.92 -37.38
CA TYR B 402 -4.46 21.71 -37.91
C TYR B 402 -4.87 21.53 -39.40
N PRO B 403 -4.15 20.66 -40.12
CA PRO B 403 -4.58 20.22 -41.45
C PRO B 403 -6.03 19.67 -41.44
N SER B 404 -6.66 19.59 -42.61
CA SER B 404 -7.99 19.05 -42.72
C SER B 404 -8.22 18.32 -44.06
N ASP B 405 -7.10 17.91 -44.67
CA ASP B 405 -7.12 17.08 -45.89
C ASP B 405 -7.71 15.69 -45.57
N PRO B 406 -8.34 15.04 -46.59
CA PRO B 406 -8.93 13.70 -46.49
C PRO B 406 -8.06 12.68 -45.75
N THR B 407 -6.77 12.54 -46.08
CA THR B 407 -5.90 11.56 -45.42
C THR B 407 -5.77 11.83 -43.93
N PHE B 408 -5.52 13.11 -43.61
CA PHE B 408 -5.41 13.53 -42.26
C PHE B 408 -6.73 13.26 -41.53
N LEU B 409 -7.86 13.64 -42.12
CA LEU B 409 -9.14 13.42 -41.43
C LEU B 409 -9.39 11.92 -41.22
N LYS B 410 -8.83 11.09 -42.12
CA LYS B 410 -8.99 9.63 -41.95
C LYS B 410 -8.20 9.12 -40.76
N ARG B 411 -7.00 9.63 -40.54
CA ARG B 411 -6.21 9.26 -39.35
C ARG B 411 -6.92 9.66 -38.06
N VAL B 412 -7.45 10.88 -38.04
CA VAL B 412 -8.21 11.35 -36.89
C VAL B 412 -9.45 10.52 -36.63
N GLU B 413 -10.16 10.14 -37.69
CA GLU B 413 -11.34 9.33 -37.52
C GLU B 413 -10.96 8.04 -36.82
N ALA B 414 -9.85 7.44 -37.22
CA ALA B 414 -9.46 6.13 -36.68
C ALA B 414 -9.18 6.30 -35.18
N GLU B 415 -8.47 7.35 -34.83
CA GLU B 415 -8.14 7.59 -33.43
C GLU B 415 -9.38 7.98 -32.59
N ALA B 416 -10.30 8.73 -33.18
CA ALA B 416 -11.55 9.11 -32.47
C ALA B 416 -12.32 7.82 -32.18
N VAL B 417 -12.61 7.03 -33.22
CA VAL B 417 -13.34 5.77 -33.01
C VAL B 417 -12.65 4.87 -31.95
N TYR B 418 -11.36 4.66 -32.09
CA TYR B 418 -10.62 3.75 -31.24
C TYR B 418 -10.72 4.18 -29.76
N ASN B 419 -10.34 5.44 -29.52
CA ASN B 419 -10.42 5.94 -28.12
C ASN B 419 -11.82 6.08 -27.53
N ILE B 420 -12.81 6.45 -28.34
CA ILE B 420 -14.20 6.49 -27.86
C ILE B 420 -14.62 5.08 -27.45
N ARG B 421 -14.38 4.09 -28.32
CA ARG B 421 -14.77 2.73 -27.94
C ARG B 421 -13.99 2.26 -26.72
N ARG B 422 -12.73 2.64 -26.65
CA ARG B 422 -11.87 2.22 -25.51
C ARG B 422 -12.34 2.83 -24.16
N LEU B 423 -12.84 4.08 -24.20
CA LEU B 423 -13.17 4.85 -22.97
C LEU B 423 -14.65 4.89 -22.53
N ARG B 424 -15.57 4.52 -23.44
CA ARG B 424 -16.97 4.89 -23.27
C ARG B 424 -17.66 4.09 -22.22
N ASN B 425 -17.01 3.03 -21.68
CA ASN B 425 -17.66 2.29 -20.55
C ASN B 425 -17.27 2.77 -19.14
N HIS B 426 -16.45 3.82 -19.06
CA HIS B 426 -15.97 4.34 -17.76
C HIS B 426 -16.99 5.25 -17.12
N ALA B 427 -17.36 4.89 -15.88
CA ALA B 427 -18.29 5.69 -15.10
C ALA B 427 -17.79 7.16 -15.04
N SER B 428 -16.47 7.32 -15.03
CA SER B 428 -15.87 8.65 -14.76
C SER B 428 -15.94 9.55 -16.01
N LEU B 429 -16.03 8.96 -17.21
CA LEU B 429 -16.00 9.77 -18.45
C LEU B 429 -17.25 10.64 -18.48
N ALA B 430 -17.08 11.96 -18.41
CA ALA B 430 -18.19 12.93 -18.33
C ALA B 430 -18.49 13.69 -19.63
N MET B 431 -17.48 13.87 -20.48
CA MET B 431 -17.69 14.70 -21.68
C MET B 431 -16.46 14.68 -22.53
N TRP B 432 -16.63 15.08 -23.79
CA TRP B 432 -15.55 15.22 -24.77
C TRP B 432 -15.47 16.68 -25.22
N CYS B 433 -14.26 17.10 -25.54
CA CYS B 433 -14.06 18.46 -26.05
C CYS B 433 -13.11 18.40 -27.24
N GLY B 434 -13.54 19.01 -28.35
CA GLY B 434 -12.73 18.95 -29.61
C GLY B 434 -11.28 19.32 -29.51
N ASN B 435 -10.96 20.40 -28.75
CA ASN B 435 -9.61 20.90 -28.73
C ASN B 435 -9.42 21.90 -27.58
N ASN B 436 -8.17 22.17 -27.30
CA ASN B 436 -7.80 23.28 -26.38
C ASN B 436 -7.49 24.55 -27.17
N GLU B 437 -8.35 25.56 -27.06
CA GLU B 437 -8.04 26.97 -27.52
C GLU B 437 -7.85 27.21 -29.01
N ILE B 438 -8.31 26.30 -29.87
CA ILE B 438 -8.01 26.56 -31.32
C ILE B 438 -8.89 27.68 -31.87
N LEU B 439 -10.18 27.68 -31.53
CA LEU B 439 -11.08 28.72 -31.99
C LEU B 439 -10.54 30.05 -31.47
N GLU B 440 -10.14 30.08 -30.19
CA GLU B 440 -9.53 31.29 -29.62
C GLU B 440 -8.30 31.77 -30.37
N ALA B 441 -7.42 30.83 -30.71
CA ALA B 441 -6.20 31.17 -31.47
C ALA B 441 -6.54 31.77 -32.83
N LEU B 442 -7.51 31.16 -33.54
CA LEU B 442 -8.01 31.64 -34.81
C LEU B 442 -8.69 33.01 -34.77
N LYS B 443 -9.35 33.33 -33.65
CA LYS B 443 -10.08 34.59 -33.50
C LYS B 443 -9.22 35.71 -32.87
N TYR B 444 -8.31 35.36 -31.96
CA TYR B 444 -7.68 36.36 -31.07
C TYR B 444 -6.15 36.44 -31.02
N TRP B 445 -5.43 35.42 -31.50
CA TRP B 445 -3.98 35.37 -31.26
C TRP B 445 -3.13 35.97 -32.39
N GLY B 446 -3.78 36.64 -33.35
CA GLY B 446 -3.08 37.40 -34.39
C GLY B 446 -2.58 36.65 -35.62
N PHE B 447 -3.41 35.75 -36.14
CA PHE B 447 -3.03 34.89 -37.28
C PHE B 447 -3.31 35.52 -38.64
N GLU B 448 -4.43 36.24 -38.77
CA GLU B 448 -4.72 36.97 -40.01
C GLU B 448 -3.56 37.91 -40.48
N LYS B 449 -2.70 38.36 -39.56
CA LYS B 449 -1.51 39.13 -39.94
C LYS B 449 -0.39 38.20 -40.43
N LYS B 450 -0.49 36.92 -40.04
CA LYS B 450 0.60 35.94 -40.24
C LYS B 450 0.48 35.12 -41.53
N PHE B 451 -0.71 35.13 -42.14
CA PHE B 451 -0.99 34.30 -43.30
C PHE B 451 -1.71 35.09 -44.39
N THR B 452 -1.53 34.65 -45.64
CA THR B 452 -2.26 35.21 -46.77
C THR B 452 -3.74 35.01 -46.51
N PRO B 453 -4.60 35.89 -47.04
CA PRO B 453 -6.03 35.73 -46.83
C PRO B 453 -6.54 34.33 -47.16
N GLU B 454 -6.07 33.81 -48.30
CA GLU B 454 -6.46 32.49 -48.79
C GLU B 454 -6.06 31.36 -47.82
N VAL B 455 -4.85 31.39 -47.28
CA VAL B 455 -4.42 30.40 -46.28
C VAL B 455 -5.27 30.49 -45.01
N TYR B 456 -5.60 31.72 -44.60
CA TYR B 456 -6.42 31.91 -43.38
C TYR B 456 -7.86 31.37 -43.53
N GLN B 457 -8.48 31.59 -44.68
CA GLN B 457 -9.82 31.07 -44.94
C GLN B 457 -9.90 29.52 -45.03
N GLY B 458 -8.80 28.91 -45.49
CA GLY B 458 -8.68 27.47 -45.53
C GLY B 458 -8.56 26.92 -44.12
N LEU B 459 -7.86 27.65 -43.27
CA LEU B 459 -7.73 27.28 -41.85
C LEU B 459 -9.10 27.29 -41.16
N MET B 460 -9.91 28.30 -41.47
CA MET B 460 -11.30 28.37 -40.99
C MET B 460 -12.22 27.24 -41.43
N HIS B 461 -12.24 26.95 -42.74
CA HIS B 461 -13.07 25.89 -43.26
CA HIS B 461 -13.07 25.87 -43.27
C HIS B 461 -12.61 24.55 -42.64
N GLY B 462 -11.30 24.38 -42.53
CA GLY B 462 -10.71 23.16 -41.97
C GLY B 462 -11.05 22.93 -40.50
N TYR B 463 -11.04 24.01 -39.73
CA TYR B 463 -11.52 23.97 -38.32
C TYR B 463 -12.94 23.36 -38.25
N ASP B 464 -13.88 23.87 -39.06
CA ASP B 464 -15.21 23.27 -39.10
C ASP B 464 -15.24 21.77 -39.49
N LYS B 465 -14.43 21.42 -40.48
CA LYS B 465 -14.38 20.06 -40.99
C LYS B 465 -14.00 19.08 -39.88
N LEU B 466 -13.06 19.49 -39.06
CA LEU B 466 -12.55 18.64 -37.99
C LEU B 466 -13.44 18.75 -36.73
N PHE B 467 -13.59 19.97 -36.20
CA PHE B 467 -14.22 20.14 -34.88
C PHE B 467 -15.71 20.38 -34.86
N ARG B 468 -16.29 20.82 -35.99
CA ARG B 468 -17.72 20.98 -36.02
C ARG B 468 -18.42 19.89 -36.83
N GLU B 469 -17.65 19.02 -37.47
CA GLU B 469 -18.27 17.95 -38.28
C GLU B 469 -17.75 16.55 -37.88
N LEU B 470 -16.49 16.27 -38.17
CA LEU B 470 -15.92 14.91 -37.98
C LEU B 470 -16.01 14.47 -36.48
N LEU B 471 -15.39 15.24 -35.59
CA LEU B 471 -15.44 14.86 -34.16
C LEU B 471 -16.84 14.73 -33.55
N PRO B 472 -17.74 15.74 -33.68
CA PRO B 472 -19.07 15.61 -33.09
C PRO B 472 -19.87 14.48 -33.71
N SER B 473 -19.72 14.24 -35.01
CA SER B 473 -20.43 13.13 -35.65
CA SER B 473 -20.47 13.14 -35.62
C SER B 473 -19.98 11.80 -35.07
N THR B 474 -18.69 11.72 -34.74
CA THR B 474 -18.14 10.48 -34.20
C THR B 474 -18.64 10.22 -32.79
N VAL B 475 -18.68 11.26 -31.98
CA VAL B 475 -19.24 11.13 -30.62
C VAL B 475 -20.73 10.80 -30.71
N LYS B 476 -21.42 11.38 -31.68
CA LYS B 476 -22.84 11.15 -31.75
C LYS B 476 -23.09 9.69 -32.14
N GLU B 477 -22.22 9.15 -32.98
CA GLU B 477 -22.36 7.76 -33.44
C GLU B 477 -21.97 6.74 -32.35
N PHE B 478 -20.88 7.03 -31.64
CA PHE B 478 -20.28 6.04 -30.72
C PHE B 478 -20.40 6.37 -29.23
N ASP B 479 -20.87 7.56 -28.92
CA ASP B 479 -21.06 7.90 -27.50
C ASP B 479 -22.20 8.92 -27.38
N SER B 480 -23.37 8.49 -27.84
CA SER B 480 -24.52 9.38 -28.08
CA SER B 480 -24.48 9.42 -28.09
C SER B 480 -25.11 10.02 -26.83
N ASP B 481 -24.83 9.46 -25.65
CA ASP B 481 -25.38 10.05 -24.42
C ASP B 481 -24.35 10.96 -23.70
N ARG B 482 -23.17 11.17 -24.29
CA ARG B 482 -22.16 12.03 -23.68
C ARG B 482 -22.06 13.36 -24.40
N PHE B 483 -21.90 14.44 -23.63
CA PHE B 483 -21.74 15.78 -24.18
C PHE B 483 -20.45 15.93 -25.00
N TYR B 484 -20.55 16.69 -26.10
CA TYR B 484 -19.38 17.17 -26.86
C TYR B 484 -19.43 18.69 -27.01
N VAL B 485 -18.30 19.35 -26.86
CA VAL B 485 -18.20 20.78 -27.24
C VAL B 485 -17.01 20.95 -28.14
N HIS B 486 -17.10 21.85 -29.14
CA HIS B 486 -16.06 21.88 -30.16
C HIS B 486 -14.68 22.38 -29.70
N SER B 487 -14.65 23.22 -28.66
CA SER B 487 -13.39 23.80 -28.18
C SER B 487 -13.57 24.26 -26.74
N SER B 488 -12.45 24.39 -26.04
CA SER B 488 -12.41 25.06 -24.73
C SER B 488 -11.34 26.13 -24.72
N PRO B 489 -11.74 27.40 -24.42
CA PRO B 489 -13.11 27.87 -24.12
C PRO B 489 -13.90 28.01 -25.41
N TYR B 490 -15.21 27.72 -25.38
CA TYR B 490 -15.93 27.65 -26.65
C TYR B 490 -16.29 29.05 -27.21
N LEU B 491 -16.52 30.04 -26.34
CA LEU B 491 -16.76 31.42 -26.82
CA LEU B 491 -16.85 31.44 -26.78
C LEU B 491 -16.04 32.49 -26.00
N ALA B 492 -16.10 32.37 -24.68
CA ALA B 492 -15.52 33.36 -23.76
C ALA B 492 -14.02 33.55 -24.01
N ASN B 493 -13.60 34.82 -23.98
CA ASN B 493 -12.19 35.18 -24.07
C ASN B 493 -11.82 36.13 -22.90
N TRP B 494 -10.67 35.94 -22.27
CA TRP B 494 -10.34 36.66 -21.02
C TRP B 494 -10.18 38.19 -21.23
N GLY B 495 -9.97 38.58 -22.47
CA GLY B 495 -9.86 40.02 -22.84
C GLY B 495 -11.15 40.65 -23.35
N ARG B 496 -12.24 39.88 -23.37
CA ARG B 496 -13.57 40.32 -23.81
C ARG B 496 -14.57 40.17 -22.65
N PRO B 497 -14.68 41.21 -21.80
CA PRO B 497 -15.52 41.01 -20.60
C PRO B 497 -16.99 40.73 -20.89
N GLU B 498 -17.47 41.17 -22.05
CA GLU B 498 -18.85 40.96 -22.39
C GLU B 498 -19.12 39.47 -22.69
N SER B 499 -18.04 38.69 -22.85
CA SER B 499 -18.16 37.28 -23.25
C SER B 499 -18.14 36.32 -22.02
N TRP B 500 -17.90 36.86 -20.84
CA TRP B 500 -17.62 36.01 -19.64
C TRP B 500 -18.83 35.27 -19.15
N GLY B 501 -20.03 35.78 -19.50
CA GLY B 501 -21.30 35.14 -19.11
C GLY B 501 -21.70 33.97 -19.99
N THR B 502 -20.88 33.67 -21.00
CA THR B 502 -21.19 32.68 -22.05
C THR B 502 -20.24 31.48 -22.00
N GLY B 503 -20.68 30.41 -21.34
CA GLY B 503 -19.93 29.15 -21.36
C GLY B 503 -18.73 29.17 -20.43
N ASP B 504 -17.75 28.30 -20.73
CA ASP B 504 -16.54 28.19 -19.88
C ASP B 504 -15.47 29.24 -20.21
N SER B 505 -14.67 29.60 -19.19
CA SER B 505 -13.54 30.52 -19.36
C SER B 505 -12.19 29.89 -19.07
N HIS B 506 -11.19 30.25 -19.90
CA HIS B 506 -9.79 30.19 -19.51
C HIS B 506 -9.39 31.63 -19.13
N ASN B 507 -9.58 31.96 -17.86
CA ASN B 507 -9.28 33.32 -17.39
C ASN B 507 -7.80 33.49 -17.12
N TRP B 508 -7.07 33.85 -18.20
CA TRP B 508 -5.65 34.16 -18.11
C TRP B 508 -5.31 35.67 -17.90
N GLY B 509 -6.31 36.45 -17.49
CA GLY B 509 -6.05 37.82 -17.00
C GLY B 509 -5.04 37.79 -15.87
N VAL B 510 -5.24 36.90 -14.92
CA VAL B 510 -4.18 36.59 -13.95
C VAL B 510 -3.06 35.79 -14.67
N TRP B 511 -1.82 36.13 -14.36
CA TRP B 511 -0.63 35.65 -15.07
C TRP B 511 -0.44 36.44 -16.40
N TYR B 512 -1.01 35.98 -17.52
CA TYR B 512 -0.78 36.64 -18.82
C TYR B 512 -1.25 38.11 -18.90
N GLY B 513 -2.34 38.44 -18.23
CA GLY B 513 -2.88 39.79 -18.24
C GLY B 513 -2.31 40.63 -17.12
N LYS B 514 -1.43 40.02 -16.31
CA LYS B 514 -0.85 40.64 -15.06
C LYS B 514 -1.86 41.18 -14.05
N LYS B 515 -3.15 40.79 -14.14
CA LYS B 515 -4.17 41.24 -13.20
C LYS B 515 -3.94 40.74 -11.76
N PRO B 516 -4.26 41.58 -10.75
CA PRO B 516 -4.03 41.12 -9.40
C PRO B 516 -4.99 39.94 -9.07
N PHE B 517 -4.61 39.15 -8.07
CA PHE B 517 -5.48 38.06 -7.62
C PHE B 517 -6.88 38.52 -7.22
N GLU B 518 -7.01 39.74 -6.67
CA GLU B 518 -8.33 40.30 -6.37
C GLU B 518 -9.27 40.39 -7.55
N SER B 519 -8.73 40.50 -8.78
CA SER B 519 -9.60 40.50 -9.96
C SER B 519 -10.47 39.23 -10.09
N LEU B 520 -10.05 38.12 -9.47
CA LEU B 520 -10.83 36.86 -9.52
C LEU B 520 -12.18 36.99 -8.76
N ASP B 521 -12.26 37.97 -7.85
CA ASP B 521 -13.50 38.25 -7.15
C ASP B 521 -14.51 38.93 -8.06
N THR B 522 -14.03 39.70 -9.05
CA THR B 522 -14.94 40.46 -9.92
C THR B 522 -15.12 39.90 -11.31
N ASP B 523 -14.08 39.23 -11.81
CA ASP B 523 -14.10 38.78 -13.20
C ASP B 523 -14.56 37.33 -13.25
N LEU B 524 -15.87 37.10 -13.05
CA LEU B 524 -16.37 35.74 -12.79
C LEU B 524 -16.78 35.04 -14.06
N PRO B 525 -16.58 33.71 -14.11
CA PRO B 525 -17.02 32.91 -15.26
C PRO B 525 -18.27 32.06 -14.94
N ARG B 526 -18.91 31.51 -15.97
CA ARG B 526 -19.98 30.50 -15.73
C ARG B 526 -19.36 29.17 -15.26
N PHE B 527 -18.11 28.94 -15.67
CA PHE B 527 -17.35 27.73 -15.29
C PHE B 527 -15.91 28.07 -15.59
N MET B 528 -15.00 27.93 -14.63
CA MET B 528 -13.57 28.24 -14.89
C MET B 528 -12.89 26.96 -15.33
N SER B 529 -12.65 26.80 -16.65
CA SER B 529 -11.96 25.57 -17.09
C SER B 529 -10.43 25.68 -17.11
N GLU B 530 -9.88 26.90 -17.01
CA GLU B 530 -8.49 27.11 -16.65
C GLU B 530 -8.32 28.50 -16.01
N PHE B 531 -7.41 28.55 -15.06
CA PHE B 531 -6.75 29.81 -14.57
C PHE B 531 -5.57 29.32 -13.75
N GLY B 532 -4.54 30.15 -13.66
CA GLY B 532 -3.33 29.66 -13.01
C GLY B 532 -2.24 30.67 -12.68
N PHE B 533 -1.24 30.20 -11.95
CA PHE B 533 -0.14 31.06 -11.54
C PHE B 533 1.05 30.21 -11.32
N GLN B 534 2.23 30.68 -11.79
CA GLN B 534 3.42 29.84 -11.67
C GLN B 534 4.13 29.87 -10.31
N SER B 535 4.95 28.84 -10.06
CA SER B 535 5.92 28.89 -8.96
C SER B 535 7.13 28.01 -9.25
N PHE B 536 8.29 28.45 -8.74
CA PHE B 536 9.45 27.55 -8.66
C PHE B 536 9.06 26.44 -7.71
N PRO B 537 9.46 25.18 -8.05
CA PRO B 537 9.26 24.08 -7.14
C PRO B 537 10.25 24.22 -5.96
N GLU B 538 10.00 23.48 -4.89
CA GLU B 538 10.81 23.58 -3.64
C GLU B 538 12.29 23.21 -3.87
N MET B 539 13.17 23.59 -2.95
CA MET B 539 14.63 23.44 -3.21
C MET B 539 15.09 22.04 -3.58
N LYS B 540 14.50 21.00 -2.97
CA LYS B 540 14.97 19.62 -3.21
C LYS B 540 14.78 19.26 -4.67
N THR B 541 13.74 19.82 -5.29
CA THR B 541 13.50 19.67 -6.74
C THR B 541 14.43 20.53 -7.56
N ILE B 542 14.68 21.77 -7.12
CA ILE B 542 15.69 22.58 -7.80
C ILE B 542 17.08 21.88 -7.75
N ALA B 543 17.42 21.23 -6.63
CA ALA B 543 18.71 20.55 -6.44
C ALA B 543 18.83 19.33 -7.38
N ALA B 544 17.68 18.80 -7.78
CA ALA B 544 17.65 17.71 -8.76
C ALA B 544 18.05 18.13 -10.19
N PHE B 545 17.91 19.41 -10.56
CA PHE B 545 18.31 19.88 -11.88
C PHE B 545 19.35 20.99 -11.92
N ALA B 546 19.78 21.46 -10.73
CA ALA B 546 20.75 22.57 -10.65
C ALA B 546 21.77 22.40 -9.51
N ALA B 547 23.02 22.80 -9.77
CA ALA B 547 24.08 22.85 -8.76
C ALA B 547 23.97 24.15 -7.93
N PRO B 548 24.44 24.15 -6.65
CA PRO B 548 24.23 25.32 -5.80
C PRO B 548 24.83 26.59 -6.41
N GLU B 549 25.94 26.43 -7.13
CA GLU B 549 26.56 27.52 -7.87
C GLU B 549 25.57 28.25 -8.77
N ASP B 550 24.42 27.62 -9.03
CA ASP B 550 23.46 28.12 -10.03
C ASP B 550 22.11 28.52 -9.47
N TYR B 551 21.96 28.47 -8.15
CA TYR B 551 20.75 28.93 -7.48
C TYR B 551 20.64 30.43 -7.52
N GLN B 552 20.47 31.00 -8.72
CA GLN B 552 19.94 32.35 -8.86
C GLN B 552 18.77 32.18 -9.81
N ILE B 553 17.81 33.11 -9.81
CA ILE B 553 16.63 32.91 -10.63
C ILE B 553 16.89 33.01 -12.13
N GLU B 554 18.11 33.43 -12.53
CA GLU B 554 18.49 33.40 -13.95
C GLU B 554 19.89 32.92 -14.25
N SER B 555 20.39 31.97 -13.48
CA SER B 555 21.61 31.31 -13.90
C SER B 555 21.26 30.74 -15.29
N GLU B 556 22.25 30.21 -16.01
CA GLU B 556 21.93 29.60 -17.28
C GLU B 556 21.00 28.41 -17.01
N VAL B 557 21.42 27.54 -16.10
CA VAL B 557 20.71 26.32 -15.73
C VAL B 557 19.30 26.58 -15.21
N MET B 558 19.13 27.66 -14.45
CA MET B 558 17.79 28.05 -13.98
C MET B 558 16.92 28.52 -15.11
N ASN B 559 17.55 29.11 -16.12
CA ASN B 559 16.82 29.59 -17.31
C ASN B 559 16.30 28.45 -18.21
N ALA B 560 17.07 27.37 -18.27
CA ALA B 560 16.71 26.20 -19.07
C ALA B 560 15.38 25.54 -18.58
N HIS B 561 15.05 25.76 -17.30
CA HIS B 561 13.85 25.15 -16.68
C HIS B 561 12.70 26.10 -16.39
N GLN B 562 12.46 27.01 -17.32
CA GLN B 562 11.40 27.98 -17.28
C GLN B 562 11.07 28.26 -18.75
N LYS B 563 10.04 27.59 -19.24
N LYS B 563 9.78 28.10 -19.13
CA LYS B 563 9.80 27.58 -20.67
CA LYS B 563 9.26 28.06 -20.55
C LYS B 563 8.83 28.70 -20.84
C LYS B 563 8.03 28.92 -21.06
N SER B 564 8.92 29.63 -19.88
N SER B 564 7.46 29.83 -20.27
CA SER B 564 8.10 30.82 -19.86
CA SER B 564 6.31 30.62 -20.77
C SER B 564 9.01 32.05 -19.83
C SER B 564 6.69 31.91 -21.57
N SER B 565 9.00 32.81 -20.92
N SER B 565 5.72 32.48 -22.30
CA SER B 565 9.89 33.95 -21.05
CA SER B 565 5.97 33.73 -23.04
C SER B 565 9.58 35.08 -20.07
C SER B 565 6.26 34.92 -22.13
N ILE B 566 8.30 35.35 -19.81
N ILE B 566 6.09 34.74 -20.83
CA ILE B 566 7.92 36.41 -18.89
CA ILE B 566 6.66 35.66 -19.81
C ILE B 566 8.00 35.91 -17.46
C ILE B 566 6.90 34.86 -18.54
N GLY B 567 8.27 34.63 -17.33
N GLY B 567 7.89 35.23 -17.72
CA GLY B 567 7.89 33.91 -16.13
CA GLY B 567 8.29 34.29 -16.65
C GLY B 567 8.54 34.43 -14.89
C GLY B 567 8.62 34.68 -15.22
N ASN B 568 9.87 34.40 -14.84
CA ASN B 568 10.51 34.75 -13.56
C ASN B 568 10.24 36.16 -13.12
N SER B 569 10.32 37.09 -14.07
CA SER B 569 10.13 38.49 -13.74
C SER B 569 8.70 38.70 -13.21
N LEU B 570 7.75 38.00 -13.79
CA LEU B 570 6.35 38.14 -13.41
C LEU B 570 6.07 37.68 -11.97
N ILE B 571 6.73 36.61 -11.56
CA ILE B 571 6.54 36.09 -10.20
C ILE B 571 7.02 37.19 -9.24
N ARG B 572 8.16 37.80 -9.56
CA ARG B 572 8.68 38.90 -8.71
C ARG B 572 7.70 40.09 -8.64
N THR B 573 7.10 40.45 -9.77
CA THR B 573 6.11 41.53 -9.84
C THR B 573 4.91 41.27 -8.97
N TYR B 574 4.32 40.07 -9.11
CA TYR B 574 3.25 39.71 -8.18
C TYR B 574 3.69 39.66 -6.73
N MET B 575 4.89 39.13 -6.48
CA MET B 575 5.34 38.93 -5.12
C MET B 575 5.37 40.28 -4.37
N GLU B 576 5.90 41.30 -5.04
CA GLU B 576 5.98 42.69 -4.51
C GLU B 576 4.62 43.25 -4.08
N ARG B 577 3.52 42.84 -4.75
CA ARG B 577 2.17 43.29 -4.36
C ARG B 577 1.69 42.86 -2.98
N ASP B 578 2.19 41.70 -2.51
CA ASP B 578 1.69 41.02 -1.33
C ASP B 578 2.72 40.65 -0.25
N TYR B 579 3.99 40.64 -0.61
CA TYR B 579 5.09 40.17 0.24
C TYR B 579 6.28 41.05 0.09
N ILE B 580 7.13 41.07 1.12
CA ILE B 580 8.44 41.68 1.01
C ILE B 580 9.30 40.66 0.24
N ILE B 581 9.94 41.08 -0.87
CA ILE B 581 10.79 40.21 -1.69
C ILE B 581 12.07 39.84 -0.94
N PRO B 582 12.28 38.51 -0.66
CA PRO B 582 13.52 38.11 0.02
C PRO B 582 14.80 38.33 -0.79
N GLU B 583 15.93 38.46 -0.08
CA GLU B 583 17.24 38.55 -0.70
C GLU B 583 17.75 37.23 -1.27
N SER B 584 17.61 36.15 -0.50
CA SER B 584 18.17 34.86 -0.89
C SER B 584 17.25 34.11 -1.85
N PHE B 585 17.90 33.36 -2.74
CA PHE B 585 17.22 32.42 -3.63
C PHE B 585 16.28 31.46 -2.87
N GLU B 586 16.80 30.77 -1.86
CA GLU B 586 15.97 29.84 -1.06
C GLU B 586 14.73 30.51 -0.45
N ASP B 587 14.86 31.76 0.03
CA ASP B 587 13.73 32.45 0.64
C ASP B 587 12.73 32.89 -0.43
N PHE B 588 13.25 33.32 -1.57
CA PHE B 588 12.41 33.71 -2.73
C PHE B 588 11.51 32.52 -3.20
N VAL B 589 12.14 31.36 -3.33
CA VAL B 589 11.45 30.08 -3.71
C VAL B 589 10.37 29.78 -2.69
N TYR B 590 10.68 29.87 -1.36
CA TYR B 590 9.68 29.62 -0.33
C TYR B 590 8.50 30.61 -0.42
N VAL B 591 8.80 31.91 -0.53
CA VAL B 591 7.70 32.87 -0.60
C VAL B 591 6.86 32.67 -1.90
N GLY B 592 7.54 32.40 -3.00
CA GLY B 592 6.85 32.14 -4.28
C GLY B 592 5.86 30.97 -4.17
N LEU B 593 6.22 29.93 -3.40
CA LEU B 593 5.25 28.81 -3.16
C LEU B 593 4.06 29.36 -2.40
N VAL B 594 4.34 30.13 -1.33
CA VAL B 594 3.27 30.67 -0.50
C VAL B 594 2.35 31.53 -1.35
N LEU B 595 2.96 32.34 -2.21
CA LEU B 595 2.27 33.31 -3.06
C LEU B 595 1.33 32.65 -4.03
N GLN B 596 1.88 31.65 -4.71
CA GLN B 596 1.01 30.90 -5.68
C GLN B 596 -0.16 30.24 -4.96
N GLY B 597 0.06 29.65 -3.77
CA GLY B 597 -1.03 29.06 -3.00
C GLY B 597 -2.08 30.06 -2.56
N GLN B 598 -1.64 31.21 -2.04
CA GLN B 598 -2.57 32.17 -1.45
C GLN B 598 -3.37 32.83 -2.53
N GLY B 599 -2.72 33.16 -3.65
CA GLY B 599 -3.42 33.93 -4.69
C GLY B 599 -4.40 33.01 -5.40
N MET B 600 -3.93 31.78 -5.68
CA MET B 600 -4.85 30.83 -6.37
C MET B 600 -6.03 30.41 -5.50
N ARG B 601 -5.79 30.15 -4.21
N ARG B 601 -5.82 30.16 -4.21
N ARG B 601 -5.78 30.16 -4.22
CA ARG B 601 -6.86 29.86 -3.23
CA ARG B 601 -6.96 29.79 -3.39
CA ARG B 601 -6.86 29.84 -3.31
C ARG B 601 -7.91 30.93 -3.25
C ARG B 601 -7.95 30.94 -3.28
C ARG B 601 -7.92 30.93 -3.28
N HIS B 602 -7.46 32.18 -3.40
CA HIS B 602 -8.37 33.33 -3.43
C HIS B 602 -9.32 33.17 -4.63
N GLY B 603 -8.83 32.71 -5.78
CA GLY B 603 -9.72 32.49 -6.93
C GLY B 603 -10.67 31.30 -6.72
N LEU B 604 -10.14 30.16 -6.27
CA LEU B 604 -10.97 28.96 -6.03
C LEU B 604 -12.15 29.31 -5.12
N GLU B 605 -11.86 30.10 -4.06
CA GLU B 605 -12.87 30.54 -3.13
C GLU B 605 -13.87 31.46 -3.78
N ALA B 606 -13.41 32.40 -4.64
CA ALA B 606 -14.34 33.30 -5.36
C ALA B 606 -15.32 32.49 -6.25
N HIS B 607 -14.79 31.44 -6.87
CA HIS B 607 -15.62 30.60 -7.76
C HIS B 607 -16.75 29.88 -7.04
N ARG B 608 -16.39 29.14 -5.98
CA ARG B 608 -17.39 28.53 -5.09
C ARG B 608 -18.37 29.53 -4.49
N ARG B 609 -17.86 30.66 -4.04
CA ARG B 609 -18.69 31.69 -3.36
C ARG B 609 -19.78 32.21 -4.31
N ASN B 610 -19.45 32.22 -5.59
CA ASN B 610 -20.37 32.70 -6.62
C ASN B 610 -21.19 31.66 -7.35
N ARG B 611 -21.37 30.51 -6.70
CA ARG B 611 -22.35 29.56 -7.18
C ARG B 611 -23.75 30.17 -6.86
N PRO B 612 -24.73 30.11 -7.80
CA PRO B 612 -24.72 29.30 -9.04
C PRO B 612 -24.35 30.01 -10.34
N TYR B 613 -24.02 31.32 -10.27
CA TYR B 613 -23.55 32.00 -11.47
C TYR B 613 -22.34 31.21 -12.05
N CYS B 614 -21.43 30.86 -11.16
CA CYS B 614 -20.25 30.04 -11.48
C CYS B 614 -20.53 28.63 -11.00
N MET B 615 -20.24 27.67 -11.84
CA MET B 615 -20.53 26.24 -11.50
C MET B 615 -19.33 25.29 -11.52
N GLY B 616 -18.13 25.83 -11.59
CA GLY B 616 -16.95 25.01 -11.41
C GLY B 616 -15.65 25.70 -11.58
N THR B 617 -14.59 25.06 -11.10
CA THR B 617 -13.27 25.61 -11.24
C THR B 617 -12.26 24.47 -11.36
N LEU B 618 -11.51 24.51 -12.48
CA LEU B 618 -10.41 23.60 -12.73
C LEU B 618 -9.18 24.47 -12.95
N TYR B 619 -8.30 24.47 -11.97
CA TYR B 619 -7.10 25.27 -12.13
C TYR B 619 -6.07 24.66 -13.10
N TRP B 620 -5.28 25.54 -13.70
CA TRP B 620 -4.13 25.18 -14.54
C TRP B 620 -2.89 25.35 -13.62
N GLN B 621 -2.19 24.27 -13.26
CA GLN B 621 -2.38 22.84 -13.72
C GLN B 621 -2.09 21.93 -12.50
N LEU B 622 -2.47 20.65 -12.57
CA LEU B 622 -2.29 19.76 -11.44
C LEU B 622 -0.84 19.42 -11.25
N ASN B 623 -0.17 19.07 -12.36
CA ASN B 623 1.07 18.30 -12.28
C ASN B 623 2.15 18.71 -13.26
N ASP B 624 3.32 18.06 -13.13
CA ASP B 624 4.47 18.30 -14.01
C ASP B 624 5.01 17.02 -14.65
N SER B 625 5.53 17.20 -15.88
CA SER B 625 6.16 16.17 -16.67
C SER B 625 7.71 16.08 -16.51
N TRP B 626 8.30 17.06 -15.82
CA TRP B 626 9.74 17.09 -15.56
C TRP B 626 10.04 18.20 -14.52
N PRO B 627 11.29 18.23 -13.92
CA PRO B 627 11.62 19.30 -12.94
C PRO B 627 11.70 20.64 -13.68
N VAL B 628 10.79 21.57 -13.34
CA VAL B 628 10.60 22.80 -14.10
C VAL B 628 9.84 23.83 -13.24
N VAL B 629 9.94 25.11 -13.60
CA VAL B 629 9.08 26.18 -13.05
C VAL B 629 7.74 26.18 -13.82
N SER B 630 6.63 26.03 -13.11
CA SER B 630 5.33 25.88 -13.80
C SER B 630 4.17 26.25 -12.91
N TRP B 631 2.97 26.12 -13.48
CA TRP B 631 1.70 26.43 -12.83
C TRP B 631 1.23 25.28 -11.93
N SER B 632 2.00 24.21 -11.88
CA SER B 632 1.57 23.02 -11.10
C SER B 632 1.36 23.20 -9.59
N SER B 633 0.45 22.39 -9.04
CA SER B 633 0.31 22.30 -7.57
C SER B 633 1.11 21.15 -6.94
N ILE B 634 1.56 20.21 -7.80
CA ILE B 634 2.38 19.08 -7.37
C ILE B 634 3.57 19.02 -8.35
N ASP B 635 4.82 19.10 -7.86
CA ASP B 635 5.97 19.10 -8.76
C ASP B 635 6.21 17.69 -9.35
N TYR B 636 7.18 17.57 -10.24
CA TYR B 636 7.50 16.27 -10.91
C TYR B 636 7.75 15.07 -9.97
N TYR B 637 8.34 15.35 -8.81
CA TYR B 637 8.67 14.33 -7.84
C TYR B 637 7.55 14.05 -6.86
N GLY B 638 6.42 14.70 -7.10
CA GLY B 638 5.22 14.42 -6.27
C GLY B 638 5.10 15.22 -5.00
N ASN B 639 5.97 16.22 -4.87
CA ASN B 639 5.93 17.06 -3.66
C ASN B 639 4.76 18.03 -3.80
N TRP B 640 3.90 18.08 -2.80
CA TRP B 640 2.79 19.05 -2.90
C TRP B 640 3.41 20.45 -2.71
N LYS B 641 3.11 21.37 -3.63
CA LYS B 641 3.40 22.80 -3.38
C LYS B 641 2.38 23.33 -2.38
N ALA B 642 2.57 24.56 -1.90
CA ALA B 642 1.51 25.19 -1.06
C ALA B 642 0.15 25.17 -1.73
N LEU B 643 0.14 25.37 -3.04
CA LEU B 643 -1.11 25.35 -3.78
C LEU B 643 -1.92 24.06 -3.57
N HIS B 644 -1.27 22.92 -3.48
CA HIS B 644 -2.07 21.69 -3.34
C HIS B 644 -2.79 21.64 -2.00
N TYR B 645 -2.10 22.03 -0.92
CA TYR B 645 -2.77 22.09 0.40
C TYR B 645 -3.85 23.14 0.36
N GLN B 646 -3.56 24.26 -0.30
CA GLN B 646 -4.55 25.34 -0.35
C GLN B 646 -5.80 24.92 -1.13
N ALA B 647 -5.60 24.09 -2.14
CA ALA B 647 -6.74 23.66 -2.99
C ALA B 647 -7.54 22.70 -2.11
N LYS B 648 -6.86 21.80 -1.36
CA LYS B 648 -7.56 20.87 -0.44
C LYS B 648 -8.54 21.66 0.49
N ARG B 649 -8.01 22.74 1.06
CA ARG B 649 -8.76 23.61 1.98
C ARG B 649 -9.90 24.33 1.28
N ALA B 650 -9.60 24.93 0.12
CA ALA B 650 -10.61 25.67 -0.68
C ALA B 650 -11.74 24.82 -1.24
N PHE B 651 -11.47 23.50 -1.36
CA PHE B 651 -12.39 22.50 -1.88
C PHE B 651 -13.10 21.69 -0.79
N ALA B 652 -12.83 22.02 0.48
CA ALA B 652 -13.46 21.27 1.58
C ALA B 652 -14.98 21.33 1.44
N PRO B 653 -15.69 20.19 1.67
CA PRO B 653 -17.15 20.12 1.52
C PRO B 653 -17.91 21.28 2.17
N VAL B 654 -17.54 21.66 3.39
CA VAL B 654 -18.11 22.86 4.04
C VAL B 654 -16.99 23.85 4.28
N LEU B 655 -17.14 25.06 3.76
CA LEU B 655 -16.12 26.09 3.84
C LEU B 655 -16.70 27.40 4.41
N ILE B 656 -16.08 27.92 5.46
CA ILE B 656 -16.37 29.30 5.87
C ILE B 656 -15.45 30.21 5.06
N ASN B 657 -16.02 31.16 4.31
CA ASN B 657 -15.23 32.03 3.42
C ASN B 657 -15.45 33.52 3.81
N PRO B 658 -14.56 34.07 4.66
CA PRO B 658 -14.52 35.55 4.92
C PRO B 658 -13.97 36.20 3.68
N ILE B 659 -14.68 37.20 3.15
CA ILE B 659 -14.22 37.95 1.99
C ILE B 659 -14.26 39.45 2.36
N GLN B 660 -13.13 40.11 2.19
CA GLN B 660 -13.00 41.52 2.55
C GLN B 660 -12.78 42.38 1.34
N GLN B 661 -13.69 43.34 1.15
CA GLN B 661 -13.58 44.29 0.05
C GLN B 661 -14.12 45.65 0.54
N ASN B 662 -13.57 46.71 -0.03
CA ASN B 662 -14.01 48.09 0.28
C ASN B 662 -14.10 48.34 1.80
N ASP B 663 -13.09 47.88 2.54
CA ASP B 663 -13.05 48.04 4.01
C ASP B 663 -14.28 47.45 4.77
N SER B 664 -14.85 46.40 4.20
CA SER B 664 -15.93 45.68 4.82
C SER B 664 -15.62 44.18 4.72
N LEU B 665 -16.08 43.44 5.72
CA LEU B 665 -15.97 42.00 5.76
C LEU B 665 -17.34 41.37 5.55
N SER B 666 -17.42 40.36 4.68
CA SER B 666 -18.60 39.52 4.58
C SER B 666 -18.11 38.11 4.87
N VAL B 667 -18.98 37.32 5.51
CA VAL B 667 -18.70 35.88 5.77
C VAL B 667 -19.73 35.05 5.05
N TYR B 668 -19.22 34.20 4.16
CA TYR B 668 -20.04 33.24 3.42
C TYR B 668 -19.85 31.83 3.96
N LEU B 669 -20.94 31.09 4.04
CA LEU B 669 -20.88 29.65 4.35
C LEU B 669 -21.22 28.91 3.05
N ILE B 670 -20.32 28.03 2.64
CA ILE B 670 -20.41 27.36 1.32
C ILE B 670 -20.46 25.86 1.60
N SER B 671 -21.42 25.18 1.00
CA SER B 671 -21.53 23.75 1.24
C SER B 671 -21.80 23.03 -0.05
N ASP B 672 -21.05 21.94 -0.26
CA ASP B 672 -21.26 20.99 -1.35
C ASP B 672 -21.83 19.70 -0.80
N ARG B 673 -22.37 19.73 0.43
CA ARG B 673 -23.06 18.56 1.00
C ARG B 673 -24.44 18.38 0.33
N LEU B 674 -24.88 17.13 0.30
CA LEU B 674 -26.24 16.82 -0.20
C LEU B 674 -27.34 17.10 0.83
N ASP B 675 -26.96 17.24 2.08
CA ASP B 675 -27.91 17.53 3.16
C ASP B 675 -27.78 18.97 3.69
N THR B 676 -28.91 19.54 4.11
CA THR B 676 -28.93 20.86 4.72
C THR B 676 -28.51 20.78 6.20
N MET B 677 -27.82 21.80 6.69
CA MET B 677 -27.43 21.85 8.10
C MET B 677 -28.25 22.93 8.78
N GLU B 678 -28.82 22.58 9.92
CA GLU B 678 -29.82 23.40 10.58
C GLU B 678 -29.37 23.85 11.96
N GLN B 679 -29.85 25.03 12.36
CA GLN B 679 -29.55 25.56 13.68
C GLN B 679 -28.06 25.57 13.96
N MET B 680 -27.28 26.15 13.04
CA MET B 680 -25.83 26.27 13.22
C MET B 680 -25.49 27.64 13.79
N THR B 681 -24.35 27.70 14.44
CA THR B 681 -23.83 28.96 14.97
C THR B 681 -22.47 29.28 14.35
N LEU B 682 -22.32 30.52 13.85
CA LEU B 682 -20.99 31.05 13.46
C LEU B 682 -20.45 31.88 14.61
N GLU B 683 -19.24 31.55 15.04
CA GLU B 683 -18.56 32.19 16.15
C GLU B 683 -17.21 32.75 15.68
N MET B 684 -17.04 34.05 15.86
CA MET B 684 -15.83 34.75 15.43
C MET B 684 -15.15 35.51 16.57
N LYS B 685 -13.83 35.57 16.56
CA LYS B 685 -13.12 36.48 17.49
C LYS B 685 -11.85 37.01 16.90
N VAL B 686 -11.53 38.25 17.23
CA VAL B 686 -10.25 38.86 16.80
C VAL B 686 -9.17 38.51 17.83
N VAL B 687 -8.00 38.13 17.35
CA VAL B 687 -6.92 37.63 18.21
C VAL B 687 -5.63 38.32 17.78
N ASP B 688 -4.93 38.93 18.74
CA ASP B 688 -3.70 39.58 18.35
C ASP B 688 -2.63 38.54 18.11
N PHE B 689 -1.54 38.95 17.49
CA PHE B 689 -0.45 38.03 17.17
C PHE B 689 0.23 37.40 18.40
N ASP B 690 -0.25 37.76 19.60
CA ASP B 690 0.22 37.14 20.85
C ASP B 690 -0.74 36.13 21.45
N GLY B 691 -1.97 36.11 20.96
CA GLY B 691 -2.92 35.08 21.33
C GLY B 691 -4.02 35.67 22.17
N LYS B 692 -3.93 36.97 22.41
CA LYS B 692 -4.89 37.68 23.22
C LYS B 692 -6.10 38.13 22.42
N THR B 693 -7.28 37.81 22.89
CA THR B 693 -8.53 38.19 22.25
C THR B 693 -8.78 39.70 22.38
N LEU B 694 -9.07 40.37 21.26
CA LEU B 694 -9.45 41.78 21.25
C LEU B 694 -10.96 41.87 21.16
N GLY B 695 -11.59 42.39 22.21
CA GLY B 695 -13.05 42.56 22.25
C GLY B 695 -13.76 41.29 22.64
N LYS B 696 -15.08 41.26 22.42
CA LYS B 696 -15.91 40.08 22.71
C LYS B 696 -15.99 39.15 21.48
N LYS B 697 -16.26 37.87 21.72
CA LYS B 697 -16.65 36.95 20.64
C LYS B 697 -17.91 37.48 20.00
N ILE B 698 -18.06 37.24 18.71
CA ILE B 698 -19.23 37.58 17.92
C ILE B 698 -19.90 36.25 17.59
N GLN B 699 -21.18 36.14 17.89
CA GLN B 699 -21.91 34.93 17.62
C GLN B 699 -23.07 35.23 16.71
N VAL B 700 -23.35 34.31 15.78
CA VAL B 700 -24.47 34.44 14.85
C VAL B 700 -25.13 33.08 14.91
N HIS B 701 -26.30 33.02 15.54
CA HIS B 701 -26.99 31.74 15.83
C HIS B 701 -28.11 31.52 14.82
N SER B 702 -28.74 30.34 14.89
CA SER B 702 -29.95 30.01 14.11
C SER B 702 -29.72 30.03 12.58
N LEU B 703 -28.54 29.57 12.19
CA LEU B 703 -28.13 29.60 10.78
C LEU B 703 -28.44 28.28 10.09
N GLU B 704 -28.95 28.39 8.87
CA GLU B 704 -29.18 27.24 8.03
C GLU B 704 -28.11 27.25 6.95
N VAL B 705 -27.57 26.07 6.61
CA VAL B 705 -26.61 25.94 5.49
C VAL B 705 -27.16 24.90 4.51
N PRO B 706 -27.97 25.37 3.55
CA PRO B 706 -28.69 24.50 2.60
C PRO B 706 -27.71 23.73 1.72
N ALA B 707 -28.06 22.49 1.37
CA ALA B 707 -27.22 21.67 0.49
C ALA B 707 -26.82 22.43 -0.77
N ASN B 708 -25.55 22.28 -1.17
CA ASN B 708 -25.10 22.80 -2.49
C ASN B 708 -25.39 24.30 -2.68
N THR B 709 -24.99 25.14 -1.71
CA THR B 709 -25.27 26.57 -1.78
C THR B 709 -24.12 27.33 -1.17
N SER B 710 -23.99 28.61 -1.53
CA SER B 710 -23.08 29.56 -0.92
C SER B 710 -24.00 30.69 -0.44
N LYS B 711 -23.90 31.04 0.83
CA LYS B 711 -24.78 32.06 1.37
C LYS B 711 -24.04 32.99 2.28
N CYS B 712 -24.31 34.29 2.15
CA CYS B 712 -23.77 35.29 3.06
C CYS B 712 -24.54 35.29 4.39
N VAL B 713 -23.83 35.23 5.51
CA VAL B 713 -24.49 35.09 6.84
C VAL B 713 -24.08 36.20 7.82
N TYR B 714 -23.12 37.04 7.39
CA TYR B 714 -22.57 38.12 8.23
C TYR B 714 -21.89 39.19 7.37
N ARG B 715 -22.17 40.47 7.68
CA ARG B 715 -21.52 41.61 7.03
C ARG B 715 -21.21 42.69 8.09
N ALA B 716 -19.98 43.21 8.11
CA ALA B 716 -19.61 44.33 9.00
C ALA B 716 -18.52 45.20 8.37
N LYS B 717 -18.69 46.53 8.42
CA LYS B 717 -17.58 47.41 8.03
C LYS B 717 -16.49 47.32 9.08
N LEU B 718 -15.25 47.54 8.67
CA LEU B 718 -14.13 47.53 9.59
C LEU B 718 -14.05 48.84 10.39
N ASP B 719 -14.57 49.93 9.82
CA ASP B 719 -14.55 51.25 10.49
C ASP B 719 -15.43 51.29 11.73
N GLY B 720 -14.79 51.51 12.88
CA GLY B 720 -15.46 51.55 14.19
C GLY B 720 -15.45 50.18 14.82
N TRP B 721 -14.86 49.22 14.10
CA TRP B 721 -14.68 47.90 14.62
C TRP B 721 -13.18 47.69 14.87
N LEU B 722 -12.39 47.88 13.82
CA LEU B 722 -10.95 47.67 13.93
C LEU B 722 -10.19 48.88 13.45
N THR B 723 -9.15 49.24 14.18
CA THR B 723 -8.28 50.32 13.75
C THR B 723 -7.27 49.82 12.71
N PRO B 724 -6.77 50.71 11.84
CA PRO B 724 -5.75 50.33 10.87
C PRO B 724 -4.56 49.64 11.55
N GLU B 725 -4.23 50.08 12.77
CA GLU B 725 -3.26 49.44 13.63
C GLU B 725 -3.62 47.98 13.96
N ASP B 726 -4.81 47.79 14.51
CA ASP B 726 -5.37 46.45 14.79
C ASP B 726 -5.31 45.54 13.57
N CYS B 727 -5.60 46.10 12.39
CA CYS B 727 -5.59 45.31 11.14
C CYS B 727 -4.22 44.78 10.75
N ARG B 728 -3.16 45.40 11.24
CA ARG B 728 -1.79 44.94 10.95
C ARG B 728 -1.28 43.97 12.03
N ARG B 729 -2.08 43.75 13.07
CA ARG B 729 -1.56 43.11 14.28
C ARG B 729 -2.49 42.07 14.89
N SER B 730 -3.57 41.73 14.18
CA SER B 730 -4.46 40.69 14.63
C SER B 730 -5.03 39.92 13.41
N PHE B 731 -5.81 38.89 13.70
CA PHE B 731 -6.48 38.06 12.68
C PHE B 731 -7.86 37.69 13.24
N LEU B 732 -8.76 37.23 12.39
CA LEU B 732 -10.07 36.78 12.81
C LEU B 732 -10.09 35.26 12.80
N LYS B 733 -10.45 34.65 13.93
CA LYS B 733 -10.71 33.20 14.02
C LYS B 733 -12.21 33.01 13.82
N LEU B 734 -12.58 32.07 12.94
CA LEU B 734 -13.94 31.81 12.64
C LEU B 734 -14.20 30.30 12.82
N ILE B 735 -15.27 29.96 13.55
CA ILE B 735 -15.68 28.54 13.62
C ILE B 735 -17.16 28.42 13.32
N LEU B 736 -17.56 27.28 12.77
CA LEU B 736 -18.96 26.99 12.53
C LEU B 736 -19.28 25.75 13.34
N LYS B 737 -20.32 25.85 14.17
CA LYS B 737 -20.72 24.76 15.09
C LYS B 737 -22.16 24.32 14.90
N ASP B 738 -22.44 23.05 15.15
CA ASP B 738 -23.83 22.56 15.12
C ASP B 738 -24.53 22.94 16.45
N LYS B 739 -25.82 22.60 16.57
CA LYS B 739 -26.62 22.83 17.81
C LYS B 739 -25.99 22.25 19.07
N SER B 740 -25.21 21.18 18.94
CA SER B 740 -24.55 20.61 20.12
C SER B 740 -23.23 21.27 20.47
N GLY B 741 -22.74 22.20 19.65
CA GLY B 741 -21.42 22.80 19.92
C GLY B 741 -20.22 22.10 19.26
N HIS B 742 -20.49 21.08 18.45
CA HIS B 742 -19.45 20.38 17.69
C HIS B 742 -19.03 21.25 16.49
N GLN B 743 -17.73 21.48 16.37
CA GLN B 743 -17.17 22.27 15.25
C GLN B 743 -17.22 21.50 13.92
N VAL B 744 -17.75 22.15 12.91
CA VAL B 744 -17.97 21.59 11.59
C VAL B 744 -16.93 22.15 10.60
N ALA B 745 -16.44 23.37 10.86
CA ALA B 745 -15.47 24.05 9.98
C ALA B 745 -14.78 25.13 10.77
N GLU B 746 -13.58 25.52 10.32
CA GLU B 746 -12.92 26.68 10.89
C GLU B 746 -12.16 27.43 9.81
N SER B 747 -11.89 28.72 10.05
CA SER B 747 -11.12 29.54 9.12
CA SER B 747 -11.11 29.54 9.11
C SER B 747 -10.37 30.63 9.86
N VAL B 748 -9.36 31.19 9.21
CA VAL B 748 -8.59 32.33 9.71
C VAL B 748 -8.62 33.40 8.62
N HIS B 749 -8.80 34.66 9.03
CA HIS B 749 -8.80 35.76 8.09
C HIS B 749 -7.83 36.86 8.58
N PHE B 750 -6.93 37.28 7.69
CA PHE B 750 -6.06 38.45 7.93
C PHE B 750 -6.66 39.66 7.23
N PHE B 751 -6.52 40.84 7.84
CA PHE B 751 -7.17 42.06 7.35
C PHE B 751 -6.30 42.91 6.43
N ARG B 752 -5.05 42.51 6.28
CA ARG B 752 -4.08 43.23 5.49
C ARG B 752 -3.22 42.25 4.68
N LYS B 753 -2.55 42.77 3.66
CA LYS B 753 -1.58 42.01 2.88
C LYS B 753 -0.48 41.52 3.79
N THR B 754 0.12 40.37 3.48
CA THR B 754 1.17 39.84 4.36
C THR B 754 2.36 40.81 4.55
N LYS B 755 2.79 41.49 3.49
CA LYS B 755 3.85 42.52 3.61
C LYS B 755 3.50 43.64 4.60
N ASP B 756 2.22 43.84 4.88
CA ASP B 756 1.77 44.96 5.73
C ASP B 756 1.50 44.52 7.20
N LEU B 757 1.63 43.20 7.44
CA LEU B 757 1.45 42.65 8.78
C LEU B 757 2.66 42.91 9.64
N GLN B 758 2.42 43.20 10.91
CA GLN B 758 3.53 43.35 11.82
C GLN B 758 3.83 42.03 12.47
N LEU B 759 4.54 41.16 11.73
CA LEU B 759 4.76 39.79 12.19
C LEU B 759 5.80 39.78 13.29
N PRO B 760 5.55 39.04 14.37
CA PRO B 760 6.50 39.04 15.51
C PRO B 760 7.67 38.12 15.23
N PRO B 761 8.83 38.32 15.94
CA PRO B 761 10.05 37.48 15.85
C PRO B 761 9.81 36.20 16.65
N THR B 762 8.83 35.43 16.20
CA THR B 762 8.31 34.28 16.96
C THR B 762 9.36 33.19 17.14
N SER B 763 9.21 32.42 18.21
CA SER B 763 10.08 31.27 18.49
C SER B 763 9.25 30.01 18.15
N VAL B 764 9.69 29.25 17.14
CA VAL B 764 8.95 28.04 16.77
C VAL B 764 9.67 26.81 17.29
N SER B 765 9.04 26.12 18.22
CA SER B 765 9.64 24.91 18.75
C SER B 765 8.86 23.66 18.31
N TYR B 766 9.54 22.52 18.32
CA TYR B 766 8.88 21.24 17.98
C TYR B 766 9.55 20.03 18.63
N GLN B 767 8.73 19.07 19.05
CA GLN B 767 9.21 17.76 19.48
C GLN B 767 8.95 16.77 18.33
N MET B 768 9.90 15.87 18.11
CA MET B 768 9.87 14.94 16.98
C MET B 768 9.88 13.53 17.54
N LYS B 769 8.88 12.73 17.13
CA LYS B 769 8.77 11.31 17.52
C LYS B 769 8.86 10.53 16.22
N GLN B 770 10.01 9.91 16.04
CA GLN B 770 10.36 9.19 14.82
C GLN B 770 10.27 7.67 14.97
N THR B 771 9.62 7.06 14.00
CA THR B 771 9.40 5.62 13.94
C THR B 771 9.75 5.24 12.50
N ASP B 772 9.95 3.95 12.25
N ASP B 772 10.12 4.00 12.21
CA ASP B 772 10.12 3.42 10.88
CA ASP B 772 10.46 3.72 10.82
C ASP B 772 8.99 3.89 9.98
C ASP B 772 9.18 3.82 9.96
N GLY B 773 9.32 4.53 8.85
CA GLY B 773 8.24 5.01 7.96
C GLY B 773 7.50 6.31 8.33
N LYS B 774 7.82 6.91 9.49
CA LYS B 774 6.99 7.98 10.03
C LYS B 774 7.72 8.89 11.02
N CYS B 775 7.44 10.19 10.90
CA CYS B 775 7.87 11.20 11.85
CA CYS B 775 7.88 11.18 11.84
C CYS B 775 6.65 11.97 12.31
N GLU B 776 6.44 12.04 13.62
CA GLU B 776 5.32 12.80 14.21
C GLU B 776 5.94 14.05 14.83
N LEU B 777 5.49 15.23 14.40
CA LEU B 777 5.99 16.50 14.94
C LEU B 777 4.90 17.17 15.69
N THR B 778 5.25 17.78 16.82
CA THR B 778 4.34 18.69 17.50
C THR B 778 4.99 20.06 17.51
N LEU B 779 4.27 21.04 16.96
CA LEU B 779 4.83 22.36 16.80
C LEU B 779 4.19 23.28 17.78
N PHE B 780 4.97 24.18 18.33
CA PHE B 780 4.37 25.17 19.19
C PHE B 780 5.03 26.51 18.98
N SER B 781 4.23 27.56 19.05
CA SER B 781 4.75 28.93 19.11
C SER B 781 3.80 29.79 19.97
N SER B 782 4.34 30.53 20.94
CA SER B 782 3.54 31.49 21.71
C SER B 782 3.05 32.66 20.86
N MET B 783 3.66 32.90 19.69
CA MET B 783 3.23 33.98 18.81
CA MET B 783 3.26 33.99 18.79
C MET B 783 2.88 33.45 17.42
N LEU B 784 2.11 34.23 16.65
CA LEU B 784 1.79 33.86 15.26
C LEU B 784 3.05 33.56 14.44
N ALA B 785 3.08 32.41 13.72
CA ALA B 785 4.08 32.16 12.69
C ALA B 785 3.32 31.99 11.35
N LYS B 786 3.66 32.84 10.38
CA LYS B 786 2.92 32.97 9.13
C LYS B 786 3.41 31.98 8.04
N ASP B 787 2.45 31.21 7.53
CA ASP B 787 2.67 30.33 6.39
C ASP B 787 3.83 29.35 6.59
N ILE B 788 3.75 28.57 7.65
CA ILE B 788 4.85 27.67 8.01
C ILE B 788 5.06 26.66 6.88
N PHE B 789 6.33 26.44 6.52
CA PHE B 789 6.77 25.39 5.62
C PHE B 789 7.74 24.47 6.34
N ILE B 790 7.29 23.23 6.58
CA ILE B 790 8.15 22.17 7.11
C ILE B 790 8.86 21.51 5.94
N GLU B 791 10.14 21.81 5.83
CA GLU B 791 10.93 21.37 4.71
C GLU B 791 11.82 20.19 5.10
N THR B 792 11.70 19.09 4.35
CA THR B 792 12.58 17.92 4.57
C THR B 792 13.32 17.58 3.27
N PRO B 793 14.46 16.85 3.35
CA PRO B 793 15.16 16.60 2.10
C PRO B 793 14.65 15.37 1.33
N LEU B 794 13.71 14.61 1.90
CA LEU B 794 13.25 13.41 1.23
C LEU B 794 12.30 13.72 0.09
N GLN B 795 12.73 13.48 -1.15
CA GLN B 795 11.78 13.52 -2.30
C GLN B 795 10.47 12.75 -2.05
N GLY B 796 9.35 13.39 -2.35
CA GLY B 796 8.02 12.79 -2.25
C GLY B 796 7.52 12.45 -0.86
N ALA B 797 8.19 12.96 0.19
CA ALA B 797 7.65 12.76 1.53
C ALA B 797 6.27 13.38 1.56
N ARG B 798 5.35 12.74 2.26
CA ARG B 798 3.96 13.15 2.40
C ARG B 798 3.70 13.75 3.79
N TYR B 799 2.94 14.84 3.85
CA TYR B 799 2.69 15.53 5.14
C TYR B 799 1.21 15.53 5.47
N SER B 800 0.84 15.29 6.74
CA SER B 800 -0.54 15.45 7.12
C SER B 800 -1.01 16.87 6.80
N ASP B 801 -0.10 17.84 6.96
CA ASP B 801 -0.37 19.26 6.62
C ASP B 801 0.95 19.99 6.45
N ASN B 802 0.88 21.09 5.72
CA ASN B 802 2.01 21.93 5.47
C ASN B 802 1.52 23.27 4.95
N PHE B 803 2.39 24.29 4.95
CA PHE B 803 2.00 25.62 4.42
C PHE B 803 0.77 26.17 5.13
N PHE B 804 0.81 26.16 6.48
CA PHE B 804 -0.28 26.63 7.31
C PHE B 804 0.22 27.73 8.27
N ASP B 805 -0.71 28.58 8.73
CA ASP B 805 -0.35 29.49 9.85
C ASP B 805 -0.32 28.75 11.17
N LEU B 806 0.71 29.01 11.97
CA LEU B 806 0.75 28.47 13.33
C LEU B 806 0.27 29.58 14.27
N LEU B 807 -0.89 29.38 14.89
CA LEU B 807 -1.55 30.46 15.65
C LEU B 807 -0.88 30.56 17.01
N PRO B 808 -0.87 31.77 17.62
CA PRO B 808 -0.28 31.89 18.97
C PRO B 808 -0.85 30.90 19.99
N GLY B 809 0.03 30.11 20.61
CA GLY B 809 -0.42 29.20 21.68
C GLY B 809 -1.22 27.96 21.29
N GLU B 810 -1.37 27.70 19.99
CA GLU B 810 -2.17 26.56 19.56
C GLU B 810 -1.25 25.50 18.96
N ARG B 811 -1.05 24.40 19.70
CA ARG B 811 -0.16 23.32 19.29
CA ARG B 811 -0.16 23.32 19.30
C ARG B 811 -0.65 22.63 18.02
N LYS B 812 0.29 22.16 17.21
CA LYS B 812 0.00 21.56 15.88
C LYS B 812 0.82 20.29 15.69
N LYS B 813 0.14 19.15 15.52
CA LYS B 813 0.85 17.92 15.22
C LYS B 813 0.86 17.71 13.69
N VAL B 814 2.03 17.38 13.15
CA VAL B 814 2.16 17.07 11.73
C VAL B 814 2.75 15.66 11.58
N ILE B 815 2.14 14.80 10.77
CA ILE B 815 2.82 13.52 10.51
C ILE B 815 3.48 13.58 9.11
N ILE B 816 4.72 13.10 9.01
CA ILE B 816 5.46 13.02 7.75
C ILE B 816 5.77 11.55 7.46
N THR B 817 5.31 11.06 6.32
CA THR B 817 5.60 9.67 5.98
C THR B 817 6.51 9.59 4.78
N SER B 818 7.33 8.55 4.80
CA SER B 818 8.17 8.21 3.66
C SER B 818 8.82 6.85 3.96
N PRO B 819 8.82 5.95 2.96
CA PRO B 819 9.49 4.65 3.15
C PRO B 819 10.97 4.85 3.45
N ARG B 820 11.50 6.03 3.10
CA ARG B 820 12.88 6.40 3.39
C ARG B 820 13.09 6.92 4.86
N ILE B 821 12.02 7.10 5.63
CA ILE B 821 12.17 7.35 7.09
C ILE B 821 12.46 6.05 7.83
N LYS B 822 13.67 5.98 8.39
CA LYS B 822 14.11 4.87 9.25
C LYS B 822 14.72 5.37 10.57
N LYS B 823 14.16 4.88 11.69
CA LYS B 823 14.54 5.24 13.05
C LYS B 823 16.04 5.15 13.31
N GLY B 824 16.53 6.07 14.15
CA GLY B 824 17.96 6.14 14.44
C GLY B 824 18.77 6.81 13.35
N GLU B 825 18.13 7.12 12.21
CA GLU B 825 18.71 8.10 11.30
C GLU B 825 17.75 9.30 11.30
N GLU B 826 18.18 10.40 11.94
CA GLU B 826 17.26 11.51 12.20
C GLU B 826 16.97 12.28 10.93
N LEU B 827 15.68 12.53 10.70
CA LEU B 827 15.24 13.31 9.55
C LEU B 827 15.49 14.81 9.78
N PRO B 828 16.31 15.43 8.90
CA PRO B 828 16.47 16.87 8.85
C PRO B 828 15.13 17.59 8.61
N VAL B 829 14.85 18.59 9.45
CA VAL B 829 13.62 19.38 9.39
C VAL B 829 14.05 20.86 9.45
N ASN B 830 13.59 21.65 8.47
CA ASN B 830 13.89 23.08 8.36
C ASN B 830 12.55 23.76 8.30
N ILE B 831 12.18 24.49 9.36
CA ILE B 831 10.89 25.18 9.41
C ILE B 831 11.06 26.63 8.97
N LYS B 832 10.36 27.04 7.92
CA LYS B 832 10.47 28.39 7.41
C LYS B 832 9.14 29.07 7.69
N HIS B 833 9.19 30.38 7.95
CA HIS B 833 7.98 31.20 7.98
C HIS B 833 8.33 32.62 7.56
N ILE B 834 7.29 33.39 7.27
CA ILE B 834 7.39 34.59 6.44
C ILE B 834 8.32 35.63 7.16
N ARG B 835 8.09 35.82 8.46
CA ARG B 835 8.99 36.74 9.26
C ARG B 835 10.48 36.51 8.99
N GLU B 836 10.90 35.24 8.82
CA GLU B 836 12.30 34.93 8.66
C GLU B 836 12.90 35.35 7.35
N THR B 837 12.08 35.81 6.41
CA THR B 837 12.56 36.03 5.07
C THR B 837 12.98 37.47 4.75
N TYR B 838 12.93 38.34 5.76
CA TYR B 838 13.32 39.71 5.51
C TYR B 838 14.02 40.32 6.76
N LYS B 839 14.82 41.34 6.46
CA LYS B 839 15.58 42.09 7.45
C LYS B 839 14.99 43.49 7.51
N GLU B 840 14.58 43.91 8.69
CA GLU B 840 14.13 45.28 8.85
C GLU B 840 15.31 46.19 9.20
N HIS B 841 15.21 47.43 8.72
CA HIS B 841 16.20 48.48 8.98
C HIS B 841 15.65 49.53 9.93
N HIS B 842 16.54 50.33 10.51
CA HIS B 842 16.14 51.50 11.33
C HIS B 842 15.22 52.46 10.53
C8 17B C . 13.03 -28.35 23.87
C2 17B C . 9.59 -23.66 21.80
C3 17B C . 10.23 -22.35 22.37
C4 17B C . 11.78 -22.29 22.16
C5 17B C . 12.22 -23.22 21.00
C6 17B C . 13.72 -23.22 20.65
O2 17B C . 8.37 -24.16 22.34
O3 17B C . 9.91 -22.30 23.76
O4 17B C . 12.22 -20.95 21.95
N5 17B C . 11.81 -24.57 21.31
O6 17B C . 14.44 -23.88 21.70
N1 17B C . 13.60 -29.25 26.13
C7 17B C . 14.03 -28.35 25.04
C10 17B C . 11.21 -27.14 22.56
C9 17B C . 12.11 -27.12 23.81
N2 17B C . 10.34 -25.98 22.43
C1 17B C . 10.65 -24.81 21.87
C1 EDO D . 11.84 -9.80 12.12
O1 EDO D . 12.28 -11.17 12.28
C2 EDO D . 10.47 -9.58 12.79
O2 EDO D . 10.59 -10.02 14.13
C1 EDO E . 6.82 -36.62 15.15
O1 EDO E . 7.33 -35.88 14.02
C2 EDO E . 8.09 -36.97 15.92
O2 EDO E . 8.41 -35.93 16.86
C1 EDO F . -15.89 -13.21 12.05
O1 EDO F . -14.87 -12.34 11.51
C2 EDO F . -15.21 -14.48 12.56
O2 EDO F . -14.63 -14.20 13.85
C1 EDO G . -15.73 -18.80 15.06
O1 EDO G . -14.65 -19.42 14.27
C2 EDO G . -17.10 -19.44 14.75
O2 EDO G . -17.38 -19.34 13.33
C1 EDO H . 34.35 -21.13 10.71
O1 EDO H . 34.82 -22.48 10.75
C2 EDO H . 35.27 -20.18 11.45
O2 EDO H . 35.28 -20.60 12.82
C1 EDO I . -6.91 -32.89 23.18
O1 EDO I . -7.77 -34.02 22.89
C2 EDO I . -6.29 -33.10 24.57
O2 EDO I . -7.33 -33.11 25.54
C1 EDO J . 18.71 -32.75 -2.85
O1 EDO J . 18.22 -32.08 -4.02
C2 EDO J . 18.33 -31.96 -1.62
O2 EDO J . 19.06 -30.74 -1.62
C1 EDO K . 11.64 -7.68 -4.48
O1 EDO K . 10.26 -7.98 -4.20
C2 EDO K . 11.74 -7.66 -5.99
O2 EDO K . 10.83 -8.64 -6.47
C1 EDO L . -11.92 -7.08 12.97
O1 EDO L . -12.20 -5.63 12.93
C2 EDO L . -12.51 -7.85 14.16
O2 EDO L . -12.19 -7.23 15.45
C1 EDO M . 15.67 9.55 34.39
O1 EDO M . 15.04 10.79 34.72
C2 EDO M . 17.07 9.53 34.99
O2 EDO M . 17.60 8.19 34.91
BR BR N . -17.84 9.21 33.86
BR BR O . -30.36 -5.43 29.76
BR BR P . -9.40 -29.01 28.48
CL CL Q . 10.08 -28.60 46.79
C1 EDO R . -0.90 -32.16 0.03
O1 EDO R . -2.18 -31.58 -0.24
C2 EDO R . -0.21 -31.45 1.19
O2 EDO R . 0.05 -30.06 0.85
BR BR S . -3.68 -22.75 1.69
C1 EDO T . -8.50 -36.04 6.99
O1 EDO T . -8.13 -35.18 5.88
C2 EDO T . -7.26 -36.24 7.85
O2 EDO T . -7.42 -37.23 8.89
BR BR U . 19.84 -43.05 -1.23
C1 EDO V . -13.47 -7.66 29.50
O1 EDO V . -13.55 -7.14 28.17
C2 EDO V . -12.44 -6.94 30.34
O2 EDO V . -12.80 -5.56 30.54
C1 EDO W . 16.83 36.88 -5.92
O1 EDO W . 16.75 35.86 -4.92
C2 EDO W . 16.01 38.06 -5.46
O2 EDO W . 14.93 37.56 -4.66
CL CL X . 15.66 -36.60 -1.27
C1 EDO Y . 12.83 -37.08 24.66
O1 EDO Y . 13.86 -38.04 24.99
C2 EDO Y . 12.77 -36.01 25.74
O2 EDO Y . 11.49 -35.37 25.65
C1 EDO Z . -0.23 0.19 19.91
O1 EDO Z . -1.26 0.80 19.10
C2 EDO Z . -0.76 -1.14 20.45
O2 EDO Z . -1.97 -1.43 19.82
CL CL AA . 19.16 -25.30 22.47
BR BR BA . -16.58 3.89 32.16
CL CL CA . -10.17 -37.02 21.42
C1 EDO DA . -26.14 -10.28 24.18
O1 EDO DA . -27.03 -10.90 25.12
C2 EDO DA . -25.80 -8.86 24.60
O2 EDO DA . -24.73 -8.83 25.56
C1 EDO EA . 20.86 -35.78 -0.74
O1 EDO EA . 21.65 -36.98 -0.62
C2 EDO EA . 19.93 -35.97 -1.94
O2 EDO EA . 18.87 -36.89 -1.65
C1 EDO FA . 25.60 -10.89 28.09
O1 EDO FA . 25.90 -12.29 28.05
C2 EDO FA . 26.59 -10.17 29.03
O2 EDO FA . 26.61 -8.77 28.70
C1 EDO GA . 3.25 -23.42 -24.74
O1 EDO GA . 4.67 -23.49 -24.68
C2 EDO GA . 2.76 -24.59 -25.58
O2 EDO GA . 1.47 -24.30 -26.14
CL CL HA . 23.50 -32.26 1.34
C1 EDO IA . -14.16 -26.92 31.63
O1 EDO IA . -14.89 -26.20 30.61
C2 EDO IA . -15.06 -27.19 32.82
O2 EDO IA . -14.35 -26.99 34.06
C8 17B JA . -2.47 31.78 -23.10
C2 17B JA . -3.32 26.05 -21.42
C3 17B JA . -2.01 25.31 -21.77
C4 17B JA . -0.77 26.08 -21.27
C5 17B JA . -1.10 27.05 -20.08
C6 17B JA . 0.04 27.80 -19.38
O2 17B JA . -4.44 25.83 -22.26
O3 17B JA . -1.94 25.13 -23.19
O4 17B JA . 0.25 25.16 -20.91
N5 17B JA . -2.10 28.00 -20.52
O6 17B JA . 0.53 28.80 -20.31
N1 17B JA . -1.22 32.66 -25.02
C7 17B JA . -1.12 32.28 -23.62
C10 17B JA . -3.64 29.89 -21.98
C9 17B JA . -2.49 30.26 -22.91
N2 17B JA . -3.89 28.44 -21.97
C1 17B JA . -3.09 27.60 -21.32
C1 EDO KA . -13.86 35.03 -16.55
O1 EDO KA . -13.35 34.54 -15.31
C2 EDO KA . -12.80 36.09 -16.94
O2 EDO KA . -11.76 35.50 -17.71
C1 EDO LA . -20.48 25.70 -28.51
O1 EDO LA . -21.08 25.07 -29.67
C2 EDO LA . -21.16 25.19 -27.23
O2 EDO LA . -22.41 25.85 -27.05
C1 EDO MA . 1.28 -2.98 -45.18
O1 EDO MA . 1.38 -2.05 -46.29
C2 EDO MA . -0.13 -3.17 -44.65
O2 EDO MA . -0.96 -3.88 -45.58
C1 EDO NA . 20.27 -1.80 -39.21
O1 EDO NA . 20.19 -0.53 -39.88
C2 EDO NA . 20.33 -1.61 -37.70
O2 EDO NA . 21.25 -0.56 -37.37
C1 EDO OA . -22.74 8.06 -20.31
O1 EDO OA . -22.54 9.16 -19.41
C2 EDO OA . -24.26 7.90 -20.57
O2 EDO OA . -25.06 7.65 -19.38
C1 EDO PA . 2.85 14.04 -11.41
O1 EDO PA . 3.08 14.46 -12.78
C2 EDO PA . 3.64 14.90 -10.45
O2 EDO PA . 3.52 16.32 -10.71
C1 EDO QA . -13.28 31.67 -28.86
O1 EDO QA . -14.22 32.80 -29.03
C2 EDO QA . -12.79 31.43 -27.43
O2 EDO QA . -11.98 32.50 -26.84
C1 EDO RA . -20.04 26.01 -4.17
O1 EDO RA . -19.17 24.83 -3.97
C2 EDO RA . -21.27 26.03 -3.22
O2 EDO RA . -21.99 24.79 -3.16
C1 EDO SA . -20.91 4.51 -17.86
O1 EDO SA . -20.03 4.61 -19.01
C2 EDO SA . -20.87 3.10 -17.29
O2 EDO SA . -19.79 2.93 -16.34
C1 EDO TA . -7.32 41.95 2.46
O1 EDO TA . -5.88 41.95 2.44
C2 EDO TA . -7.89 40.65 3.04
O2 EDO TA . -6.97 39.54 2.97
C1 EDO UA . 22.42 0.88 -30.48
O1 EDO UA . 22.62 1.12 -31.90
C2 EDO UA . 22.10 2.21 -29.82
O2 EDO UA . 22.99 3.19 -30.37
C1 EDO VA . 0.64 11.06 4.64
O1 EDO VA . -0.77 11.17 4.88
C2 EDO VA . 1.35 11.80 5.76
O2 EDO VA . 0.53 11.77 6.94
C1 EDO WA . -14.81 0.36 -18.11
O1 EDO WA . -14.00 0.08 -19.29
C2 EDO WA . -14.11 -0.03 -16.79
O2 EDO WA . -13.79 -1.43 -16.63
CL CL XA . -7.99 -10.24 -36.23
BR BR YA . -10.39 46.10 2.07
BR BR ZA . -5.65 -15.30 -37.65
C1 EDO AB . -9.12 49.90 8.91
O1 EDO AB . -9.62 49.92 7.56
C2 EDO AB . -9.97 50.84 9.76
O2 EDO AB . -11.24 51.02 9.13
C1 EDO BB . -27.91 26.89 -12.81
O1 EDO BB . -27.25 27.87 -13.61
C2 EDO BB . -26.85 26.25 -11.92
O2 EDO BB . -27.49 25.57 -10.83
C1 EDO CB . -29.07 7.56 -20.44
O1 EDO CB . -27.71 7.21 -20.69
C2 EDO CB . -29.40 7.17 -19.00
O2 EDO CB . -29.98 8.31 -18.39
CL CL DB . -18.62 16.86 -4.77
C1 EDO EB . 9.28 10.93 -10.88
O1 EDO EB . 8.32 10.88 -9.82
C2 EDO EB . 10.53 10.16 -10.48
O2 EDO EB . 10.72 10.40 -9.07
CL CL FB . -24.91 11.56 -6.56
C1 EDO GB . -11.53 1.17 -33.52
O1 EDO GB . -10.34 0.48 -33.88
C2 EDO GB . -12.25 0.36 -32.46
O2 EDO GB . -11.40 0.06 -31.37
C1 EDO HB . 1.18 2.61 -16.63
O1 EDO HB . 2.55 2.27 -16.78
C2 EDO HB . 0.40 1.37 -16.29
O2 EDO HB . 0.69 1.07 -14.93
C1 EDO IB . -1.84 46.16 -10.57
O1 EDO IB . -2.01 45.49 -11.83
C2 EDO IB . -2.24 45.23 -9.44
O2 EDO IB . -1.77 45.66 -8.14
C1 EDO JB . -5.01 35.37 3.23
O1 EDO JB . -4.53 35.79 1.93
C2 EDO JB . -6.37 35.96 3.55
O2 EDO JB . -6.63 35.92 4.97
C1 EDO KB . 7.95 5.67 -44.46
O1 EDO KB . 6.54 5.82 -44.35
C2 EDO KB . 8.32 4.31 -45.03
O2 EDO KB . 7.37 3.93 -46.01
CL CL LB . 7.11 -23.15 -12.81
CL CL MB . -11.40 -1.37 -22.63
C1 EDO NB . -24.07 -8.07 -38.70
O1 EDO NB . -22.81 -8.37 -39.31
C2 EDO NB . -24.80 -9.36 -38.37
O2 EDO NB . -24.81 -9.58 -36.96
CL CL OB . -20.08 21.11 -32.58
C1 EDO PB . -4.71 -7.69 -24.64
O1 EDO PB . -4.19 -8.89 -25.25
C2 EDO PB . -4.32 -6.53 -25.54
O2 EDO PB . -5.09 -5.38 -25.21
C1 EDO QB . 8.55 -13.36 -25.36
O1 EDO QB . 9.50 -12.95 -26.34
C2 EDO QB . 8.40 -12.17 -24.42
O2 EDO QB . 7.85 -12.64 -23.18
C1 EDO RB . 16.69 10.05 7.29
O1 EDO RB . 17.71 10.15 6.28
C2 EDO RB . 16.40 8.57 7.52
O2 EDO RB . 15.41 8.35 8.54
C1 EDO SB . -3.39 45.25 -14.57
O1 EDO SB . -3.18 44.05 -15.32
C2 EDO SB . -4.60 45.10 -13.64
O2 EDO SB . -5.80 44.92 -14.40
C1 EDO TB . -23.18 -4.37 -31.90
O1 EDO TB . -22.61 -3.27 -32.62
C2 EDO TB . -24.65 -4.08 -31.70
O2 EDO TB . -25.03 -4.87 -30.58
C1 EDO UB . 1.35 15.15 0.85
O1 EDO UB . 2.28 16.09 1.40
C2 EDO UB . 0.01 15.28 1.55
O2 EDO UB . -0.12 14.16 2.43
#